data_8SM8
#
_entry.id   8SM8
#
_cell.length_a   63.930
_cell.length_b   154.820
_cell.length_c   74.950
_cell.angle_alpha   90.000
_cell.angle_beta   104.930
_cell.angle_gamma   90.000
#
_symmetry.space_group_name_H-M   'P 1 21 1'
#
loop_
_entity.id
_entity.type
_entity.pdbx_description
1 polymer 'Putative amidohydrolase'
2 non-polymer 'FE (III) ION'
3 non-polymer 'SULFATE ION'
4 non-polymer 'MAGNESIUM ION'
5 water water
#
_entity_poly.entity_id   1
_entity_poly.type   'polypeptide(L)'
_entity_poly.pdbx_seq_one_letter_code
;MGSSHHHHHHSSGLVPRGSHMGENLYFQSGGMHIIDTDVHESFASLKDLVPYLPEPYKSWIGNGAWRGFSQPFAYTSPGN
GNRADVKSADGSASVSDYNLMRSQLLDPYKLSYAVLTGYFYPTGLKLQYGLGSALASAYNDYVLEHWISKDKRFLGSVQI
NARDPEAAAREIDRMAAHPQIRQVMLPVVDDIAYGHPMYRPIFAAAERNKLMVAFHHTTFAQGPYGMGLHYMERHCLIPI
SLMPQVISLIANGVFDSYPNLRFMVLEGGFSWLPHVMWRMDREYRQGRVEVPWIKKLPSQHCRERLRLSTQPTEDISGED
WGKLIDLMGTDDILVFSTDYPHFDFDDPNAAIPKSLSSGTRDKILWKNAADFYGLDVRESTIPNQAAE
;
_entity_poly.pdbx_strand_id   G,A,D,J
#
loop_
_chem_comp.id
_chem_comp.type
_chem_comp.name
_chem_comp.formula
FE non-polymer 'FE (III) ION' 'Fe 3'
MG non-polymer 'MAGNESIUM ION' 'Mg 2'
SO4 non-polymer 'SULFATE ION' 'O4 S -2'
#
# COMPACT_ATOMS: atom_id res chain seq x y z
N HIS A 33 -4.38 21.97 -40.63
CA HIS A 33 -4.91 22.06 -39.27
C HIS A 33 -4.45 20.90 -38.37
N ILE A 34 -3.66 21.24 -37.35
CA ILE A 34 -3.19 20.29 -36.35
C ILE A 34 -3.24 20.98 -34.99
N ILE A 35 -3.89 20.34 -34.02
CA ILE A 35 -3.82 20.74 -32.61
C ILE A 35 -3.05 19.65 -31.87
N ASP A 36 -2.10 20.05 -31.03
CA ASP A 36 -1.24 19.13 -30.29
C ASP A 36 -1.72 19.12 -28.84
N THR A 37 -2.33 18.01 -28.39
CA THR A 37 -2.93 18.00 -27.05
C THR A 37 -1.97 17.62 -25.91
N ASP A 38 -0.69 17.35 -26.17
CA ASP A 38 0.21 16.95 -25.07
C ASP A 38 1.61 17.48 -25.35
N VAL A 39 2.01 18.54 -24.64
CA VAL A 39 3.32 19.16 -24.76
C VAL A 39 3.83 19.48 -23.36
N HIS A 40 5.05 19.04 -23.03
CA HIS A 40 5.58 19.11 -21.66
C HIS A 40 6.64 20.19 -21.45
N GLU A 41 6.19 21.40 -21.09
CA GLU A 41 7.03 22.53 -20.72
C GLU A 41 7.39 22.47 -19.23
N SER A 42 8.44 23.20 -18.84
CA SER A 42 8.78 23.27 -17.43
C SER A 42 9.69 24.46 -17.17
N PHE A 43 9.88 24.77 -15.89
CA PHE A 43 10.91 25.74 -15.51
C PHE A 43 12.29 25.20 -15.86
N ALA A 44 13.25 26.13 -15.92
CA ALA A 44 14.65 25.76 -16.08
C ALA A 44 15.24 25.28 -14.78
N SER A 45 14.78 25.82 -13.67
CA SER A 45 15.23 25.43 -12.35
C SER A 45 14.10 25.65 -11.37
N LEU A 46 14.01 24.77 -10.37
CA LEU A 46 12.94 24.88 -9.38
C LEU A 46 12.92 26.26 -8.73
N LYS A 47 14.08 26.91 -8.58
CA LYS A 47 14.12 28.24 -7.96
C LYS A 47 13.55 29.34 -8.87
N ASP A 48 13.11 29.01 -10.06
CA ASP A 48 12.39 29.98 -10.91
C ASP A 48 11.05 30.39 -10.28
N LEU A 49 10.53 29.56 -9.40
CA LEU A 49 9.27 29.83 -8.73
C LEU A 49 9.38 30.69 -7.47
N VAL A 50 10.60 30.91 -7.00
CA VAL A 50 10.80 31.74 -5.82
C VAL A 50 10.18 33.17 -5.92
N PRO A 51 10.38 33.84 -7.06
CA PRO A 51 9.71 35.16 -7.13
C PRO A 51 8.21 35.08 -6.91
N TYR A 52 7.58 33.92 -7.14
CA TYR A 52 6.12 33.82 -7.08
C TYR A 52 5.60 33.25 -5.78
N LEU A 53 6.47 32.80 -4.86
CA LEU A 53 6.03 32.11 -3.64
C LEU A 53 5.97 33.05 -2.45
N PRO A 54 4.97 32.90 -1.58
CA PRO A 54 4.98 33.64 -0.31
C PRO A 54 5.90 32.98 0.69
N GLU A 55 6.31 33.76 1.68
CA GLU A 55 7.06 33.15 2.77
C GLU A 55 6.12 32.26 3.59
N PRO A 56 6.65 31.24 4.27
CA PRO A 56 8.02 30.71 4.36
C PRO A 56 8.45 29.88 3.14
N TYR A 57 7.48 29.51 2.30
CA TYR A 57 7.77 28.65 1.15
C TYR A 57 8.85 29.26 0.26
N LYS A 58 8.77 30.57 0.03
CA LYS A 58 9.79 31.27 -0.76
C LYS A 58 11.19 31.00 -0.22
N SER A 59 11.38 31.13 1.09
CA SER A 59 12.68 30.87 1.70
C SER A 59 13.02 29.38 1.69
N TRP A 60 12.03 28.51 1.91
CA TRP A 60 12.29 27.08 1.84
C TRP A 60 12.87 26.70 0.49
N ILE A 61 12.26 27.18 -0.59
CA ILE A 61 12.71 26.80 -1.92
C ILE A 61 13.98 27.57 -2.31
N GLY A 62 14.10 28.82 -1.89
CA GLY A 62 15.29 29.59 -2.24
C GLY A 62 16.54 29.09 -1.55
N ASN A 63 16.40 28.57 -0.34
CA ASN A 63 17.54 28.07 0.42
C ASN A 63 17.81 26.59 0.19
N GLY A 64 16.98 25.90 -0.60
CA GLY A 64 17.22 24.52 -0.95
C GLY A 64 16.71 23.47 0.02
N ALA A 65 15.65 23.79 0.78
CA ALA A 65 15.09 22.81 1.70
C ALA A 65 14.38 21.67 0.99
N TRP A 66 13.98 21.88 -0.25
CA TRP A 66 13.46 20.84 -1.13
C TRP A 66 14.04 21.07 -2.50
N ARG A 67 14.44 20.00 -3.19
CA ARG A 67 15.11 20.17 -4.47
C ARG A 67 14.28 19.67 -5.63
N GLY A 68 13.02 19.32 -5.40
CA GLY A 68 12.15 18.92 -6.47
C GLY A 68 12.07 17.42 -6.63
N PHE A 69 11.43 17.02 -7.73
CA PHE A 69 11.19 15.65 -8.07
C PHE A 69 12.36 15.09 -8.85
N SER A 70 12.62 13.80 -8.65
CA SER A 70 13.64 13.08 -9.39
C SER A 70 13.08 11.69 -9.63
N GLN A 71 12.76 11.38 -10.89
CA GLN A 71 11.97 10.20 -11.20
C GLN A 71 12.66 8.94 -10.66
N PRO A 72 11.91 7.98 -10.13
CA PRO A 72 12.50 6.89 -9.35
C PRO A 72 12.95 5.71 -10.20
N PHE A 73 13.60 6.00 -11.32
CA PHE A 73 14.09 4.98 -12.24
C PHE A 73 15.08 5.62 -13.21
N ALA A 74 15.81 4.77 -13.92
CA ALA A 74 16.67 5.24 -15.01
C ALA A 74 15.97 5.02 -16.35
N TYR A 75 15.88 6.08 -17.15
CA TYR A 75 15.47 5.95 -18.54
C TYR A 75 16.49 5.09 -19.28
N THR A 76 16.03 4.29 -20.25
CA THR A 76 16.92 3.41 -21.00
C THR A 76 17.14 3.88 -22.43
N SER A 77 16.43 4.91 -22.86
CA SER A 77 16.69 5.61 -24.09
C SER A 77 17.79 6.65 -23.91
N PRO A 78 18.62 6.86 -24.93
CA PRO A 78 19.52 8.00 -24.89
C PRO A 78 18.68 9.26 -24.97
N GLY A 79 19.09 10.28 -24.26
CA GLY A 79 18.29 11.47 -24.17
C GLY A 79 17.49 11.59 -22.90
N ASN A 80 17.53 10.57 -22.04
CA ASN A 80 17.07 10.70 -20.66
C ASN A 80 15.57 10.96 -20.59
N GLY A 81 14.82 10.26 -21.44
CA GLY A 81 13.40 10.40 -21.49
C GLY A 81 12.92 11.28 -22.62
N ASN A 82 13.76 12.23 -23.06
CA ASN A 82 13.44 13.10 -24.18
C ASN A 82 13.92 12.48 -25.50
N ARG A 83 13.52 13.11 -26.61
CA ARG A 83 14.27 12.90 -27.85
C ARG A 83 15.73 13.35 -27.65
N ALA A 84 16.60 12.86 -28.52
CA ALA A 84 18.03 13.08 -28.32
C ALA A 84 18.43 14.52 -28.56
N ASP A 85 17.57 15.32 -29.21
CA ASP A 85 17.86 16.71 -29.52
C ASP A 85 17.12 17.69 -28.62
N VAL A 86 16.71 17.28 -27.41
CA VAL A 86 16.06 18.19 -26.46
C VAL A 86 16.55 17.87 -25.06
N LYS A 87 17.18 18.84 -24.42
CA LYS A 87 17.53 18.75 -23.01
C LYS A 87 16.82 19.87 -22.27
N SER A 88 16.28 19.59 -21.09
CA SER A 88 15.89 20.69 -20.22
C SER A 88 17.06 21.04 -19.30
N ALA A 89 17.00 22.26 -18.74
CA ALA A 89 18.10 22.74 -17.92
C ALA A 89 18.28 21.91 -16.66
N ASP A 90 17.19 21.43 -16.07
CA ASP A 90 17.29 20.69 -14.82
C ASP A 90 17.42 19.20 -15.04
N GLY A 91 17.54 18.74 -16.29
CA GLY A 91 17.74 17.34 -16.58
C GLY A 91 16.48 16.50 -16.72
N SER A 92 15.32 17.00 -16.28
CA SER A 92 14.09 16.23 -16.34
C SER A 92 13.64 16.05 -17.79
N ALA A 93 12.67 15.14 -18.00
CA ALA A 93 12.18 14.89 -19.36
C ALA A 93 11.12 15.93 -19.68
N SER A 94 11.59 17.10 -20.10
CA SER A 94 10.74 18.26 -20.37
C SER A 94 11.51 19.24 -21.24
N VAL A 95 10.93 20.41 -21.48
CA VAL A 95 11.60 21.46 -22.24
C VAL A 95 11.41 22.77 -21.49
N SER A 96 12.52 23.49 -21.27
CA SER A 96 12.50 24.70 -20.46
C SER A 96 12.72 25.96 -21.29
N ASP A 97 12.92 25.84 -22.59
CA ASP A 97 13.21 26.97 -23.48
C ASP A 97 12.11 27.06 -24.53
N TYR A 98 11.29 28.12 -24.45
CA TYR A 98 10.28 28.38 -25.49
C TYR A 98 10.90 28.46 -26.89
N ASN A 99 12.07 29.09 -27.01
CA ASN A 99 12.69 29.25 -28.33
C ASN A 99 12.96 27.89 -28.98
N LEU A 100 13.32 26.90 -28.17
CA LEU A 100 13.58 25.55 -28.69
C LEU A 100 12.30 24.87 -29.16
N MET A 101 11.23 24.96 -28.36
CA MET A 101 9.94 24.43 -28.75
C MET A 101 9.41 25.06 -30.04
N ARG A 102 9.47 26.38 -30.12
CA ARG A 102 8.97 27.06 -31.31
C ARG A 102 9.74 26.60 -32.55
N SER A 103 11.06 26.43 -32.43
CA SER A 103 11.89 26.09 -33.58
C SER A 103 11.86 24.61 -33.91
N GLN A 104 11.60 23.74 -32.94
CA GLN A 104 11.48 22.31 -33.22
C GLN A 104 10.04 21.84 -33.46
N LEU A 105 9.05 22.47 -32.83
CA LEU A 105 7.69 21.94 -32.87
C LEU A 105 6.68 22.89 -33.49
N LEU A 106 6.49 24.08 -32.91
CA LEU A 106 5.38 24.94 -33.32
C LEU A 106 5.51 25.37 -34.76
N ASP A 107 6.65 25.98 -35.12
CA ASP A 107 6.80 26.49 -36.49
C ASP A 107 6.96 25.39 -37.53
N PRO A 108 7.79 24.37 -37.34
CA PRO A 108 8.00 23.39 -38.42
C PRO A 108 6.75 22.60 -38.78
N TYR A 109 5.89 22.35 -37.80
CA TYR A 109 4.66 21.55 -38.04
C TYR A 109 3.45 22.47 -38.22
N LYS A 110 3.66 23.78 -38.13
CA LYS A 110 2.61 24.77 -38.31
C LYS A 110 1.37 24.45 -37.48
N LEU A 111 1.58 24.23 -36.20
CA LEU A 111 0.48 23.88 -35.31
C LEU A 111 -0.51 25.05 -35.20
N SER A 112 -1.81 24.71 -35.25
CA SER A 112 -2.83 25.70 -34.93
C SER A 112 -2.82 26.02 -33.45
N TYR A 113 -2.74 24.99 -32.61
CA TYR A 113 -2.72 25.13 -31.16
C TYR A 113 -1.83 24.04 -30.57
N ALA A 114 -1.18 24.37 -29.46
CA ALA A 114 -0.39 23.43 -28.68
C ALA A 114 -0.80 23.55 -27.23
N VAL A 115 -1.23 22.44 -26.63
CA VAL A 115 -1.70 22.40 -25.24
C VAL A 115 -0.48 22.11 -24.35
N LEU A 116 -0.13 23.08 -23.52
CA LEU A 116 0.91 22.90 -22.51
C LEU A 116 0.31 22.14 -21.34
N THR A 117 0.80 20.92 -21.10
CA THR A 117 0.29 20.08 -20.03
C THR A 117 1.25 19.98 -18.85
N GLY A 118 2.33 20.74 -18.83
CA GLY A 118 3.23 20.80 -17.68
C GLY A 118 4.12 19.58 -17.57
N TYR A 119 4.60 19.34 -16.35
CA TYR A 119 5.50 18.23 -16.03
C TYR A 119 5.79 18.17 -14.53
N PHE A 120 6.00 19.34 -13.92
CA PHE A 120 6.14 19.48 -12.48
C PHE A 120 4.74 19.38 -11.86
N TYR A 121 4.43 18.25 -11.22
CA TYR A 121 3.09 17.98 -10.71
C TYR A 121 3.10 17.95 -9.19
N PRO A 122 2.85 19.08 -8.52
CA PRO A 122 2.99 19.13 -7.05
C PRO A 122 2.12 18.15 -6.29
N THR A 123 1.04 17.62 -6.90
CA THR A 123 0.26 16.54 -6.29
C THR A 123 1.14 15.33 -5.91
N GLY A 124 2.34 15.21 -6.48
CA GLY A 124 3.23 14.13 -6.10
C GLY A 124 3.77 14.26 -4.69
N LEU A 125 3.75 15.46 -4.13
CA LEU A 125 4.11 15.64 -2.71
C LEU A 125 2.98 15.12 -1.82
N LYS A 126 3.32 14.21 -0.91
CA LYS A 126 2.30 13.53 -0.11
C LYS A 126 2.13 14.12 1.29
N LEU A 127 2.90 15.14 1.64
CA LEU A 127 2.74 15.87 2.88
C LEU A 127 2.97 17.35 2.58
N GLN A 128 2.85 18.19 3.61
CA GLN A 128 3.04 19.64 3.45
C GLN A 128 2.16 20.17 2.30
N TYR A 129 0.84 19.99 2.48
CA TYR A 129 -0.12 20.40 1.45
C TYR A 129 -0.04 21.89 1.18
N GLY A 130 0.13 22.71 2.22
CA GLY A 130 0.32 24.13 2.02
C GLY A 130 1.48 24.41 1.09
N LEU A 131 2.54 23.60 1.18
CA LEU A 131 3.67 23.77 0.27
C LEU A 131 3.29 23.36 -1.15
N GLY A 132 2.66 22.19 -1.30
CA GLY A 132 2.27 21.74 -2.63
C GLY A 132 1.33 22.71 -3.32
N SER A 133 0.41 23.30 -2.55
CA SER A 133 -0.53 24.25 -3.15
C SER A 133 0.17 25.54 -3.55
N ALA A 134 1.08 26.04 -2.72
CA ALA A 134 1.86 27.22 -3.08
C ALA A 134 2.74 26.95 -4.31
N LEU A 135 3.30 25.75 -4.40
CA LEU A 135 4.06 25.41 -5.59
C LEU A 135 3.16 25.36 -6.83
N ALA A 136 1.92 24.88 -6.67
CA ALA A 136 1.02 24.84 -7.82
C ALA A 136 0.73 26.24 -8.33
N SER A 137 0.36 27.14 -7.41
CA SER A 137 0.08 28.52 -7.80
C SER A 137 1.31 29.16 -8.42
N ALA A 138 2.46 29.01 -7.77
CA ALA A 138 3.67 29.64 -8.27
C ALA A 138 4.02 29.12 -9.67
N TYR A 139 3.85 27.82 -9.90
CA TYR A 139 4.12 27.27 -11.22
C TYR A 139 3.19 27.90 -12.26
N ASN A 140 1.89 28.02 -11.95
CA ASN A 140 0.94 28.57 -12.92
C ASN A 140 1.26 30.05 -13.23
N ASP A 141 1.71 30.79 -12.21
CA ASP A 141 2.17 32.16 -12.47
C ASP A 141 3.35 32.16 -13.44
N TYR A 142 4.32 31.26 -13.21
CA TYR A 142 5.52 31.20 -14.06
C TYR A 142 5.17 30.87 -15.51
N VAL A 143 4.22 29.96 -15.73
CA VAL A 143 3.89 29.52 -17.09
C VAL A 143 3.09 30.60 -17.81
N LEU A 144 2.18 31.26 -17.10
CA LEU A 144 1.46 32.35 -17.70
C LEU A 144 2.44 33.45 -18.13
N GLU A 145 3.46 33.72 -17.30
CA GLU A 145 4.37 34.84 -17.58
C GLU A 145 5.38 34.50 -18.68
N HIS A 146 5.96 33.30 -18.68
CA HIS A 146 7.05 32.99 -19.60
C HIS A 146 6.68 32.04 -20.72
N TRP A 147 5.45 31.52 -20.75
CA TRP A 147 5.07 30.61 -21.81
C TRP A 147 3.81 31.09 -22.50
N ILE A 148 2.67 30.94 -21.82
CA ILE A 148 1.36 31.22 -22.43
C ILE A 148 1.35 32.62 -23.03
N SER A 149 1.93 33.59 -22.31
CA SER A 149 1.93 34.97 -22.79
C SER A 149 2.89 35.20 -23.95
N LYS A 150 3.71 34.21 -24.32
CA LYS A 150 4.64 34.39 -25.42
C LYS A 150 4.10 33.95 -26.77
N ASP A 151 2.96 33.23 -26.83
CA ASP A 151 2.54 32.63 -28.08
C ASP A 151 1.04 32.35 -28.07
N LYS A 152 0.31 32.85 -29.06
CA LYS A 152 -1.16 32.69 -29.12
C LYS A 152 -1.57 31.27 -29.53
N ARG A 153 -0.60 30.44 -29.91
CA ARG A 153 -0.96 29.06 -30.22
C ARG A 153 -1.10 28.20 -28.98
N PHE A 154 -0.68 28.70 -27.82
CA PHE A 154 -0.73 27.93 -26.58
C PHE A 154 -2.13 27.93 -25.98
N LEU A 155 -2.52 26.75 -25.50
CA LEU A 155 -3.64 26.58 -24.58
C LEU A 155 -3.07 26.05 -23.27
N GLY A 156 -3.51 26.61 -22.16
CA GLY A 156 -2.93 26.30 -20.87
C GLY A 156 -3.76 25.37 -20.00
N SER A 157 -3.07 24.74 -19.06
CA SER A 157 -3.67 23.85 -18.06
C SER A 157 -3.49 24.49 -16.70
N VAL A 158 -4.50 24.38 -15.83
CA VAL A 158 -4.29 24.71 -14.43
C VAL A 158 -3.62 23.51 -13.77
N GLN A 159 -2.42 23.73 -13.23
CA GLN A 159 -1.77 22.76 -12.38
C GLN A 159 -2.23 23.02 -10.95
N ILE A 160 -2.38 21.94 -10.18
CA ILE A 160 -2.95 22.03 -8.83
C ILE A 160 -2.26 21.05 -7.91
N ASN A 161 -2.61 21.14 -6.62
CA ASN A 161 -2.30 20.11 -5.63
C ASN A 161 -3.62 19.45 -5.26
N ALA A 162 -3.93 18.34 -5.94
CA ALA A 162 -5.24 17.74 -5.76
C ALA A 162 -5.45 17.16 -4.37
N ARG A 163 -4.40 17.07 -3.54
CA ARG A 163 -4.57 16.51 -2.20
C ARG A 163 -5.30 17.47 -1.27
N ASP A 164 -5.33 18.76 -1.61
CA ASP A 164 -6.17 19.75 -0.95
C ASP A 164 -7.24 20.19 -1.95
N PRO A 165 -8.35 19.44 -2.07
CA PRO A 165 -9.28 19.75 -3.17
C PRO A 165 -9.92 21.11 -3.07
N GLU A 166 -10.04 21.67 -1.86
CA GLU A 166 -10.66 22.99 -1.75
C GLU A 166 -9.68 24.09 -2.17
N ALA A 167 -8.42 23.98 -1.74
CA ALA A 167 -7.42 24.92 -2.23
C ALA A 167 -7.27 24.79 -3.74
N ALA A 168 -7.33 23.57 -4.26
CA ALA A 168 -7.21 23.38 -5.71
C ALA A 168 -8.35 24.09 -6.43
N ALA A 169 -9.58 23.94 -5.90
CA ALA A 169 -10.72 24.67 -6.44
C ALA A 169 -10.47 26.18 -6.49
N ARG A 170 -9.80 26.73 -5.47
CA ARG A 170 -9.54 28.16 -5.44
C ARG A 170 -8.50 28.55 -6.48
N GLU A 171 -7.52 27.68 -6.73
CA GLU A 171 -6.56 27.95 -7.78
C GLU A 171 -7.21 27.88 -9.16
N ILE A 172 -8.21 27.00 -9.31
CA ILE A 172 -8.93 26.92 -10.59
C ILE A 172 -9.69 28.21 -10.85
N ASP A 173 -10.37 28.74 -9.82
CA ASP A 173 -11.04 30.03 -9.94
C ASP A 173 -10.06 31.14 -10.29
N ARG A 174 -8.89 31.15 -9.65
CA ARG A 174 -7.88 32.15 -9.93
C ARG A 174 -7.45 32.13 -11.40
N MET A 175 -7.13 30.96 -11.94
CA MET A 175 -6.44 30.93 -13.22
C MET A 175 -7.35 30.88 -14.43
N ALA A 176 -8.63 30.52 -14.24
CA ALA A 176 -9.57 30.48 -15.36
C ALA A 176 -9.81 31.86 -15.98
N ALA A 177 -9.35 32.92 -15.33
CA ALA A 177 -9.43 34.27 -15.89
C ALA A 177 -8.89 34.29 -17.33
N HIS A 178 -7.64 33.86 -17.50
CA HIS A 178 -6.98 34.03 -18.78
C HIS A 178 -7.68 33.20 -19.86
N PRO A 179 -8.03 33.81 -21.00
CA PRO A 179 -8.78 33.08 -22.03
C PRO A 179 -8.02 31.94 -22.70
N GLN A 180 -6.69 31.85 -22.56
CA GLN A 180 -5.97 30.70 -23.13
C GLN A 180 -5.99 29.48 -22.20
N ILE A 181 -6.22 29.68 -20.91
CA ILE A 181 -6.38 28.56 -19.98
C ILE A 181 -7.67 27.83 -20.32
N ARG A 182 -7.56 26.53 -20.62
CA ARG A 182 -8.71 25.77 -21.10
C ARG A 182 -9.03 24.50 -20.31
N GLN A 183 -8.12 23.99 -19.46
CA GLN A 183 -8.41 22.78 -18.72
C GLN A 183 -7.72 22.79 -17.37
N VAL A 184 -8.15 21.87 -16.52
CA VAL A 184 -7.47 21.54 -15.28
C VAL A 184 -6.72 20.23 -15.47
N MET A 185 -5.49 20.16 -14.97
CA MET A 185 -4.65 18.98 -15.14
C MET A 185 -4.69 18.19 -13.83
N LEU A 186 -5.25 16.99 -13.91
CA LEU A 186 -5.39 16.08 -12.79
C LEU A 186 -4.28 15.05 -12.90
N PRO A 187 -3.21 15.15 -12.13
CA PRO A 187 -2.06 14.25 -12.32
C PRO A 187 -2.33 12.88 -11.71
N VAL A 188 -1.98 11.83 -12.45
CA VAL A 188 -2.20 10.48 -11.95
C VAL A 188 -0.95 10.07 -11.18
N VAL A 189 -1.04 10.16 -9.85
CA VAL A 189 0.01 9.76 -8.92
C VAL A 189 -0.26 8.31 -8.51
N ASP A 190 0.37 7.85 -7.43
CA ASP A 190 0.28 6.45 -7.04
C ASP A 190 -1.02 6.08 -6.30
N ASP A 191 -1.73 7.05 -5.71
CA ASP A 191 -2.73 6.70 -4.70
C ASP A 191 -4.02 7.51 -4.80
N ILE A 192 -4.38 7.98 -5.99
CA ILE A 192 -5.61 8.76 -6.13
C ILE A 192 -6.47 8.17 -7.24
N ALA A 193 -7.68 7.76 -6.90
CA ALA A 193 -8.75 7.54 -7.86
C ALA A 193 -9.65 8.75 -7.82
N TYR A 194 -9.71 9.49 -8.93
CA TYR A 194 -10.33 10.81 -8.89
C TYR A 194 -11.85 10.79 -8.80
N GLY A 195 -12.50 9.63 -8.93
CA GLY A 195 -13.93 9.58 -8.67
C GLY A 195 -14.30 9.52 -7.20
N HIS A 196 -13.31 9.42 -6.31
CA HIS A 196 -13.60 9.47 -4.90
C HIS A 196 -14.27 10.80 -4.58
N PRO A 197 -15.38 10.81 -3.83
CA PRO A 197 -16.11 12.06 -3.61
C PRO A 197 -15.31 13.17 -2.94
N MET A 198 -14.17 12.85 -2.29
CA MET A 198 -13.27 13.87 -1.76
C MET A 198 -12.90 14.92 -2.80
N TYR A 199 -12.79 14.52 -4.08
CA TYR A 199 -12.24 15.38 -5.12
C TYR A 199 -13.31 16.19 -5.84
N ARG A 200 -14.57 16.06 -5.43
CA ARG A 200 -15.65 16.73 -6.15
C ARG A 200 -15.49 18.25 -6.23
N PRO A 201 -14.97 18.97 -5.22
CA PRO A 201 -14.76 20.42 -5.39
C PRO A 201 -13.91 20.78 -6.60
N ILE A 202 -13.03 19.87 -7.02
CA ILE A 202 -12.17 20.13 -8.17
C ILE A 202 -13.02 20.16 -9.45
N PHE A 203 -13.83 19.12 -9.64
CA PHE A 203 -14.71 19.04 -10.80
C PHE A 203 -15.78 20.12 -10.78
N ALA A 204 -16.24 20.52 -9.59
CA ALA A 204 -17.22 21.60 -9.50
C ALA A 204 -16.60 22.93 -9.91
N ALA A 205 -15.37 23.18 -9.47
CA ALA A 205 -14.63 24.37 -9.88
C ALA A 205 -14.34 24.36 -11.37
N ALA A 206 -13.86 23.21 -11.90
CA ALA A 206 -13.65 23.10 -13.34
C ALA A 206 -14.92 23.45 -14.11
N GLU A 207 -16.07 22.87 -13.70
CA GLU A 207 -17.30 23.14 -14.43
C GLU A 207 -17.70 24.62 -14.30
N ARG A 208 -17.62 25.17 -13.08
CA ARG A 208 -18.00 26.56 -12.82
C ARG A 208 -17.34 27.51 -13.77
N ASN A 209 -16.07 27.27 -14.05
CA ASN A 209 -15.20 28.19 -14.77
C ASN A 209 -15.07 27.81 -16.23
N LYS A 210 -15.93 26.90 -16.72
CA LYS A 210 -16.00 26.55 -18.14
C LYS A 210 -14.68 25.93 -18.63
N LEU A 211 -13.99 25.18 -17.77
CA LEU A 211 -12.74 24.51 -18.09
C LEU A 211 -12.97 23.01 -18.21
N MET A 212 -12.18 22.37 -19.06
CA MET A 212 -12.32 20.93 -19.18
C MET A 212 -11.31 20.27 -18.25
N VAL A 213 -11.29 18.92 -18.25
CA VAL A 213 -10.47 18.12 -17.36
C VAL A 213 -9.56 17.25 -18.22
N ALA A 214 -8.27 17.18 -17.84
CA ALA A 214 -7.27 16.32 -18.48
C ALA A 214 -6.55 15.50 -17.41
N PHE A 215 -6.16 14.27 -17.79
CA PHE A 215 -5.41 13.34 -16.92
C PHE A 215 -4.07 13.00 -17.54
N HIS A 216 -3.01 13.02 -16.72
CA HIS A 216 -1.69 12.64 -17.20
C HIS A 216 -0.93 11.85 -16.13
N HIS A 217 -0.28 10.76 -16.53
CA HIS A 217 0.48 9.99 -15.59
C HIS A 217 1.67 10.79 -15.05
N THR A 218 2.05 10.50 -13.81
CA THR A 218 3.26 11.04 -13.20
C THR A 218 4.36 9.99 -13.19
N THR A 219 5.54 10.37 -12.69
CA THR A 219 6.61 9.40 -12.45
C THR A 219 6.27 8.41 -11.33
N PHE A 220 5.19 8.62 -10.61
CA PHE A 220 4.70 7.70 -9.58
C PHE A 220 3.58 6.80 -10.06
N ALA A 221 3.15 6.92 -11.31
CA ALA A 221 2.07 6.06 -11.79
C ALA A 221 2.49 4.60 -11.72
N GLN A 222 1.54 3.71 -11.40
CA GLN A 222 1.87 2.31 -11.13
C GLN A 222 0.67 1.44 -11.44
N GLY A 223 0.88 0.12 -11.46
CA GLY A 223 -0.18 -0.85 -11.54
C GLY A 223 -0.60 -1.30 -10.16
N PRO A 224 -1.49 -2.30 -10.08
CA PRO A 224 -1.94 -2.79 -8.75
C PRO A 224 -0.82 -3.28 -7.86
N TYR A 225 0.34 -3.66 -8.43
CA TYR A 225 1.41 -4.28 -7.65
C TYR A 225 2.70 -3.46 -7.70
N GLY A 226 2.63 -2.18 -8.02
CA GLY A 226 3.80 -1.35 -8.16
C GLY A 226 4.06 -1.00 -9.62
N MET A 227 5.25 -0.44 -9.86
CA MET A 227 5.69 -0.08 -11.20
C MET A 227 6.37 -1.19 -11.93
N GLY A 228 6.33 -2.42 -11.41
CA GLY A 228 7.11 -3.48 -12.00
C GLY A 228 8.58 -3.40 -11.62
N LEU A 229 9.40 -4.16 -12.35
CA LEU A 229 10.77 -4.44 -11.93
C LEU A 229 11.81 -3.93 -12.92
N HIS A 230 11.40 -3.36 -14.04
CA HIS A 230 12.32 -2.81 -15.02
C HIS A 230 11.66 -1.58 -15.61
N TYR A 231 12.43 -0.74 -16.29
CA TYR A 231 11.79 0.41 -16.93
C TYR A 231 10.80 -0.04 -17.98
N MET A 232 11.19 -1.00 -18.82
CA MET A 232 10.28 -1.40 -19.90
C MET A 232 8.94 -1.88 -19.33
N GLU A 233 8.96 -2.54 -18.17
CA GLU A 233 7.71 -2.98 -17.56
C GLU A 233 6.94 -1.81 -17.00
N ARG A 234 7.62 -0.93 -16.26
CA ARG A 234 7.00 0.30 -15.75
C ARG A 234 6.25 1.03 -16.86
N HIS A 235 6.83 1.07 -18.05
CA HIS A 235 6.18 1.77 -19.15
C HIS A 235 5.00 0.99 -19.73
N CYS A 236 5.04 -0.35 -19.71
CA CYS A 236 3.87 -1.15 -20.09
C CYS A 236 2.68 -0.88 -19.18
N LEU A 237 2.97 -0.55 -17.92
CA LEU A 237 1.95 -0.39 -16.89
C LEU A 237 1.24 0.94 -16.94
N ILE A 238 1.78 1.93 -17.68
CA ILE A 238 1.16 3.25 -17.71
C ILE A 238 -0.31 3.18 -18.13
N PRO A 239 -0.70 2.46 -19.20
CA PRO A 239 -2.15 2.29 -19.47
C PRO A 239 -2.94 1.74 -18.28
N ILE A 240 -2.36 0.81 -17.53
CA ILE A 240 -3.05 0.22 -16.39
C ILE A 240 -3.26 1.25 -15.27
N SER A 241 -2.40 2.27 -15.17
CA SER A 241 -2.67 3.27 -14.16
C SER A 241 -3.81 4.21 -14.55
N LEU A 242 -4.16 4.27 -15.84
CA LEU A 242 -5.11 5.28 -16.30
C LEU A 242 -6.49 4.75 -16.60
N MET A 243 -6.63 3.48 -17.01
CA MET A 243 -7.95 2.92 -17.22
C MET A 243 -8.80 3.00 -15.96
N PRO A 244 -8.27 2.83 -14.73
CA PRO A 244 -9.14 2.99 -13.56
C PRO A 244 -9.65 4.39 -13.36
N GLN A 245 -9.03 5.42 -13.95
CA GLN A 245 -9.61 6.75 -13.81
C GLN A 245 -10.91 6.86 -14.59
N VAL A 246 -10.95 6.37 -15.82
CA VAL A 246 -12.22 6.32 -16.56
C VAL A 246 -13.28 5.55 -15.75
N ILE A 247 -12.95 4.33 -15.33
CA ILE A 247 -13.87 3.52 -14.54
C ILE A 247 -14.33 4.27 -13.30
N SER A 248 -13.40 4.91 -12.59
CA SER A 248 -13.73 5.63 -11.33
C SER A 248 -14.69 6.79 -11.60
N LEU A 249 -14.39 7.61 -12.59
CA LEU A 249 -15.24 8.77 -12.85
C LEU A 249 -16.67 8.37 -13.18
N ILE A 250 -16.84 7.28 -13.93
CA ILE A 250 -18.17 6.86 -14.38
C ILE A 250 -18.95 6.21 -13.25
N ALA A 251 -18.33 5.24 -12.56
CA ALA A 251 -19.05 4.53 -11.52
C ALA A 251 -19.49 5.45 -10.39
N ASN A 252 -18.72 6.50 -10.09
CA ASN A 252 -19.02 7.39 -8.98
C ASN A 252 -19.78 8.64 -9.43
N GLY A 253 -20.26 8.68 -10.66
CA GLY A 253 -21.19 9.72 -11.05
C GLY A 253 -20.59 11.04 -11.42
N VAL A 254 -19.29 11.10 -11.69
CA VAL A 254 -18.68 12.36 -12.08
C VAL A 254 -19.22 12.83 -13.42
N PHE A 255 -19.36 11.91 -14.38
CA PHE A 255 -19.94 12.29 -15.68
C PHE A 255 -21.35 12.82 -15.51
N ASP A 256 -22.18 12.14 -14.70
CA ASP A 256 -23.58 12.53 -14.56
C ASP A 256 -23.75 13.84 -13.80
N SER A 257 -22.90 14.14 -12.82
CA SER A 257 -23.19 15.28 -11.97
C SER A 257 -22.50 16.57 -12.42
N TYR A 258 -21.66 16.53 -13.45
CA TYR A 258 -21.08 17.70 -14.10
C TYR A 258 -21.24 17.53 -15.61
N PRO A 259 -22.46 17.71 -16.12
CA PRO A 259 -22.70 17.42 -17.55
C PRO A 259 -21.89 18.31 -18.49
N ASN A 260 -21.38 19.43 -18.03
CA ASN A 260 -20.64 20.34 -18.91
C ASN A 260 -19.15 20.01 -18.99
N LEU A 261 -18.68 18.94 -18.35
CA LEU A 261 -17.28 18.58 -18.41
C LEU A 261 -17.07 17.51 -19.48
N ARG A 262 -16.02 17.69 -20.30
CA ARG A 262 -15.41 16.62 -21.08
C ARG A 262 -14.07 16.26 -20.46
N PHE A 263 -13.69 14.99 -20.61
CA PHE A 263 -12.54 14.41 -19.92
C PHE A 263 -11.58 13.82 -20.93
N MET A 264 -10.31 14.24 -20.86
CA MET A 264 -9.29 13.78 -21.80
C MET A 264 -8.22 13.03 -21.02
N VAL A 265 -7.96 11.80 -21.43
CA VAL A 265 -6.91 10.96 -20.84
C VAL A 265 -5.77 10.89 -21.84
N LEU A 266 -4.59 11.37 -21.42
CA LEU A 266 -3.46 11.45 -22.32
C LEU A 266 -2.52 10.28 -22.10
N GLU A 267 -1.98 9.75 -23.20
CA GLU A 267 -0.79 8.90 -23.18
C GLU A 267 -1.07 7.50 -22.64
N GLY A 268 -2.32 7.14 -22.39
CA GLY A 268 -2.58 5.80 -21.91
C GLY A 268 -2.91 4.80 -22.98
N GLY A 269 -2.83 5.18 -24.25
CA GLY A 269 -3.33 4.35 -25.33
C GLY A 269 -4.83 4.56 -25.54
N PHE A 270 -5.32 4.03 -26.66
CA PHE A 270 -6.75 3.91 -26.90
C PHE A 270 -7.20 2.51 -27.31
N SER A 271 -6.30 1.59 -27.64
CA SER A 271 -6.72 0.30 -28.17
C SER A 271 -7.50 -0.52 -27.14
N TRP A 272 -7.41 -0.16 -25.87
CA TRP A 272 -8.12 -0.83 -24.79
C TRP A 272 -9.54 -0.29 -24.55
N LEU A 273 -9.95 0.78 -25.23
CA LEU A 273 -11.20 1.45 -24.87
C LEU A 273 -12.47 0.69 -25.24
N PRO A 274 -12.51 -0.03 -26.38
CA PRO A 274 -13.68 -0.90 -26.62
C PRO A 274 -13.94 -1.78 -25.42
N HIS A 275 -12.90 -2.42 -24.89
CA HIS A 275 -13.10 -3.32 -23.74
C HIS A 275 -13.57 -2.57 -22.51
N VAL A 276 -12.99 -1.39 -22.25
CA VAL A 276 -13.40 -0.69 -21.03
C VAL A 276 -14.86 -0.22 -21.14
N MET A 277 -15.31 0.07 -22.36
CA MET A 277 -16.66 0.57 -22.57
C MET A 277 -17.69 -0.57 -22.47
N TRP A 278 -17.45 -1.67 -23.21
CA TRP A 278 -18.29 -2.87 -23.12
C TRP A 278 -18.35 -3.42 -21.69
N ARG A 279 -17.19 -3.50 -21.02
CA ARG A 279 -17.16 -4.02 -19.65
C ARG A 279 -18.00 -3.15 -18.72
N MET A 280 -17.77 -1.84 -18.75
CA MET A 280 -18.55 -0.92 -17.93
C MET A 280 -20.05 -1.03 -18.22
N ASP A 281 -20.41 -1.27 -19.49
CA ASP A 281 -21.82 -1.37 -19.86
C ASP A 281 -22.44 -2.61 -19.22
N ARG A 282 -21.72 -3.73 -19.29
CA ARG A 282 -22.23 -4.97 -18.71
C ARG A 282 -22.41 -4.81 -17.20
N GLU A 283 -21.41 -4.25 -16.52
CA GLU A 283 -21.52 -4.08 -15.08
C GLU A 283 -22.62 -3.11 -14.71
N TYR A 284 -22.90 -2.14 -15.59
CA TYR A 284 -23.98 -1.19 -15.32
C TYR A 284 -25.32 -1.89 -15.46
N ARG A 285 -25.47 -2.72 -16.49
CA ARG A 285 -26.74 -3.42 -16.70
C ARG A 285 -27.02 -4.41 -15.56
N GLN A 286 -26.01 -5.15 -15.10
CA GLN A 286 -26.21 -6.11 -14.02
C GLN A 286 -26.34 -5.44 -12.66
N GLY A 287 -25.84 -4.23 -12.48
CA GLY A 287 -25.70 -3.74 -11.14
C GLY A 287 -26.28 -2.36 -10.90
N ARG A 288 -27.27 -1.99 -11.70
CA ARG A 288 -27.73 -0.61 -11.66
C ARG A 288 -28.55 -0.29 -10.42
N VAL A 289 -29.05 -1.29 -9.69
CA VAL A 289 -29.69 -1.00 -8.42
C VAL A 289 -28.68 -0.34 -7.49
N GLU A 290 -27.40 -0.66 -7.66
CA GLU A 290 -26.41 -0.11 -6.75
C GLU A 290 -25.97 1.29 -7.16
N VAL A 291 -26.12 1.65 -8.43
CA VAL A 291 -25.59 2.93 -8.92
C VAL A 291 -26.67 3.70 -9.65
N PRO A 292 -27.73 4.14 -8.95
CA PRO A 292 -28.84 4.82 -9.64
C PRO A 292 -28.50 6.23 -10.11
N TRP A 293 -27.37 6.78 -9.71
CA TRP A 293 -26.97 8.08 -10.20
C TRP A 293 -26.42 8.03 -11.63
N ILE A 294 -26.10 6.85 -12.16
CA ILE A 294 -25.65 6.75 -13.55
C ILE A 294 -26.87 6.67 -14.44
N LYS A 295 -27.05 7.68 -15.30
CA LYS A 295 -28.29 7.80 -16.06
C LYS A 295 -28.11 7.64 -17.55
N LYS A 296 -26.88 7.41 -18.02
CA LYS A 296 -26.63 6.94 -19.37
C LYS A 296 -25.77 5.69 -19.29
N LEU A 297 -25.81 4.90 -20.36
CA LEU A 297 -24.87 3.80 -20.52
C LEU A 297 -23.46 4.36 -20.43
N PRO A 298 -22.57 3.75 -19.66
CA PRO A 298 -21.18 4.23 -19.61
C PRO A 298 -20.57 4.44 -20.98
N SER A 299 -20.83 3.53 -21.93
CA SER A 299 -20.27 3.70 -23.26
C SER A 299 -20.76 4.98 -23.91
N GLN A 300 -21.99 5.39 -23.62
CA GLN A 300 -22.51 6.62 -24.21
C GLN A 300 -21.87 7.85 -23.58
N HIS A 301 -21.64 7.82 -22.26
CA HIS A 301 -20.88 8.90 -21.61
C HIS A 301 -19.52 9.05 -22.27
N CYS A 302 -18.91 7.93 -22.64
CA CYS A 302 -17.54 7.95 -23.15
C CYS A 302 -17.51 8.49 -24.57
N ARG A 303 -18.40 8.01 -25.45
CA ARG A 303 -18.45 8.52 -26.81
C ARG A 303 -18.74 10.01 -26.82
N GLU A 304 -19.54 10.48 -25.87
CA GLU A 304 -19.90 11.89 -25.83
C GLU A 304 -18.77 12.75 -25.26
N ARG A 305 -18.21 12.36 -24.12
CA ARG A 305 -17.39 13.30 -23.35
C ARG A 305 -16.03 12.76 -22.89
N LEU A 306 -15.56 11.65 -23.44
CA LEU A 306 -14.23 11.15 -23.13
C LEU A 306 -13.37 11.26 -24.38
N ARG A 307 -12.14 11.74 -24.21
CA ARG A 307 -11.20 11.84 -25.31
C ARG A 307 -9.88 11.23 -24.87
N LEU A 308 -9.23 10.58 -25.82
CA LEU A 308 -7.99 9.87 -25.57
C LEU A 308 -6.97 10.30 -26.61
N SER A 309 -5.77 10.60 -26.13
CA SER A 309 -4.67 10.95 -27.04
C SER A 309 -4.26 9.72 -27.87
N THR A 310 -3.76 9.93 -29.07
CA THR A 310 -3.21 8.88 -29.92
C THR A 310 -1.77 8.49 -29.55
N GLN A 311 -1.00 9.37 -28.92
CA GLN A 311 0.40 9.06 -28.61
C GLN A 311 0.49 8.28 -27.30
N PRO A 312 1.41 7.29 -27.18
CA PRO A 312 2.41 6.78 -28.12
C PRO A 312 1.90 5.77 -29.15
N THR A 313 2.54 5.70 -30.31
CA THR A 313 2.09 4.73 -31.31
C THR A 313 2.21 3.31 -30.77
N GLU A 314 1.32 2.45 -31.26
CA GLU A 314 1.50 1.02 -31.08
C GLU A 314 2.00 0.39 -32.36
N ASP A 315 2.29 1.21 -33.39
CA ASP A 315 2.77 0.76 -34.69
C ASP A 315 1.75 -0.17 -35.36
N ILE A 316 0.50 0.31 -35.48
CA ILE A 316 -0.67 -0.46 -35.87
C ILE A 316 -1.00 -0.14 -37.32
N SER A 317 -1.46 -1.14 -38.07
CA SER A 317 -1.78 -0.96 -39.48
C SER A 317 -3.02 -0.07 -39.65
N GLY A 318 -3.13 0.52 -40.84
CA GLY A 318 -4.29 1.35 -41.13
C GLY A 318 -5.61 0.61 -41.01
N GLU A 319 -5.68 -0.62 -41.51
CA GLU A 319 -6.94 -1.36 -41.39
C GLU A 319 -7.25 -1.68 -39.93
N ASP A 320 -6.20 -1.82 -39.10
CA ASP A 320 -6.44 -2.06 -37.68
C ASP A 320 -6.97 -0.83 -36.97
N TRP A 321 -6.48 0.38 -37.34
CA TRP A 321 -7.10 1.62 -36.86
C TRP A 321 -8.59 1.65 -37.16
N GLY A 322 -8.95 1.38 -38.41
CA GLY A 322 -10.36 1.42 -38.79
C GLY A 322 -11.19 0.44 -37.99
N LYS A 323 -10.64 -0.74 -37.71
CA LYS A 323 -11.37 -1.72 -36.90
C LYS A 323 -11.60 -1.18 -35.49
N LEU A 324 -10.55 -0.64 -34.87
CA LEU A 324 -10.66 -0.13 -33.52
C LEU A 324 -11.64 1.03 -33.44
N ILE A 325 -11.59 1.93 -34.42
CA ILE A 325 -12.56 3.03 -34.44
C ILE A 325 -13.98 2.49 -34.59
N ASP A 326 -14.19 1.48 -35.47
CA ASP A 326 -15.48 0.79 -35.54
C ASP A 326 -15.94 0.28 -34.17
N LEU A 327 -15.04 -0.42 -33.47
CA LEU A 327 -15.40 -1.00 -32.19
C LEU A 327 -15.76 0.08 -31.17
N MET A 328 -15.10 1.22 -31.24
CA MET A 328 -15.46 2.37 -30.42
C MET A 328 -16.84 2.90 -30.77
N GLY A 329 -17.33 2.64 -31.98
CA GLY A 329 -18.61 3.16 -32.39
C GLY A 329 -18.62 4.63 -32.80
N THR A 330 -17.48 5.32 -32.78
CA THR A 330 -17.43 6.71 -33.22
C THR A 330 -15.97 7.10 -33.48
N ASP A 331 -15.78 8.16 -34.29
CA ASP A 331 -14.47 8.79 -34.46
C ASP A 331 -14.35 10.11 -33.71
N ASP A 332 -15.25 10.41 -32.77
CA ASP A 332 -15.15 11.63 -31.97
C ASP A 332 -14.15 11.54 -30.82
N ILE A 333 -13.59 10.36 -30.55
CA ILE A 333 -12.92 10.14 -29.27
C ILE A 333 -11.42 10.46 -29.29
N LEU A 334 -10.75 10.25 -30.41
CA LEU A 334 -9.29 10.37 -30.47
C LEU A 334 -8.86 11.80 -30.81
N VAL A 335 -7.87 12.30 -30.05
CA VAL A 335 -7.21 13.56 -30.32
C VAL A 335 -5.72 13.31 -30.54
N PHE A 336 -5.15 13.98 -31.54
CA PHE A 336 -3.72 13.84 -31.81
C PHE A 336 -2.90 14.52 -30.71
N SER A 337 -1.72 13.96 -30.46
CA SER A 337 -0.72 14.64 -29.65
C SER A 337 0.65 14.18 -30.12
N THR A 338 1.68 15.04 -29.94
CA THR A 338 3.06 14.61 -30.21
C THR A 338 3.79 14.12 -28.97
N ASP A 339 3.43 14.63 -27.79
CA ASP A 339 4.19 14.42 -26.55
C ASP A 339 5.59 14.97 -26.66
N TYR A 340 5.79 16.01 -27.47
CA TYR A 340 7.07 16.71 -27.45
C TYR A 340 7.35 17.14 -26.02
N PRO A 341 8.58 16.97 -25.51
CA PRO A 341 9.79 16.48 -26.17
C PRO A 341 10.22 15.06 -25.85
N HIS A 342 9.29 14.18 -25.50
CA HIS A 342 9.67 12.88 -24.97
C HIS A 342 10.20 11.96 -26.06
N PHE A 343 10.89 10.91 -25.61
CA PHE A 343 11.55 9.97 -26.50
C PHE A 343 10.62 9.43 -27.58
N ASP A 344 9.39 9.06 -27.20
CA ASP A 344 8.42 8.47 -28.12
C ASP A 344 7.50 9.52 -28.74
N PHE A 345 8.02 10.72 -28.97
CA PHE A 345 7.41 11.76 -29.79
C PHE A 345 6.73 11.19 -31.04
N ASP A 346 5.51 11.64 -31.30
CA ASP A 346 4.76 11.20 -32.48
C ASP A 346 4.87 12.29 -33.55
N ASP A 347 5.56 11.94 -34.64
CA ASP A 347 5.64 12.85 -35.80
C ASP A 347 4.24 13.01 -36.38
N PRO A 348 3.74 14.25 -36.45
CA PRO A 348 2.41 14.48 -37.03
C PRO A 348 2.26 13.95 -38.45
N ASN A 349 3.36 13.86 -39.20
CA ASN A 349 3.28 13.44 -40.59
C ASN A 349 3.29 11.92 -40.75
N ALA A 350 3.41 11.17 -39.66
CA ALA A 350 3.50 9.71 -39.77
C ALA A 350 2.69 8.94 -38.74
N ALA A 351 2.12 9.59 -37.73
CA ALA A 351 1.42 8.86 -36.66
C ALA A 351 -0.01 8.44 -37.07
N ILE A 352 -0.71 9.28 -37.84
CA ILE A 352 -2.11 9.01 -38.17
C ILE A 352 -2.16 8.46 -39.58
N PRO A 353 -2.58 7.18 -39.74
CA PRO A 353 -2.67 6.57 -41.07
C PRO A 353 -3.47 7.43 -42.06
N LYS A 354 -2.86 7.77 -43.18
CA LYS A 354 -3.52 8.60 -44.23
C LYS A 354 -4.57 7.77 -44.99
N SER A 355 -4.53 6.45 -44.85
CA SER A 355 -5.58 5.57 -45.44
C SER A 355 -6.92 5.80 -44.73
N LEU A 356 -6.92 6.41 -43.54
CA LEU A 356 -8.19 6.72 -42.90
C LEU A 356 -8.97 7.76 -43.71
N SER A 357 -10.30 7.74 -43.56
CA SER A 357 -11.12 8.68 -44.30
C SER A 357 -10.68 10.10 -43.97
N SER A 358 -11.01 11.04 -44.86
CA SER A 358 -10.55 12.39 -44.62
C SER A 358 -11.30 13.03 -43.47
N GLY A 359 -12.61 12.74 -43.33
CA GLY A 359 -13.37 13.27 -42.21
C GLY A 359 -12.84 12.79 -40.86
N THR A 360 -12.51 11.50 -40.75
CA THR A 360 -11.94 10.94 -39.54
C THR A 360 -10.56 11.52 -39.24
N ARG A 361 -9.71 11.58 -40.26
CA ARG A 361 -8.39 12.17 -40.12
C ARG A 361 -8.48 13.62 -39.63
N ASP A 362 -9.41 14.41 -40.16
CA ASP A 362 -9.52 15.80 -39.70
C ASP A 362 -9.96 15.86 -38.24
N LYS A 363 -10.84 14.94 -37.85
CA LYS A 363 -11.30 14.88 -36.46
C LYS A 363 -10.14 14.57 -35.52
N ILE A 364 -9.33 13.55 -35.86
CA ILE A 364 -8.25 13.14 -34.97
C ILE A 364 -7.19 14.23 -34.87
N LEU A 365 -6.83 14.81 -36.02
CA LEU A 365 -5.74 15.79 -36.02
C LEU A 365 -6.15 17.13 -35.44
N TRP A 366 -7.43 17.51 -35.52
CA TRP A 366 -7.78 18.81 -34.93
C TRP A 366 -9.23 19.02 -34.52
N LYS A 367 -10.20 18.50 -35.24
CA LYS A 367 -11.60 18.86 -34.90
C LYS A 367 -12.07 18.32 -33.54
N ASN A 368 -11.71 17.10 -33.23
CA ASN A 368 -12.08 16.56 -31.93
C ASN A 368 -11.53 17.43 -30.80
N ALA A 369 -10.25 17.83 -30.90
CA ALA A 369 -9.69 18.70 -29.87
C ALA A 369 -10.33 20.07 -29.92
N ALA A 370 -10.58 20.60 -31.13
CA ALA A 370 -11.16 21.93 -31.25
C ALA A 370 -12.49 21.99 -30.56
N ASP A 371 -13.33 20.95 -30.75
CA ASP A 371 -14.62 20.87 -30.07
CA ASP A 371 -14.62 20.87 -30.07
C ASP A 371 -14.43 20.72 -28.56
N PHE A 372 -13.43 19.94 -28.14
CA PHE A 372 -13.15 19.76 -26.72
C PHE A 372 -12.86 21.10 -26.04
N TYR A 373 -12.04 21.93 -26.68
CA TYR A 373 -11.59 23.19 -26.10
C TYR A 373 -12.50 24.36 -26.47
N GLY A 374 -13.56 24.14 -27.23
CA GLY A 374 -14.47 25.22 -27.61
C GLY A 374 -13.85 26.25 -28.53
N LEU A 375 -13.12 25.80 -29.55
CA LEU A 375 -12.42 26.65 -30.49
C LEU A 375 -13.19 26.77 -31.81
N ASP A 376 -12.75 27.72 -32.64
CA ASP A 376 -13.39 28.12 -33.90
C ASP A 376 -14.66 28.91 -33.64
N HIS B 33 -17.58 -30.97 -29.52
CA HIS B 33 -17.16 -31.13 -28.13
C HIS B 33 -17.22 -29.80 -27.36
N ILE B 34 -17.27 -29.87 -26.03
CA ILE B 34 -17.15 -28.69 -25.19
C ILE B 34 -16.27 -29.02 -23.98
N ILE B 35 -15.27 -28.17 -23.73
CA ILE B 35 -14.44 -28.23 -22.53
C ILE B 35 -14.67 -26.95 -21.75
N ASP B 36 -15.00 -27.08 -20.46
CA ASP B 36 -15.26 -25.94 -19.58
C ASP B 36 -14.00 -25.62 -18.78
N THR B 37 -13.37 -24.45 -19.00
CA THR B 37 -12.10 -24.19 -18.33
C THR B 37 -12.23 -23.47 -16.98
N ASP B 38 -13.43 -23.18 -16.50
CA ASP B 38 -13.55 -22.46 -15.23
C ASP B 38 -14.82 -22.92 -14.50
N VAL B 39 -14.65 -23.74 -13.46
CA VAL B 39 -15.75 -24.20 -12.63
C VAL B 39 -15.27 -24.15 -11.18
N HIS B 40 -16.09 -23.58 -10.29
CA HIS B 40 -15.70 -23.27 -8.90
C HIS B 40 -16.36 -24.21 -7.88
N GLU B 41 -15.71 -25.33 -7.61
CA GLU B 41 -16.09 -26.23 -6.53
C GLU B 41 -15.48 -25.75 -5.21
N SER B 42 -16.08 -26.18 -4.11
CA SER B 42 -15.54 -25.93 -2.79
C SER B 42 -16.03 -26.98 -1.80
N PHE B 43 -15.41 -26.97 -0.62
CA PHE B 43 -15.90 -27.77 0.49
C PHE B 43 -17.25 -27.24 0.96
N ALA B 44 -17.95 -28.08 1.75
CA ALA B 44 -19.23 -27.68 2.33
C ALA B 44 -19.04 -26.88 3.60
N SER B 45 -17.94 -27.13 4.30
CA SER B 45 -17.55 -26.39 5.49
C SER B 45 -16.04 -26.42 5.58
N LEU B 46 -15.43 -25.33 6.05
CA LEU B 46 -13.99 -25.33 6.24
C LEU B 46 -13.54 -26.48 7.13
N LYS B 47 -14.39 -26.89 8.08
CA LYS B 47 -14.02 -28.01 8.94
C LYS B 47 -13.94 -29.34 8.20
N ASP B 48 -14.43 -29.42 6.95
CA ASP B 48 -14.18 -30.61 6.12
C ASP B 48 -12.70 -30.89 5.90
N LEU B 49 -11.84 -29.90 6.10
CA LEU B 49 -10.40 -30.09 5.87
C LEU B 49 -9.68 -30.66 7.07
N VAL B 50 -10.34 -30.65 8.23
CA VAL B 50 -9.73 -31.17 9.45
C VAL B 50 -9.16 -32.58 9.27
N PRO B 51 -9.88 -33.55 8.67
CA PRO B 51 -9.31 -34.91 8.52
C PRO B 51 -7.99 -34.95 7.78
N TYR B 52 -7.61 -33.90 7.05
CA TYR B 52 -6.39 -33.91 6.26
C TYR B 52 -5.28 -33.06 6.85
N LEU B 53 -5.55 -32.36 7.94
CA LEU B 53 -4.63 -31.41 8.53
C LEU B 53 -3.82 -32.09 9.65
N PRO B 54 -2.54 -31.76 9.77
CA PRO B 54 -1.76 -32.17 10.94
C PRO B 54 -1.89 -31.13 12.05
N GLU B 55 -1.50 -31.53 13.24
CA GLU B 55 -1.47 -30.58 14.35
C GLU B 55 -0.33 -29.59 14.15
N PRO B 56 -0.45 -28.38 14.71
CA PRO B 56 -1.57 -27.87 15.50
C PRO B 56 -2.73 -27.32 14.65
N TYR B 57 -2.55 -27.31 13.32
CA TYR B 57 -3.55 -26.71 12.44
C TYR B 57 -4.86 -27.49 12.48
N LYS B 58 -4.79 -28.81 12.62
CA LYS B 58 -6.00 -29.62 12.79
C LYS B 58 -6.84 -29.08 13.95
N SER B 59 -6.21 -28.81 15.08
CA SER B 59 -6.97 -28.30 16.22
C SER B 59 -7.39 -26.85 16.02
N TRP B 60 -6.52 -26.02 15.41
CA TRP B 60 -6.90 -24.63 15.16
C TRP B 60 -8.20 -24.57 14.37
N ILE B 61 -8.26 -25.28 13.24
CA ILE B 61 -9.42 -25.23 12.37
C ILE B 61 -10.62 -25.93 13.02
N GLY B 62 -10.40 -27.12 13.60
CA GLY B 62 -11.50 -27.85 14.21
C GLY B 62 -12.17 -27.08 15.32
N ASN B 63 -11.40 -26.37 16.13
CA ASN B 63 -11.95 -25.61 17.25
C ASN B 63 -12.39 -24.20 16.86
N GLY B 64 -12.15 -23.77 15.62
CA GLY B 64 -12.68 -22.49 15.16
C GLY B 64 -11.79 -21.29 15.37
N ALA B 65 -10.47 -21.48 15.52
CA ALA B 65 -9.54 -20.38 15.69
C ALA B 65 -9.45 -19.49 14.44
N TRP B 66 -9.88 -20.00 13.29
CA TRP B 66 -10.05 -19.25 12.05
C TRP B 66 -11.25 -19.85 11.33
N ARG B 67 -12.13 -18.99 10.82
CA ARG B 67 -13.38 -19.45 10.24
C ARG B 67 -13.41 -19.33 8.71
N GLY B 68 -12.31 -18.90 8.09
CA GLY B 68 -12.21 -18.87 6.64
C GLY B 68 -12.40 -17.46 6.08
N PHE B 69 -12.55 -17.43 4.75
CA PHE B 69 -12.68 -16.16 4.03
C PHE B 69 -14.14 -15.73 3.98
N SER B 70 -14.34 -14.43 3.84
CA SER B 70 -15.66 -13.85 3.76
C SER B 70 -15.48 -12.60 2.93
N GLN B 71 -15.99 -12.58 1.70
CA GLN B 71 -15.56 -11.57 0.73
C GLN B 71 -15.89 -10.17 1.26
N PRO B 72 -15.03 -9.17 1.04
CA PRO B 72 -15.16 -7.89 1.74
C PRO B 72 -16.08 -6.89 1.05
N PHE B 73 -17.26 -7.35 0.65
CA PHE B 73 -18.25 -6.55 -0.07
C PHE B 73 -19.54 -7.35 -0.21
N ALA B 74 -20.64 -6.62 -0.41
CA ALA B 74 -21.95 -7.23 -0.64
C ALA B 74 -22.18 -7.42 -2.14
N TYR B 75 -22.48 -8.66 -2.54
CA TYR B 75 -22.98 -8.93 -3.88
C TYR B 75 -24.30 -8.21 -4.10
N THR B 76 -24.51 -7.77 -5.33
CA THR B 76 -25.73 -7.03 -5.66
C THR B 76 -26.68 -7.84 -6.54
N SER B 77 -26.27 -9.04 -6.97
CA SER B 77 -27.11 -10.03 -7.65
C SER B 77 -27.86 -10.87 -6.62
N PRO B 78 -29.15 -11.11 -6.81
CA PRO B 78 -29.79 -12.22 -6.10
C PRO B 78 -29.05 -13.51 -6.41
N GLY B 79 -28.70 -14.25 -5.37
CA GLY B 79 -27.87 -15.41 -5.51
C GLY B 79 -26.52 -15.29 -4.83
N ASN B 80 -26.20 -14.12 -4.27
CA ASN B 80 -24.98 -13.89 -3.49
C ASN B 80 -23.72 -14.27 -4.26
N GLY B 81 -23.65 -13.82 -5.50
CA GLY B 81 -22.55 -14.13 -6.38
C GLY B 81 -22.78 -15.33 -7.26
N ASN B 82 -23.75 -16.18 -6.92
CA ASN B 82 -24.06 -17.36 -7.72
C ASN B 82 -25.29 -17.12 -8.59
N ARG B 83 -25.46 -18.04 -9.54
CA ARG B 83 -26.76 -18.28 -10.16
C ARG B 83 -27.82 -18.40 -9.07
N ALA B 84 -29.04 -17.96 -9.38
CA ALA B 84 -30.12 -18.02 -8.41
C ALA B 84 -30.50 -19.46 -8.06
N ASP B 85 -30.02 -20.45 -8.81
CA ASP B 85 -30.39 -21.84 -8.60
C ASP B 85 -29.24 -22.69 -8.06
N VAL B 86 -28.19 -22.07 -7.55
CA VAL B 86 -27.06 -22.78 -6.94
C VAL B 86 -26.75 -22.12 -5.62
N LYS B 87 -26.74 -22.90 -4.54
CA LYS B 87 -26.38 -22.40 -3.22
C LYS B 87 -25.34 -23.33 -2.64
N SER B 88 -24.17 -22.77 -2.27
CA SER B 88 -23.20 -23.57 -1.53
C SER B 88 -23.56 -23.65 -0.05
N ALA B 89 -23.04 -24.67 0.62
CA ALA B 89 -23.38 -24.91 2.01
C ALA B 89 -22.86 -23.83 2.94
N ASP B 90 -21.68 -23.26 2.66
CA ASP B 90 -21.10 -22.28 3.57
C ASP B 90 -21.49 -20.84 3.21
N GLY B 91 -22.25 -20.62 2.15
CA GLY B 91 -22.68 -19.28 1.77
C GLY B 91 -21.83 -18.60 0.73
N SER B 92 -20.64 -19.12 0.43
CA SER B 92 -19.75 -18.56 -0.58
C SER B 92 -20.32 -18.77 -1.98
N ALA B 93 -19.75 -18.03 -2.93
CA ALA B 93 -20.12 -18.13 -4.34
C ALA B 93 -19.36 -19.32 -4.95
N SER B 94 -19.87 -20.50 -4.64
CA SER B 94 -19.30 -21.74 -5.18
C SER B 94 -20.37 -22.82 -5.12
N VAL B 95 -19.97 -24.05 -5.45
CA VAL B 95 -20.85 -25.21 -5.36
C VAL B 95 -20.12 -26.28 -4.60
N SER B 96 -20.77 -26.83 -3.56
CA SER B 96 -20.19 -27.86 -2.71
C SER B 96 -20.80 -29.23 -2.93
N ASP B 97 -21.77 -29.37 -3.82
CA ASP B 97 -22.46 -30.65 -4.05
C ASP B 97 -22.16 -31.13 -5.46
N TYR B 98 -21.40 -32.22 -5.57
CA TYR B 98 -21.10 -32.77 -6.89
C TYR B 98 -22.37 -33.16 -7.64
N ASN B 99 -23.35 -33.70 -6.93
CA ASN B 99 -24.59 -34.12 -7.60
C ASN B 99 -25.28 -32.94 -8.28
N LEU B 100 -25.25 -31.75 -7.66
CA LEU B 100 -25.88 -30.58 -8.26
C LEU B 100 -25.11 -30.10 -9.49
N MET B 101 -23.77 -30.07 -9.42
CA MET B 101 -23.01 -29.72 -10.60
C MET B 101 -23.24 -30.71 -11.73
N ARG B 102 -23.30 -32.01 -11.43
CA ARG B 102 -23.49 -32.99 -12.49
CA ARG B 102 -23.49 -32.98 -12.49
C ARG B 102 -24.82 -32.77 -13.21
N SER B 103 -25.90 -32.47 -12.47
CA SER B 103 -27.19 -32.38 -13.13
C SER B 103 -27.53 -30.96 -13.62
N GLN B 104 -26.81 -29.93 -13.17
CA GLN B 104 -27.04 -28.56 -13.74
C GLN B 104 -26.02 -28.24 -14.84
N LEU B 105 -24.86 -28.89 -14.86
CA LEU B 105 -23.81 -28.48 -15.80
C LEU B 105 -23.27 -29.66 -16.61
N LEU B 106 -22.71 -30.66 -15.92
CA LEU B 106 -21.90 -31.68 -16.57
C LEU B 106 -22.72 -32.49 -17.55
N ASP B 107 -23.89 -32.95 -17.11
CA ASP B 107 -24.76 -33.82 -17.90
C ASP B 107 -25.61 -33.04 -18.91
N PRO B 108 -26.29 -31.96 -18.50
CA PRO B 108 -27.20 -31.28 -19.46
C PRO B 108 -26.51 -30.81 -20.71
N TYR B 109 -25.45 -30.04 -20.56
CA TYR B 109 -24.49 -29.87 -21.63
C TYR B 109 -23.66 -31.14 -21.64
N LYS B 110 -23.17 -31.53 -22.79
CA LYS B 110 -22.49 -32.83 -22.82
C LYS B 110 -20.99 -32.62 -22.70
N LEU B 111 -20.59 -32.12 -21.53
CA LEU B 111 -19.22 -31.62 -21.37
C LEU B 111 -18.23 -32.76 -21.55
N SER B 112 -17.25 -32.56 -22.45
CA SER B 112 -16.16 -33.53 -22.55
C SER B 112 -15.29 -33.48 -21.30
N TYR B 113 -14.92 -32.28 -20.88
CA TYR B 113 -14.07 -32.08 -19.71
C TYR B 113 -14.53 -30.84 -18.97
N ALA B 114 -14.33 -30.83 -17.65
CA ALA B 114 -14.54 -29.64 -16.84
C ALA B 114 -13.34 -29.44 -15.93
N VAL B 115 -12.77 -28.22 -15.96
CA VAL B 115 -11.59 -27.87 -15.18
C VAL B 115 -12.03 -27.29 -13.84
N LEU B 116 -11.80 -28.04 -12.76
CA LEU B 116 -12.14 -27.56 -11.43
C LEU B 116 -11.06 -26.58 -11.00
N THR B 117 -11.44 -25.30 -10.87
CA THR B 117 -10.51 -24.23 -10.55
C THR B 117 -10.53 -23.83 -9.07
N GLY B 118 -11.40 -24.44 -8.26
CA GLY B 118 -11.46 -24.16 -6.84
C GLY B 118 -12.17 -22.86 -6.53
N TYR B 119 -11.91 -22.35 -5.32
CA TYR B 119 -12.52 -21.10 -4.86
C TYR B 119 -11.82 -20.61 -3.58
N PHE B 120 -11.48 -21.57 -2.71
CA PHE B 120 -10.80 -21.35 -1.43
C PHE B 120 -9.31 -21.23 -1.73
N TYR B 121 -8.77 -20.01 -1.71
CA TYR B 121 -7.41 -19.77 -2.14
C TYR B 121 -6.55 -19.34 -0.95
N PRO B 122 -5.80 -20.25 -0.32
CA PRO B 122 -5.08 -19.88 0.91
C PRO B 122 -4.00 -18.84 0.71
N THR B 123 -3.56 -18.58 -0.52
CA THR B 123 -2.64 -17.47 -0.75
C THR B 123 -3.20 -16.15 -0.20
N GLY B 124 -4.53 -16.03 -0.06
CA GLY B 124 -5.15 -14.85 0.53
C GLY B 124 -4.81 -14.61 1.98
N LEU B 125 -4.37 -15.64 2.70
CA LEU B 125 -3.78 -15.47 4.03
C LEU B 125 -2.42 -14.80 3.88
N LYS B 126 -2.24 -13.62 4.50
CA LYS B 126 -1.01 -12.87 4.35
C LYS B 126 -0.02 -13.09 5.49
N LEU B 127 -0.34 -13.98 6.44
CA LEU B 127 0.56 -14.38 7.52
C LEU B 127 0.37 -15.87 7.78
N GLN B 128 1.09 -16.40 8.77
CA GLN B 128 0.98 -17.82 9.16
C GLN B 128 1.08 -18.73 7.93
N TYR B 129 2.19 -18.57 7.20
CA TYR B 129 2.40 -19.29 5.95
C TYR B 129 2.32 -20.80 6.15
N GLY B 130 2.84 -21.29 7.28
CA GLY B 130 2.75 -22.70 7.59
C GLY B 130 1.31 -23.19 7.56
N LEU B 131 0.41 -22.44 8.21
CA LEU B 131 -1.02 -22.76 8.19
C LEU B 131 -1.58 -22.70 6.76
N GLY B 132 -1.30 -21.60 6.07
CA GLY B 132 -1.78 -21.45 4.70
C GLY B 132 -1.37 -22.59 3.79
N SER B 133 -0.14 -23.08 3.94
CA SER B 133 0.31 -24.18 3.08
C SER B 133 -0.36 -25.49 3.47
N ALA B 134 -0.53 -25.72 4.77
CA ALA B 134 -1.23 -26.92 5.22
C ALA B 134 -2.68 -26.93 4.72
N LEU B 135 -3.28 -25.74 4.56
CA LEU B 135 -4.64 -25.64 4.06
C LEU B 135 -4.73 -25.94 2.57
N ALA B 136 -3.77 -25.40 1.80
CA ALA B 136 -3.65 -25.78 0.39
C ALA B 136 -3.62 -27.29 0.22
N SER B 137 -2.69 -27.93 0.95
CA SER B 137 -2.51 -29.39 0.90
C SER B 137 -3.78 -30.12 1.30
N ALA B 138 -4.35 -29.77 2.46
CA ALA B 138 -5.61 -30.36 2.90
C ALA B 138 -6.71 -30.19 1.85
N TYR B 139 -6.83 -28.98 1.30
CA TYR B 139 -7.84 -28.74 0.28
C TYR B 139 -7.65 -29.65 -0.93
N ASN B 140 -6.39 -29.84 -1.37
CA ASN B 140 -6.12 -30.69 -2.54
C ASN B 140 -6.48 -32.14 -2.24
N ASP B 141 -6.17 -32.62 -1.03
CA ASP B 141 -6.63 -33.95 -0.61
C ASP B 141 -8.15 -34.05 -0.69
N TYR B 142 -8.86 -33.07 -0.11
CA TYR B 142 -10.33 -33.09 -0.13
C TYR B 142 -10.86 -33.20 -1.56
N VAL B 143 -10.36 -32.37 -2.46
CA VAL B 143 -10.90 -32.29 -3.85
C VAL B 143 -10.62 -33.60 -4.61
N LEU B 144 -9.44 -34.15 -4.47
CA LEU B 144 -9.16 -35.45 -5.14
C LEU B 144 -10.12 -36.53 -4.62
N GLU B 145 -10.38 -36.57 -3.32
CA GLU B 145 -11.19 -37.68 -2.76
C GLU B 145 -12.68 -37.49 -3.01
N HIS B 146 -13.17 -36.26 -2.95
CA HIS B 146 -14.60 -36.07 -3.04
C HIS B 146 -15.06 -35.46 -4.35
N TRP B 147 -14.14 -34.95 -5.18
CA TRP B 147 -14.51 -34.42 -6.50
C TRP B 147 -13.84 -35.18 -7.63
N ILE B 148 -12.50 -35.08 -7.77
CA ILE B 148 -11.81 -35.60 -8.96
C ILE B 148 -12.03 -37.09 -9.11
N SER B 149 -11.95 -37.84 -8.01
CA SER B 149 -12.12 -39.28 -8.06
C SER B 149 -13.55 -39.70 -8.37
N LYS B 150 -14.50 -38.77 -8.49
CA LYS B 150 -15.87 -39.15 -8.74
C LYS B 150 -16.28 -39.04 -10.19
N ASP B 151 -15.49 -38.35 -11.02
CA ASP B 151 -15.92 -38.11 -12.39
C ASP B 151 -14.71 -37.98 -13.30
N LYS B 152 -14.66 -38.81 -14.33
CA LYS B 152 -13.52 -38.78 -15.23
C LYS B 152 -13.55 -37.59 -16.17
N ARG B 153 -14.61 -36.78 -16.15
CA ARG B 153 -14.61 -35.56 -16.96
C ARG B 153 -13.80 -34.43 -16.32
N PHE B 154 -13.39 -34.57 -15.06
CA PHE B 154 -12.73 -33.49 -14.36
C PHE B 154 -11.24 -33.42 -14.69
N LEU B 155 -10.77 -32.21 -14.95
CA LEU B 155 -9.36 -31.87 -14.88
C LEU B 155 -9.13 -31.04 -13.61
N GLY B 156 -8.05 -31.34 -12.90
CA GLY B 156 -7.81 -30.72 -11.61
C GLY B 156 -6.69 -29.69 -11.59
N SER B 157 -6.77 -28.79 -10.61
CA SER B 157 -5.76 -27.77 -10.38
C SER B 157 -5.14 -27.98 -9.00
N VAL B 158 -3.82 -27.83 -8.92
CA VAL B 158 -3.12 -27.80 -7.64
C VAL B 158 -3.28 -26.43 -7.00
N GLN B 159 -3.96 -26.39 -5.85
CA GLN B 159 -4.08 -25.18 -5.06
C GLN B 159 -2.87 -25.06 -4.14
N ILE B 160 -2.37 -23.83 -3.99
CA ILE B 160 -1.08 -23.61 -3.31
C ILE B 160 -1.19 -22.45 -2.33
N ASN B 161 -0.14 -22.28 -1.54
CA ASN B 161 0.12 -21.02 -0.84
C ASN B 161 1.34 -20.41 -1.48
N ALA B 162 1.11 -19.50 -2.43
CA ALA B 162 2.19 -18.92 -3.20
C ALA B 162 3.12 -18.04 -2.36
N ARG B 163 2.72 -17.67 -1.14
CA ARG B 163 3.60 -16.88 -0.29
C ARG B 163 4.83 -17.65 0.18
N ASP B 164 4.82 -18.98 0.06
CA ASP B 164 5.98 -19.83 0.34
C ASP B 164 6.26 -20.63 -0.92
N PRO B 165 7.03 -20.07 -1.87
CA PRO B 165 7.18 -20.75 -3.17
C PRO B 165 7.89 -22.09 -3.08
N GLU B 166 8.72 -22.30 -2.07
CA GLU B 166 9.38 -23.59 -1.99
C GLU B 166 8.43 -24.66 -1.45
N ALA B 167 7.63 -24.33 -0.44
CA ALA B 167 6.57 -25.23 -0.01
C ALA B 167 5.54 -25.43 -1.12
N ALA B 168 5.20 -24.36 -1.85
CA ALA B 168 4.30 -24.49 -2.98
C ALA B 168 4.84 -25.48 -4.01
N ALA B 169 6.16 -25.46 -4.23
CA ALA B 169 6.76 -26.36 -5.22
C ALA B 169 6.70 -27.82 -4.75
N ARG B 170 6.81 -28.06 -3.43
CA ARG B 170 6.74 -29.42 -2.94
C ARG B 170 5.33 -29.98 -3.06
N GLU B 171 4.31 -29.14 -2.86
CA GLU B 171 2.93 -29.59 -3.05
C GLU B 171 2.64 -29.87 -4.52
N ILE B 172 3.24 -29.11 -5.44
CA ILE B 172 3.09 -29.39 -6.86
C ILE B 172 3.71 -30.75 -7.19
N ASP B 173 4.90 -31.01 -6.63
CA ASP B 173 5.51 -32.34 -6.74
C ASP B 173 4.57 -33.41 -6.21
N ARG B 174 3.88 -33.13 -5.10
CA ARG B 174 3.08 -34.15 -4.44
C ARG B 174 1.84 -34.51 -5.28
N MET B 175 1.15 -33.51 -5.87
CA MET B 175 -0.13 -33.76 -6.51
C MET B 175 -0.05 -34.07 -8.00
N ALA B 176 1.07 -33.74 -8.65
CA ALA B 176 1.14 -33.84 -10.11
C ALA B 176 1.02 -35.28 -10.59
N ALA B 177 1.37 -36.23 -9.73
CA ALA B 177 1.32 -37.66 -10.04
C ALA B 177 -0.09 -38.18 -10.28
N HIS B 178 -1.14 -37.38 -10.08
CA HIS B 178 -2.45 -37.90 -10.47
C HIS B 178 -2.76 -37.46 -11.90
N PRO B 179 -3.16 -38.36 -12.79
CA PRO B 179 -3.27 -37.99 -14.21
C PRO B 179 -4.28 -36.89 -14.48
N GLN B 180 -5.39 -36.81 -13.73
CA GLN B 180 -6.36 -35.75 -13.97
C GLN B 180 -5.86 -34.37 -13.53
N ILE B 181 -4.87 -34.32 -12.63
CA ILE B 181 -4.26 -33.05 -12.27
C ILE B 181 -3.44 -32.52 -13.45
N ARG B 182 -3.81 -31.34 -13.99
CA ARG B 182 -3.14 -30.83 -15.18
C ARG B 182 -2.60 -29.39 -15.08
N GLN B 183 -2.89 -28.66 -14.01
CA GLN B 183 -2.39 -27.29 -13.91
C GLN B 183 -2.21 -26.92 -12.44
N VAL B 184 -1.50 -25.81 -12.21
CA VAL B 184 -1.40 -25.19 -10.90
C VAL B 184 -2.17 -23.88 -10.95
N MET B 185 -2.96 -23.60 -9.91
CA MET B 185 -3.73 -22.36 -9.82
C MET B 185 -2.92 -21.29 -9.12
N LEU B 186 -2.72 -20.15 -9.79
CA LEU B 186 -2.04 -19.00 -9.18
C LEU B 186 -3.07 -17.92 -8.87
N PRO B 187 -3.51 -17.79 -7.62
CA PRO B 187 -4.59 -16.84 -7.34
C PRO B 187 -4.07 -15.42 -7.41
N VAL B 188 -4.86 -14.54 -8.00
CA VAL B 188 -4.46 -13.15 -8.10
C VAL B 188 -5.02 -12.42 -6.88
N VAL B 189 -4.15 -12.21 -5.90
CA VAL B 189 -4.50 -11.57 -4.64
C VAL B 189 -4.23 -10.08 -4.78
N ASP B 190 -4.27 -9.34 -3.67
CA ASP B 190 -4.06 -7.90 -3.75
C ASP B 190 -2.62 -7.52 -4.05
N ASP B 191 -1.64 -8.37 -3.73
CA ASP B 191 -0.29 -7.82 -3.65
C ASP B 191 0.81 -8.66 -4.30
N ILE B 192 0.46 -9.50 -5.27
CA ILE B 192 1.48 -10.41 -5.85
C ILE B 192 1.54 -10.34 -7.37
N ALA B 193 2.66 -9.89 -7.90
CA ALA B 193 2.89 -9.99 -9.33
C ALA B 193 3.78 -11.21 -9.57
N TYR B 194 3.25 -12.21 -10.26
CA TYR B 194 3.90 -13.53 -10.27
C TYR B 194 5.16 -13.57 -11.11
N GLY B 195 5.49 -12.49 -11.82
CA GLY B 195 6.78 -12.43 -12.49
C GLY B 195 7.95 -12.13 -11.58
N HIS B 196 7.72 -11.76 -10.32
CA HIS B 196 8.82 -11.48 -9.43
C HIS B 196 9.66 -12.76 -9.23
N PRO B 197 10.99 -12.67 -9.29
CA PRO B 197 11.83 -13.90 -9.27
C PRO B 197 11.61 -14.79 -8.05
N MET B 198 11.13 -14.23 -6.94
CA MET B 198 10.80 -15.00 -5.75
C MET B 198 9.89 -16.18 -6.10
N TYR B 199 9.07 -16.03 -7.12
CA TYR B 199 8.06 -17.03 -7.47
C TYR B 199 8.57 -18.11 -8.44
N ARG B 200 9.82 -18.02 -8.90
CA ARG B 200 10.31 -18.98 -9.87
C ARG B 200 10.21 -20.46 -9.44
N PRO B 201 10.42 -20.84 -8.16
CA PRO B 201 10.24 -22.26 -7.80
C PRO B 201 8.86 -22.82 -8.16
N ILE B 202 7.83 -21.97 -8.27
CA ILE B 202 6.49 -22.44 -8.61
C ILE B 202 6.41 -22.79 -10.09
N PHE B 203 6.96 -21.93 -10.95
CA PHE B 203 6.98 -22.22 -12.37
C PHE B 203 7.90 -23.40 -12.68
N ALA B 204 9.03 -23.48 -11.97
CA ALA B 204 9.97 -24.59 -12.14
C ALA B 204 9.32 -25.92 -11.81
N ALA B 205 8.54 -25.96 -10.72
CA ALA B 205 7.84 -27.17 -10.31
C ALA B 205 6.71 -27.53 -11.27
N ALA B 206 6.01 -26.52 -11.77
CA ALA B 206 4.96 -26.79 -12.76
C ALA B 206 5.57 -27.40 -14.02
N GLU B 207 6.59 -26.74 -14.59
CA GLU B 207 7.17 -27.23 -15.86
C GLU B 207 7.77 -28.63 -15.70
N ARG B 208 8.54 -28.84 -14.61
CA ARG B 208 9.12 -30.14 -14.29
C ARG B 208 8.07 -31.24 -14.26
N ASN B 209 6.95 -30.98 -13.59
CA ASN B 209 5.86 -31.94 -13.40
C ASN B 209 4.88 -32.00 -14.55
N LYS B 210 5.17 -31.29 -15.66
CA LYS B 210 4.34 -31.29 -16.88
C LYS B 210 2.92 -30.79 -16.63
N LEU B 211 2.80 -29.80 -15.76
CA LEU B 211 1.55 -29.11 -15.51
C LEU B 211 1.59 -27.75 -16.20
N MET B 212 0.41 -27.21 -16.49
CA MET B 212 0.36 -25.86 -17.00
C MET B 212 0.03 -24.90 -15.85
N VAL B 213 -0.13 -23.61 -16.17
CA VAL B 213 -0.34 -22.57 -15.18
C VAL B 213 -1.62 -21.83 -15.53
N ALA B 214 -2.48 -21.60 -14.53
CA ALA B 214 -3.72 -20.85 -14.66
C ALA B 214 -3.74 -19.76 -13.60
N PHE B 215 -4.30 -18.60 -13.95
CA PHE B 215 -4.51 -17.49 -13.04
C PHE B 215 -6.00 -17.27 -12.85
N HIS B 216 -6.41 -17.01 -11.60
CA HIS B 216 -7.80 -16.61 -11.34
C HIS B 216 -7.82 -15.54 -10.25
N HIS B 217 -8.64 -14.52 -10.43
CA HIS B 217 -8.78 -13.50 -9.39
C HIS B 217 -9.42 -14.07 -8.13
N THR B 218 -9.06 -13.46 -6.99
CA THR B 218 -9.62 -13.71 -5.67
C THR B 218 -10.57 -12.57 -5.30
N THR B 219 -11.22 -12.72 -4.14
CA THR B 219 -11.98 -11.63 -3.53
C THR B 219 -11.11 -10.45 -3.11
N PHE B 220 -9.79 -10.57 -3.17
CA PHE B 220 -8.86 -9.49 -2.83
C PHE B 220 -8.25 -8.80 -4.04
N ALA B 221 -8.63 -9.20 -5.26
CA ALA B 221 -8.15 -8.56 -6.47
C ALA B 221 -8.51 -7.09 -6.48
N GLN B 222 -7.60 -6.25 -6.99
CA GLN B 222 -7.88 -4.80 -7.01
C GLN B 222 -7.15 -4.12 -8.15
N GLY B 223 -7.43 -2.82 -8.28
CA GLY B 223 -6.68 -1.96 -9.17
C GLY B 223 -5.58 -1.25 -8.42
N PRO B 224 -4.87 -0.32 -9.09
CA PRO B 224 -3.80 0.42 -8.40
C PRO B 224 -4.27 1.27 -7.23
N TYR B 225 -5.57 1.60 -7.16
CA TYR B 225 -6.06 2.49 -6.11
C TYR B 225 -7.08 1.80 -5.21
N GLY B 226 -7.03 0.47 -5.13
CA GLY B 226 -8.00 -0.29 -4.37
C GLY B 226 -9.01 -0.93 -5.29
N MET B 227 -10.01 -1.58 -4.69
CA MET B 227 -11.05 -2.24 -5.47
C MET B 227 -12.25 -1.36 -5.71
N GLY B 228 -12.07 -0.04 -5.69
CA GLY B 228 -13.19 0.85 -5.98
C GLY B 228 -14.05 1.14 -4.76
N LEU B 229 -15.25 1.65 -5.05
CA LEU B 229 -16.14 2.14 -4.01
C LEU B 229 -17.54 1.54 -4.09
N HIS B 230 -17.83 0.77 -5.14
CA HIS B 230 -19.08 0.06 -5.30
C HIS B 230 -18.78 -1.32 -5.84
N TYR B 231 -19.72 -2.25 -5.64
CA TYR B 231 -19.52 -3.59 -6.19
C TYR B 231 -19.35 -3.52 -7.70
N MET B 232 -20.16 -2.68 -8.37
CA MET B 232 -20.06 -2.63 -9.83
C MET B 232 -18.68 -2.16 -10.25
N GLU B 233 -18.07 -1.25 -9.48
CA GLU B 233 -16.76 -0.74 -9.83
C GLU B 233 -15.68 -1.75 -9.48
N ARG B 234 -15.82 -2.42 -8.35
CA ARG B 234 -14.92 -3.55 -8.06
C ARG B 234 -14.95 -4.57 -9.18
N HIS B 235 -16.14 -4.82 -9.75
CA HIS B 235 -16.22 -5.81 -10.79
C HIS B 235 -15.64 -5.31 -12.11
N CYS B 236 -15.82 -4.02 -12.41
CA CYS B 236 -15.15 -3.40 -13.54
C CYS B 236 -13.64 -3.57 -13.46
N LEU B 237 -13.08 -3.54 -12.25
CA LEU B 237 -11.63 -3.52 -12.04
C LEU B 237 -10.97 -4.88 -12.16
N ILE B 238 -11.72 -5.99 -12.17
CA ILE B 238 -11.08 -7.31 -12.21
C ILE B 238 -10.10 -7.42 -13.39
N PRO B 239 -10.45 -7.04 -14.63
CA PRO B 239 -9.46 -7.17 -15.72
C PRO B 239 -8.18 -6.37 -15.47
N ILE B 240 -8.29 -5.28 -14.72
CA ILE B 240 -7.11 -4.49 -14.39
C ILE B 240 -6.23 -5.23 -13.39
N SER B 241 -6.80 -6.11 -12.57
CA SER B 241 -5.91 -6.85 -11.68
C SER B 241 -5.21 -7.99 -12.41
N LEU B 242 -5.70 -8.41 -13.58
CA LEU B 242 -5.14 -9.54 -14.30
C LEU B 242 -4.17 -9.16 -15.42
N MET B 243 -4.42 -8.08 -16.16
CA MET B 243 -3.50 -7.65 -17.22
C MET B 243 -2.04 -7.53 -16.74
N PRO B 244 -1.74 -7.02 -15.53
CA PRO B 244 -0.33 -6.95 -15.12
C PRO B 244 0.33 -8.30 -14.92
N GLN B 245 -0.41 -9.40 -14.71
CA GLN B 245 0.26 -10.70 -14.65
C GLN B 245 0.83 -11.10 -16.01
N VAL B 246 0.10 -10.81 -17.10
CA VAL B 246 0.65 -11.08 -18.43
C VAL B 246 1.91 -10.25 -18.65
N ILE B 247 1.85 -8.97 -18.29
CA ILE B 247 2.97 -8.06 -18.44
C ILE B 247 4.14 -8.51 -17.56
N SER B 248 3.87 -8.90 -16.31
CA SER B 248 4.96 -9.30 -15.37
C SER B 248 5.64 -10.58 -15.88
N LEU B 249 4.85 -11.59 -16.22
CA LEU B 249 5.44 -12.84 -16.68
C LEU B 249 6.35 -12.62 -17.90
N ILE B 250 5.93 -11.78 -18.83
CA ILE B 250 6.71 -11.60 -20.07
C ILE B 250 7.96 -10.74 -19.81
N ALA B 251 7.77 -9.58 -19.19
CA ALA B 251 8.89 -8.67 -18.96
C ALA B 251 9.95 -9.30 -18.07
N ASN B 252 9.57 -10.16 -17.15
CA ASN B 252 10.52 -10.77 -16.23
C ASN B 252 11.00 -12.14 -16.68
N GLY B 253 10.74 -12.52 -17.93
CA GLY B 253 11.39 -13.68 -18.52
C GLY B 253 10.79 -15.02 -18.17
N VAL B 254 9.58 -15.04 -17.61
CA VAL B 254 8.93 -16.31 -17.27
C VAL B 254 8.65 -17.12 -18.51
N PHE B 255 8.19 -16.47 -19.59
CA PHE B 255 7.94 -17.21 -20.82
C PHE B 255 9.22 -17.82 -21.36
N ASP B 256 10.31 -17.05 -21.40
CA ASP B 256 11.55 -17.58 -21.96
C ASP B 256 12.22 -18.59 -21.03
N SER B 257 12.05 -18.46 -19.72
CA SER B 257 12.71 -19.37 -18.77
C SER B 257 12.06 -20.75 -18.71
N TYR B 258 10.77 -20.83 -19.01
CA TYR B 258 9.99 -22.06 -18.89
C TYR B 258 9.27 -22.28 -20.22
N PRO B 259 10.01 -22.64 -21.28
CA PRO B 259 9.39 -22.72 -22.61
C PRO B 259 8.30 -23.79 -22.75
N ASN B 260 8.25 -24.79 -21.87
CA ASN B 260 7.22 -25.82 -21.99
C ASN B 260 5.97 -25.51 -21.18
N LEU B 261 5.85 -24.30 -20.63
CA LEU B 261 4.63 -23.92 -19.92
C LEU B 261 3.69 -23.17 -20.84
N ARG B 262 2.42 -23.34 -20.52
CA ARG B 262 1.34 -22.59 -21.19
C ARG B 262 0.61 -21.86 -20.06
N PHE B 263 0.08 -20.68 -20.33
CA PHE B 263 -0.48 -19.83 -19.29
C PHE B 263 -1.91 -19.45 -19.64
N MET B 264 -2.84 -19.71 -18.72
CA MET B 264 -4.26 -19.39 -18.87
C MET B 264 -4.64 -18.30 -17.89
N VAL B 265 -5.16 -17.18 -18.38
CA VAL B 265 -5.73 -16.14 -17.52
C VAL B 265 -7.25 -16.23 -17.65
N LEU B 266 -7.93 -16.39 -16.53
CA LEU B 266 -9.38 -16.60 -16.57
C LEU B 266 -10.12 -15.34 -16.12
N GLU B 267 -11.31 -15.16 -16.67
CA GLU B 267 -12.30 -14.17 -16.24
C GLU B 267 -11.86 -12.72 -16.38
N GLY B 268 -10.76 -12.44 -17.07
CA GLY B 268 -10.32 -11.07 -17.23
C GLY B 268 -10.80 -10.37 -18.47
N GLY B 269 -11.60 -11.04 -19.28
CA GLY B 269 -11.89 -10.56 -20.62
C GLY B 269 -10.79 -10.93 -21.60
N PHE B 270 -11.07 -10.64 -22.86
CA PHE B 270 -10.07 -10.79 -23.90
C PHE B 270 -10.02 -9.64 -24.88
N SER B 271 -11.03 -8.77 -24.92
CA SER B 271 -11.04 -7.67 -25.86
C SER B 271 -9.88 -6.69 -25.63
N TRP B 272 -9.29 -6.68 -24.43
CA TRP B 272 -8.10 -5.87 -24.13
C TRP B 272 -6.80 -6.49 -24.64
N LEU B 273 -6.79 -7.76 -25.07
CA LEU B 273 -5.51 -8.40 -25.39
C LEU B 273 -4.78 -7.75 -26.56
N PRO B 274 -5.42 -7.30 -27.64
CA PRO B 274 -4.64 -6.60 -28.68
C PRO B 274 -3.82 -5.44 -28.14
N HIS B 275 -4.41 -4.59 -27.29
CA HIS B 275 -3.65 -3.48 -26.71
C HIS B 275 -2.43 -3.98 -25.92
N VAL B 276 -2.64 -4.97 -25.05
CA VAL B 276 -1.55 -5.46 -24.21
C VAL B 276 -0.45 -6.06 -25.06
N MET B 277 -0.80 -6.83 -26.10
CA MET B 277 0.23 -7.38 -26.99
C MET B 277 0.96 -6.28 -27.76
N TRP B 278 0.21 -5.31 -28.30
CA TRP B 278 0.83 -4.24 -29.08
C TRP B 278 1.74 -3.39 -28.22
N ARG B 279 1.22 -2.97 -27.05
CA ARG B 279 1.99 -2.20 -26.08
C ARG B 279 3.29 -2.91 -25.70
N MET B 280 3.19 -4.18 -25.25
CA MET B 280 4.40 -4.91 -24.85
C MET B 280 5.39 -5.02 -26.00
N ASP B 281 4.90 -5.26 -27.22
CA ASP B 281 5.79 -5.32 -28.38
C ASP B 281 6.52 -4.00 -28.57
N ARG B 282 5.81 -2.90 -28.45
CA ARG B 282 6.40 -1.60 -28.57
C ARG B 282 7.48 -1.36 -27.50
N GLU B 283 7.13 -1.67 -26.26
CA GLU B 283 8.09 -1.48 -25.17
C GLU B 283 9.32 -2.35 -25.38
N TYR B 284 9.11 -3.57 -25.86
CA TYR B 284 10.22 -4.48 -26.14
C TYR B 284 11.16 -3.88 -27.18
N ARG B 285 10.60 -3.34 -28.26
CA ARG B 285 11.42 -2.85 -29.36
C ARG B 285 12.30 -1.69 -28.93
N GLN B 286 11.75 -0.78 -28.13
CA GLN B 286 12.47 0.42 -27.73
C GLN B 286 13.27 0.23 -26.49
N GLY B 287 13.19 -0.93 -25.87
CA GLY B 287 13.92 -1.17 -24.65
C GLY B 287 14.59 -2.53 -24.52
N ARG B 288 14.95 -3.17 -25.64
CA ARG B 288 15.55 -4.51 -25.60
C ARG B 288 16.71 -4.57 -24.63
N VAL B 289 17.61 -3.59 -24.73
CA VAL B 289 18.89 -3.60 -24.02
C VAL B 289 18.69 -3.83 -22.54
N GLU B 290 17.52 -3.49 -22.00
CA GLU B 290 17.29 -3.70 -20.59
C GLU B 290 16.80 -5.11 -20.31
N VAL B 291 16.28 -5.80 -21.31
CA VAL B 291 15.66 -7.11 -21.09
C VAL B 291 16.15 -8.09 -22.16
N PRO B 292 17.45 -8.41 -22.21
CA PRO B 292 17.92 -9.33 -23.25
C PRO B 292 17.45 -10.77 -23.04
N TRP B 293 16.89 -11.10 -21.88
CA TRP B 293 16.43 -12.46 -21.68
C TRP B 293 15.16 -12.74 -22.47
N ILE B 294 14.48 -11.70 -22.96
CA ILE B 294 13.28 -11.90 -23.76
C ILE B 294 13.71 -12.22 -25.20
N LYS B 295 13.52 -13.46 -25.63
CA LYS B 295 14.05 -13.95 -26.90
C LYS B 295 13.04 -13.92 -28.05
N LYS B 296 11.76 -13.65 -27.79
CA LYS B 296 10.76 -13.47 -28.83
C LYS B 296 9.94 -12.23 -28.53
N LEU B 297 9.27 -11.75 -29.57
CA LEU B 297 8.31 -10.66 -29.41
C LEU B 297 7.23 -11.07 -28.40
N PRO B 298 6.87 -10.18 -27.47
CA PRO B 298 5.79 -10.49 -26.54
C PRO B 298 4.52 -11.00 -27.20
N SER B 299 4.15 -10.43 -28.35
CA SER B 299 2.94 -10.88 -29.03
C SER B 299 3.07 -12.33 -29.49
N GLN B 300 4.26 -12.72 -29.97
CA GLN B 300 4.47 -14.10 -30.39
C GLN B 300 4.37 -15.06 -29.21
N HIS B 301 5.07 -14.77 -28.10
CA HIS B 301 4.90 -15.49 -26.84
C HIS B 301 3.42 -15.71 -26.51
N CYS B 302 2.62 -14.65 -26.65
CA CYS B 302 1.22 -14.72 -26.26
C CYS B 302 0.44 -15.59 -27.22
N ARG B 303 0.60 -15.36 -28.54
CA ARG B 303 -0.11 -16.17 -29.52
C ARG B 303 0.19 -17.65 -29.34
N GLU B 304 1.40 -17.97 -28.94
CA GLU B 304 1.77 -19.39 -28.86
C GLU B 304 1.39 -20.04 -27.53
N ARG B 305 1.42 -19.29 -26.43
CA ARG B 305 1.33 -19.94 -25.12
C ARG B 305 0.48 -19.21 -24.08
N LEU B 306 -0.19 -18.12 -24.41
CA LEU B 306 -1.16 -17.51 -23.50
C LEU B 306 -2.57 -17.86 -23.96
N ARG B 307 -3.42 -18.27 -23.02
CA ARG B 307 -4.82 -18.51 -23.30
C ARG B 307 -5.69 -17.68 -22.36
N LEU B 308 -6.88 -17.30 -22.85
CA LEU B 308 -7.80 -16.48 -22.09
C LEU B 308 -9.20 -17.05 -22.24
N SER B 309 -9.92 -17.10 -21.12
CA SER B 309 -11.26 -17.61 -21.21
C SER B 309 -12.18 -16.53 -21.77
N THR B 310 -13.31 -17.00 -22.31
CA THR B 310 -14.28 -16.12 -22.94
C THR B 310 -15.27 -15.50 -21.97
N GLN B 311 -15.48 -16.10 -20.80
CA GLN B 311 -16.43 -15.64 -19.80
C GLN B 311 -15.81 -14.56 -18.91
N PRO B 312 -16.59 -13.54 -18.48
CA PRO B 312 -18.00 -13.26 -18.76
C PRO B 312 -18.23 -12.52 -20.07
N THR B 313 -19.48 -12.56 -20.56
CA THR B 313 -19.81 -11.90 -21.81
C THR B 313 -19.69 -10.39 -21.70
N GLU B 314 -19.28 -9.77 -22.81
CA GLU B 314 -19.35 -8.33 -22.95
C GLU B 314 -20.47 -7.93 -23.88
N ASP B 315 -21.25 -8.92 -24.37
CA ASP B 315 -22.41 -8.71 -25.22
C ASP B 315 -22.05 -8.09 -26.56
N ILE B 316 -21.05 -8.64 -27.21
CA ILE B 316 -20.58 -8.05 -28.45
C ILE B 316 -20.99 -8.96 -29.60
N SER B 317 -21.09 -8.37 -30.79
CA SER B 317 -21.66 -9.06 -31.92
C SER B 317 -20.67 -10.09 -32.50
N GLY B 318 -21.21 -11.05 -33.24
CA GLY B 318 -20.33 -12.00 -33.92
C GLY B 318 -19.37 -11.29 -34.85
N GLU B 319 -19.86 -10.27 -35.55
CA GLU B 319 -19.00 -9.43 -36.38
C GLU B 319 -17.82 -8.91 -35.56
N ASP B 320 -18.10 -8.44 -34.34
CA ASP B 320 -17.07 -7.81 -33.54
C ASP B 320 -16.10 -8.83 -32.97
N TRP B 321 -16.61 -10.02 -32.58
CA TRP B 321 -15.72 -11.13 -32.23
C TRP B 321 -14.69 -11.36 -33.32
N GLY B 322 -15.15 -11.51 -34.56
CA GLY B 322 -14.23 -11.75 -35.65
C GLY B 322 -13.21 -10.64 -35.83
N LYS B 323 -13.63 -9.38 -35.61
CA LYS B 323 -12.68 -8.28 -35.69
C LYS B 323 -11.65 -8.37 -34.57
N LEU B 324 -12.07 -8.73 -33.36
CA LEU B 324 -11.10 -8.88 -32.26
C LEU B 324 -10.15 -10.04 -32.51
N ILE B 325 -10.65 -11.16 -33.04
CA ILE B 325 -9.75 -12.26 -33.39
C ILE B 325 -8.75 -11.81 -34.44
N ASP B 326 -9.23 -11.08 -35.45
CA ASP B 326 -8.33 -10.43 -36.41
C ASP B 326 -7.22 -9.66 -35.71
N LEU B 327 -7.60 -8.84 -34.71
CA LEU B 327 -6.63 -7.95 -34.07
C LEU B 327 -5.63 -8.73 -33.22
N MET B 328 -6.01 -9.91 -32.70
CA MET B 328 -5.01 -10.72 -32.02
C MET B 328 -4.16 -11.52 -32.98
N GLY B 329 -4.56 -11.65 -34.25
CA GLY B 329 -3.76 -12.31 -35.25
C GLY B 329 -3.83 -13.84 -35.24
N THR B 330 -4.66 -14.42 -34.38
CA THR B 330 -4.85 -15.86 -34.38
C THR B 330 -6.15 -16.15 -33.64
N ASP B 331 -6.71 -17.34 -33.88
CA ASP B 331 -7.84 -17.77 -33.07
C ASP B 331 -7.43 -18.89 -32.12
N ASP B 332 -6.14 -19.04 -31.87
CA ASP B 332 -5.60 -20.04 -30.94
C ASP B 332 -5.78 -19.64 -29.47
N ILE B 333 -6.14 -18.39 -29.18
CA ILE B 333 -5.98 -17.87 -27.81
C ILE B 333 -7.19 -18.11 -26.91
N LEU B 334 -8.40 -18.13 -27.45
CA LEU B 334 -9.59 -18.10 -26.61
C LEU B 334 -10.03 -19.52 -26.22
N VAL B 335 -10.35 -19.71 -24.94
CA VAL B 335 -10.92 -20.97 -24.44
C VAL B 335 -12.28 -20.70 -23.80
N PHE B 336 -13.27 -21.53 -24.12
CA PHE B 336 -14.59 -21.35 -23.50
C PHE B 336 -14.56 -21.72 -22.03
N SER B 337 -15.40 -21.03 -21.25
CA SER B 337 -15.73 -21.42 -19.88
C SER B 337 -17.15 -20.95 -19.58
N THR B 338 -17.81 -21.67 -18.67
CA THR B 338 -19.10 -21.24 -18.14
C THR B 338 -18.97 -20.37 -16.90
N ASP B 339 -17.93 -20.61 -16.08
CA ASP B 339 -17.81 -20.05 -14.73
C ASP B 339 -18.94 -20.50 -13.79
N TYR B 340 -19.49 -21.68 -14.05
CA TYR B 340 -20.48 -22.25 -13.11
C TYR B 340 -19.83 -22.30 -11.73
N PRO B 341 -20.54 -21.93 -10.65
CA PRO B 341 -21.96 -21.55 -10.61
C PRO B 341 -22.21 -20.05 -10.47
N HIS B 342 -21.40 -19.20 -11.07
CA HIS B 342 -21.51 -17.79 -10.72
C HIS B 342 -22.62 -17.10 -11.49
N PHE B 343 -23.02 -15.94 -10.96
CA PHE B 343 -24.16 -15.20 -11.47
C PHE B 343 -24.06 -14.91 -12.97
N ASP B 344 -22.86 -14.67 -13.47
CA ASP B 344 -22.64 -14.39 -14.89
C ASP B 344 -22.15 -15.61 -15.64
N PHE B 345 -22.65 -16.78 -15.23
CA PHE B 345 -22.60 -18.01 -16.02
C PHE B 345 -22.82 -17.74 -17.51
N ASP B 346 -21.94 -18.33 -18.33
CA ASP B 346 -22.08 -18.31 -19.79
C ASP B 346 -22.58 -19.68 -20.24
N ASP B 347 -23.76 -19.69 -20.86
CA ASP B 347 -24.38 -20.90 -21.39
C ASP B 347 -23.60 -21.40 -22.59
N PRO B 348 -23.14 -22.65 -22.59
CA PRO B 348 -22.35 -23.18 -23.71
C PRO B 348 -23.02 -23.04 -25.07
N ASN B 349 -24.35 -23.02 -25.12
CA ASN B 349 -25.07 -22.98 -26.39
C ASN B 349 -25.32 -21.57 -26.90
N ALA B 350 -25.03 -20.53 -26.10
CA ALA B 350 -25.30 -19.16 -26.51
C ALA B 350 -24.12 -18.22 -26.40
N ALA B 351 -23.04 -18.59 -25.72
CA ALA B 351 -21.99 -17.63 -25.43
C ALA B 351 -21.05 -17.39 -26.62
N ILE B 352 -20.91 -18.37 -27.48
CA ILE B 352 -20.00 -18.27 -28.63
C ILE B 352 -20.76 -18.04 -29.92
N PRO B 353 -20.57 -16.86 -30.54
CA PRO B 353 -21.39 -16.51 -31.71
C PRO B 353 -21.29 -17.52 -32.84
N LYS B 354 -22.45 -17.77 -33.49
CA LYS B 354 -22.54 -18.81 -34.51
C LYS B 354 -22.07 -18.33 -35.87
N SER B 355 -21.93 -17.02 -36.08
CA SER B 355 -21.41 -16.52 -37.35
C SER B 355 -19.91 -16.73 -37.49
N LEU B 356 -19.20 -17.02 -36.41
CA LEU B 356 -17.80 -17.40 -36.51
C LEU B 356 -17.69 -18.73 -37.25
N SER B 357 -16.55 -18.91 -37.93
CA SER B 357 -16.31 -20.15 -38.67
C SER B 357 -16.38 -21.36 -37.73
N SER B 358 -16.69 -22.52 -38.32
CA SER B 358 -16.72 -23.73 -37.50
C SER B 358 -15.33 -24.08 -36.97
N GLY B 359 -14.27 -23.84 -37.76
CA GLY B 359 -12.92 -24.04 -37.23
C GLY B 359 -12.66 -23.22 -35.97
N THR B 360 -12.95 -21.91 -36.05
CA THR B 360 -12.77 -21.02 -34.90
C THR B 360 -13.63 -21.48 -33.73
N ARG B 361 -14.89 -21.74 -33.99
CA ARG B 361 -15.78 -22.18 -32.97
C ARG B 361 -15.27 -23.48 -32.31
N ASP B 362 -14.78 -24.40 -33.09
CA ASP B 362 -14.28 -25.65 -32.53
C ASP B 362 -13.07 -25.41 -31.65
N LYS B 363 -12.16 -24.55 -32.12
CA LYS B 363 -11.01 -24.17 -31.31
C LYS B 363 -11.44 -23.55 -29.99
N ILE B 364 -12.32 -22.55 -30.05
CA ILE B 364 -12.77 -21.86 -28.84
C ILE B 364 -13.45 -22.83 -27.87
N LEU B 365 -14.36 -23.66 -28.39
CA LEU B 365 -15.22 -24.48 -27.54
C LEU B 365 -14.49 -25.69 -26.95
N TRP B 366 -13.42 -26.15 -27.58
CA TRP B 366 -12.70 -27.28 -26.96
C TRP B 366 -11.28 -27.50 -27.49
N LYS B 367 -11.04 -27.19 -28.75
CA LYS B 367 -9.74 -27.61 -29.28
C LYS B 367 -8.56 -26.82 -28.67
N ASN B 368 -8.72 -25.50 -28.47
CA ASN B 368 -7.64 -24.74 -27.84
C ASN B 368 -7.36 -25.27 -26.43
N ALA B 369 -8.41 -25.63 -25.69
CA ALA B 369 -8.22 -26.18 -24.35
C ALA B 369 -7.62 -27.59 -24.40
N ALA B 370 -8.10 -28.42 -25.33
CA ALA B 370 -7.54 -29.76 -25.50
C ALA B 370 -6.03 -29.71 -25.76
N ASP B 371 -5.59 -28.81 -26.63
CA ASP B 371 -4.16 -28.69 -26.87
CA ASP B 371 -4.16 -28.68 -26.88
C ASP B 371 -3.43 -28.12 -25.66
N PHE B 372 -4.09 -27.25 -24.90
CA PHE B 372 -3.49 -26.66 -23.71
C PHE B 372 -3.20 -27.71 -22.65
N TYR B 373 -4.16 -28.60 -22.42
CA TYR B 373 -4.06 -29.62 -21.38
C TYR B 373 -3.44 -30.92 -21.90
N GLY B 374 -3.13 -31.00 -23.18
CA GLY B 374 -2.50 -32.20 -23.73
C GLY B 374 -3.45 -33.37 -23.85
N LEU B 375 -4.70 -33.12 -24.20
CA LEU B 375 -5.75 -34.12 -24.29
C LEU B 375 -5.95 -34.58 -25.74
N ASP B 376 -6.69 -35.67 -25.89
CA ASP B 376 -7.14 -36.20 -27.20
C ASP B 376 -6.02 -36.39 -28.21
N ILE C 34 -14.81 0.81 40.84
CA ILE C 34 -14.25 0.28 39.59
C ILE C 34 -15.10 0.65 38.37
N ILE C 35 -14.45 1.18 37.33
CA ILE C 35 -15.07 1.42 36.03
C ILE C 35 -14.27 0.64 34.99
N ASP C 36 -14.96 -0.12 34.14
CA ASP C 36 -14.34 -0.93 33.10
C ASP C 36 -14.50 -0.20 31.77
N THR C 37 -13.39 0.20 31.17
CA THR C 37 -13.45 1.05 29.99
C THR C 37 -13.43 0.28 28.67
N ASP C 38 -13.39 -1.07 28.69
CA ASP C 38 -13.32 -1.81 27.43
C ASP C 38 -14.03 -3.16 27.54
N VAL C 39 -15.24 -3.25 26.95
CA VAL C 39 -16.09 -4.44 26.98
C VAL C 39 -16.70 -4.65 25.61
N HIS C 40 -16.44 -5.81 25.00
CA HIS C 40 -16.80 -6.06 23.60
C HIS C 40 -18.11 -6.84 23.49
N GLU C 41 -19.22 -6.11 23.45
CA GLU C 41 -20.53 -6.66 23.13
C GLU C 41 -20.70 -6.77 21.62
N SER C 42 -21.61 -7.65 21.20
CA SER C 42 -21.99 -7.71 19.80
C SER C 42 -23.34 -8.38 19.68
N PHE C 43 -23.76 -8.62 18.43
CA PHE C 43 -24.99 -9.33 18.15
C PHE C 43 -24.74 -10.83 18.19
N ALA C 44 -25.83 -11.58 18.25
CA ALA C 44 -25.74 -13.04 18.15
C ALA C 44 -25.44 -13.48 16.72
N SER C 45 -26.13 -12.90 15.75
CA SER C 45 -25.85 -13.12 14.35
C SER C 45 -25.96 -11.79 13.61
N LEU C 46 -25.24 -11.68 12.49
CA LEU C 46 -25.27 -10.44 11.73
C LEU C 46 -26.69 -10.14 11.25
N LYS C 47 -27.51 -11.19 11.09
CA LYS C 47 -28.87 -10.98 10.63
C LYS C 47 -29.78 -10.41 11.71
N ASP C 48 -29.28 -10.23 12.92
CA ASP C 48 -30.06 -9.56 13.96
C ASP C 48 -30.22 -8.07 13.64
N LEU C 49 -29.53 -7.59 12.63
CA LEU C 49 -29.59 -6.19 12.27
C LEU C 49 -30.66 -5.91 11.20
N VAL C 50 -31.06 -6.95 10.50
CA VAL C 50 -32.04 -6.80 9.40
C VAL C 50 -33.28 -5.95 9.75
N PRO C 51 -33.84 -6.16 10.97
CA PRO C 51 -34.98 -5.28 11.36
C PRO C 51 -34.67 -3.80 11.30
N TYR C 52 -33.45 -3.39 11.63
CA TYR C 52 -33.10 -1.96 11.63
C TYR C 52 -32.56 -1.48 10.29
N LEU C 53 -32.56 -2.34 9.29
CA LEU C 53 -31.93 -1.83 8.07
C LEU C 53 -32.99 -1.47 7.04
N PRO C 54 -32.75 -0.41 6.26
CA PRO C 54 -33.61 -0.10 5.12
C PRO C 54 -33.16 -0.84 3.88
N GLU C 55 -34.03 -0.84 2.87
CA GLU C 55 -33.67 -1.47 1.59
C GLU C 55 -32.70 -0.57 0.83
N PRO C 56 -31.83 -1.16 -0.03
CA PRO C 56 -31.64 -2.57 -0.33
C PRO C 56 -30.75 -3.29 0.68
N TYR C 57 -30.26 -2.55 1.67
CA TYR C 57 -29.36 -3.13 2.66
C TYR C 57 -30.03 -4.24 3.45
N LYS C 58 -31.33 -4.08 3.76
CA LYS C 58 -32.06 -5.12 4.49
C LYS C 58 -32.10 -6.43 3.71
N SER C 59 -32.35 -6.35 2.40
CA SER C 59 -32.36 -7.56 1.59
C SER C 59 -30.96 -8.14 1.41
N TRP C 60 -29.94 -7.31 1.20
CA TRP C 60 -28.60 -7.85 1.02
C TRP C 60 -28.16 -8.65 2.25
N ILE C 61 -28.39 -8.10 3.44
CA ILE C 61 -27.95 -8.78 4.66
C ILE C 61 -28.83 -10.00 4.94
N GLY C 62 -30.16 -9.83 4.85
CA GLY C 62 -31.09 -10.92 5.13
C GLY C 62 -30.89 -12.13 4.24
N ASN C 63 -30.54 -11.90 2.97
CA ASN C 63 -30.34 -12.98 2.01
C ASN C 63 -28.88 -13.45 1.89
N GLY C 64 -27.96 -12.90 2.68
CA GLY C 64 -26.60 -13.42 2.70
C GLY C 64 -25.68 -12.88 1.63
N ALA C 65 -25.92 -11.67 1.14
CA ALA C 65 -25.07 -11.10 0.11
C ALA C 65 -23.72 -10.65 0.68
N TRP C 66 -23.69 -10.32 1.97
CA TRP C 66 -22.48 -10.14 2.75
C TRP C 66 -22.65 -10.91 4.05
N ARG C 67 -21.69 -11.77 4.39
CA ARG C 67 -21.80 -12.59 5.59
C ARG C 67 -20.97 -12.06 6.76
N GLY C 68 -20.40 -10.86 6.63
CA GLY C 68 -19.75 -10.21 7.76
C GLY C 68 -18.25 -10.42 7.76
N PHE C 69 -17.65 -10.01 8.88
CA PHE C 69 -16.21 -10.01 9.04
C PHE C 69 -15.70 -11.39 9.46
N SER C 70 -14.43 -11.65 9.15
CA SER C 70 -13.79 -12.90 9.53
C SER C 70 -12.30 -12.60 9.67
N GLN C 71 -11.79 -12.61 10.90
CA GLN C 71 -10.45 -12.09 11.15
C GLN C 71 -9.41 -12.83 10.30
N PRO C 72 -8.48 -12.10 9.67
CA PRO C 72 -7.56 -12.69 8.69
C PRO C 72 -6.34 -13.40 9.29
N PHE C 73 -6.60 -14.25 10.28
CA PHE C 73 -5.53 -14.97 10.96
C PHE C 73 -6.16 -15.95 11.92
N ALA C 74 -5.36 -16.93 12.36
CA ALA C 74 -5.82 -17.91 13.32
C ALA C 74 -5.33 -17.51 14.72
N TYR C 75 -6.27 -17.45 15.67
CA TYR C 75 -5.90 -17.26 17.07
C TYR C 75 -5.11 -18.47 17.55
N THR C 76 -4.13 -18.23 18.43
CA THR C 76 -3.24 -19.30 18.86
C THR C 76 -3.46 -19.76 20.30
N SER C 77 -4.22 -19.04 21.08
CA SER C 77 -4.52 -19.72 22.33
C SER C 77 -5.95 -20.26 22.29
N PRO C 78 -6.24 -21.38 22.98
CA PRO C 78 -7.60 -21.94 22.96
C PRO C 78 -8.67 -20.93 23.35
N GLY C 79 -9.83 -21.03 22.70
CA GLY C 79 -10.92 -20.10 22.96
C GLY C 79 -11.25 -19.13 21.85
N ASN C 80 -10.50 -19.15 20.73
CA ASN C 80 -10.85 -18.37 19.54
C ASN C 80 -10.80 -16.86 19.80
N GLY C 81 -9.85 -16.42 20.63
CA GLY C 81 -9.71 -15.04 20.97
C GLY C 81 -10.50 -14.61 22.19
N ASN C 82 -11.48 -15.40 22.59
CA ASN C 82 -12.18 -15.21 23.85
C ASN C 82 -11.55 -16.07 24.93
N ARG C 83 -11.87 -15.75 26.17
CA ARG C 83 -11.60 -16.70 27.22
C ARG C 83 -12.50 -17.92 27.02
N ALA C 84 -12.07 -19.06 27.56
CA ALA C 84 -12.71 -20.32 27.22
C ALA C 84 -14.15 -20.42 27.72
N ASP C 85 -14.52 -19.63 28.73
CA ASP C 85 -15.87 -19.70 29.29
C ASP C 85 -16.84 -18.68 28.68
N VAL C 86 -16.50 -18.08 27.54
CA VAL C 86 -17.41 -17.18 26.81
C VAL C 86 -17.41 -17.65 25.35
N LYS C 87 -18.36 -18.51 25.01
CA LYS C 87 -18.51 -19.03 23.66
C LYS C 87 -19.61 -18.24 22.96
N SER C 88 -19.24 -17.46 21.96
CA SER C 88 -20.19 -16.60 21.28
C SER C 88 -20.95 -17.37 20.19
N ALA C 89 -22.09 -16.81 19.79
CA ALA C 89 -22.96 -17.51 18.83
C ALA C 89 -22.28 -17.67 17.47
N ASP C 90 -21.73 -16.59 16.92
CA ASP C 90 -21.18 -16.63 15.58
C ASP C 90 -19.69 -16.99 15.53
N GLY C 91 -19.05 -17.28 16.67
CA GLY C 91 -17.66 -17.66 16.71
C GLY C 91 -16.64 -16.52 16.73
N SER C 92 -17.09 -15.27 16.70
CA SER C 92 -16.19 -14.14 16.83
C SER C 92 -15.83 -13.89 18.30
N ALA C 93 -14.76 -13.13 18.51
CA ALA C 93 -14.26 -12.79 19.84
C ALA C 93 -15.08 -11.65 20.44
N SER C 94 -16.31 -11.96 20.79
CA SER C 94 -17.26 -11.01 21.36
C SER C 94 -18.22 -11.77 22.26
N VAL C 95 -19.08 -11.04 22.97
CA VAL C 95 -20.11 -11.62 23.83
C VAL C 95 -21.45 -11.05 23.37
N SER C 96 -22.43 -11.95 23.19
CA SER C 96 -23.77 -11.55 22.76
C SER C 96 -24.83 -11.73 23.83
N ASP C 97 -24.51 -12.35 24.96
CA ASP C 97 -25.49 -12.76 25.97
C ASP C 97 -25.36 -11.81 27.16
N TYR C 98 -26.36 -10.94 27.34
CA TYR C 98 -26.32 -10.02 28.47
C TYR C 98 -26.22 -10.76 29.79
N ASN C 99 -27.05 -11.80 29.99
CA ASN C 99 -27.08 -12.48 31.26
C ASN C 99 -25.74 -13.12 31.58
N LEU C 100 -25.02 -13.59 30.56
CA LEU C 100 -23.67 -14.13 30.78
C LEU C 100 -22.72 -13.05 31.28
N MET C 101 -22.80 -11.85 30.70
CA MET C 101 -21.91 -10.77 31.10
C MET C 101 -22.21 -10.29 32.51
N ARG C 102 -23.51 -10.14 32.82
CA ARG C 102 -23.91 -9.81 34.19
C ARG C 102 -23.28 -10.77 35.18
N SER C 103 -23.41 -12.08 34.93
CA SER C 103 -23.02 -13.08 35.91
C SER C 103 -21.52 -13.30 35.95
N GLN C 104 -20.81 -13.08 34.84
CA GLN C 104 -19.36 -13.26 34.83
C GLN C 104 -18.59 -11.98 35.14
N LEU C 105 -19.13 -10.82 34.77
CA LEU C 105 -18.38 -9.58 34.85
C LEU C 105 -19.05 -8.54 35.74
N LEU C 106 -20.28 -8.12 35.41
CA LEU C 106 -20.89 -6.99 36.09
C LEU C 106 -21.07 -7.28 37.58
N ASP C 107 -21.66 -8.42 37.91
CA ASP C 107 -22.05 -8.74 39.28
C ASP C 107 -20.89 -9.22 40.14
N PRO C 108 -20.07 -10.19 39.70
CA PRO C 108 -19.01 -10.68 40.61
C PRO C 108 -18.04 -9.60 41.05
N TYR C 109 -17.60 -8.76 40.13
CA TYR C 109 -16.89 -7.55 40.50
C TYR C 109 -17.91 -6.47 40.83
N LYS C 110 -17.46 -5.36 41.41
CA LYS C 110 -18.41 -4.37 41.91
C LYS C 110 -18.64 -3.26 40.89
N LEU C 111 -18.73 -3.60 39.60
CA LEU C 111 -18.61 -2.59 38.56
C LEU C 111 -19.65 -1.49 38.75
N SER C 112 -19.17 -0.26 38.95
CA SER C 112 -20.07 0.88 38.90
C SER C 112 -20.54 1.16 37.48
N TYR C 113 -19.66 0.93 36.50
CA TYR C 113 -19.98 1.17 35.10
C TYR C 113 -19.13 0.26 34.22
N ALA C 114 -19.66 -0.04 33.05
CA ALA C 114 -18.96 -0.82 32.04
C ALA C 114 -19.16 -0.13 30.71
N VAL C 115 -18.05 0.13 30.00
CA VAL C 115 -18.12 0.83 28.72
C VAL C 115 -18.20 -0.19 27.60
N LEU C 116 -19.30 -0.15 26.85
CA LEU C 116 -19.52 -1.04 25.72
C LEU C 116 -18.78 -0.47 24.51
N THR C 117 -17.68 -1.10 24.11
CA THR C 117 -16.86 -0.61 23.02
C THR C 117 -17.10 -1.34 21.70
N GLY C 118 -18.11 -2.20 21.63
CA GLY C 118 -18.43 -2.85 20.37
C GLY C 118 -17.42 -3.91 19.97
N TYR C 119 -17.46 -4.26 18.69
CA TYR C 119 -16.54 -5.21 18.09
C TYR C 119 -16.78 -5.27 16.59
N PHE C 120 -18.06 -5.16 16.20
CA PHE C 120 -18.47 -5.05 14.80
C PHE C 120 -18.27 -3.61 14.34
N TYR C 121 -17.25 -3.37 13.50
CA TYR C 121 -16.88 -2.02 13.11
C TYR C 121 -17.04 -1.85 11.61
N PRO C 122 -18.11 -1.19 11.15
CA PRO C 122 -18.35 -1.05 9.71
C PRO C 122 -17.26 -0.31 8.94
N THR C 123 -16.47 0.54 9.60
CA THR C 123 -15.38 1.27 8.96
C THR C 123 -14.41 0.33 8.22
N GLY C 124 -14.29 -0.91 8.67
CA GLY C 124 -13.45 -1.89 8.01
C GLY C 124 -13.89 -2.28 6.60
N LEU C 125 -15.16 -2.04 6.25
CA LEU C 125 -15.57 -2.15 4.84
C LEU C 125 -15.00 -0.95 4.06
N LYS C 126 -14.29 -1.23 2.97
CA LYS C 126 -13.56 -0.19 2.24
C LYS C 126 -14.28 0.29 1.00
N LEU C 127 -15.50 -0.20 0.76
CA LEU C 127 -16.35 0.23 -0.34
C LEU C 127 -17.79 0.18 0.13
N GLN C 128 -18.72 0.53 -0.77
CA GLN C 128 -20.15 0.56 -0.43
C GLN C 128 -20.39 1.31 0.89
N TYR C 129 -20.00 2.60 0.87
CA TYR C 129 -20.05 3.42 2.09
C TYR C 129 -21.47 3.55 2.62
N GLY C 130 -22.46 3.53 1.73
CA GLY C 130 -23.84 3.60 2.16
C GLY C 130 -24.22 2.37 2.95
N LEU C 131 -23.83 1.20 2.47
CA LEU C 131 -24.06 -0.02 3.25
C LEU C 131 -23.37 0.10 4.61
N GLY C 132 -22.14 0.58 4.63
CA GLY C 132 -21.40 0.64 5.89
C GLY C 132 -22.02 1.60 6.89
N SER C 133 -22.49 2.76 6.40
CA SER C 133 -23.17 3.69 7.30
C SER C 133 -24.47 3.10 7.81
N ALA C 134 -25.24 2.46 6.92
CA ALA C 134 -26.45 1.77 7.34
C ALA C 134 -26.15 0.75 8.42
N LEU C 135 -25.06 -0.01 8.25
CA LEU C 135 -24.73 -1.04 9.24
C LEU C 135 -24.41 -0.42 10.59
N ALA C 136 -23.73 0.74 10.59
CA ALA C 136 -23.42 1.41 11.86
C ALA C 136 -24.71 1.83 12.56
N SER C 137 -25.62 2.46 11.82
CA SER C 137 -26.88 2.92 12.40
C SER C 137 -27.70 1.75 12.91
N ALA C 138 -27.80 0.69 12.11
CA ALA C 138 -28.52 -0.50 12.56
C ALA C 138 -27.86 -1.10 13.79
N TYR C 139 -26.51 -1.05 13.85
CA TYR C 139 -25.85 -1.66 14.98
C TYR C 139 -26.06 -0.84 16.26
N ASN C 140 -26.14 0.49 16.14
CA ASN C 140 -26.38 1.33 17.31
C ASN C 140 -27.80 1.14 17.84
N ASP C 141 -28.77 1.00 16.95
CA ASP C 141 -30.13 0.67 17.36
C ASP C 141 -30.17 -0.65 18.12
N TYR C 142 -29.50 -1.68 17.57
CA TYR C 142 -29.50 -3.00 18.22
C TYR C 142 -28.89 -2.95 19.62
N VAL C 143 -27.79 -2.22 19.80
CA VAL C 143 -27.16 -2.21 21.11
C VAL C 143 -28.01 -1.44 22.11
N LEU C 144 -28.65 -0.35 21.67
CA LEU C 144 -29.51 0.38 22.57
C LEU C 144 -30.66 -0.50 23.04
N GLU C 145 -31.27 -1.20 22.11
CA GLU C 145 -32.46 -2.02 22.46
C GLU C 145 -32.08 -3.26 23.28
N HIS C 146 -30.96 -3.91 22.97
CA HIS C 146 -30.63 -5.21 23.62
C HIS C 146 -29.51 -5.13 24.66
N TRP C 147 -28.77 -4.02 24.73
CA TRP C 147 -27.71 -3.92 25.74
C TRP C 147 -27.93 -2.71 26.65
N ILE C 148 -27.81 -1.49 26.12
CA ILE C 148 -27.70 -0.31 26.97
C ILE C 148 -28.95 -0.12 27.82
N SER C 149 -30.11 -0.43 27.25
CA SER C 149 -31.36 -0.27 28.00
C SER C 149 -31.58 -1.39 29.00
N LYS C 150 -30.77 -2.45 28.99
CA LYS C 150 -30.95 -3.54 29.93
C LYS C 150 -30.23 -3.32 31.26
N ASP C 151 -29.45 -2.25 31.39
CA ASP C 151 -28.68 -2.07 32.62
C ASP C 151 -28.16 -0.64 32.76
N LYS C 152 -28.38 -0.04 33.94
CA LYS C 152 -27.94 1.32 34.17
C LYS C 152 -26.44 1.45 34.33
N ARG C 153 -25.72 0.35 34.51
CA ARG C 153 -24.27 0.39 34.63
C ARG C 153 -23.56 0.48 33.28
N PHE C 154 -24.28 0.44 32.16
CA PHE C 154 -23.65 0.52 30.84
C PHE C 154 -23.46 1.97 30.41
N LEU C 155 -22.28 2.24 29.85
CA LEU C 155 -22.02 3.43 29.05
C LEU C 155 -21.87 3.00 27.59
N GLY C 156 -22.23 3.88 26.67
CA GLY C 156 -22.29 3.47 25.28
C GLY C 156 -21.37 4.23 24.35
N SER C 157 -21.12 3.63 23.22
CA SER C 157 -20.18 4.21 22.24
C SER C 157 -20.92 4.29 20.90
N VAL C 158 -20.85 5.43 20.25
CA VAL C 158 -21.49 5.58 18.92
C VAL C 158 -20.59 4.90 17.89
N GLN C 159 -21.08 3.84 17.25
CA GLN C 159 -20.32 3.16 16.19
C GLN C 159 -20.61 3.91 14.89
N ILE C 160 -19.62 4.02 14.01
CA ILE C 160 -19.75 4.82 12.80
C ILE C 160 -19.08 4.10 11.64
N ASN C 161 -19.30 4.64 10.44
CA ASN C 161 -18.49 4.35 9.27
C ASN C 161 -17.68 5.62 9.06
N ALA C 162 -16.46 5.66 9.60
CA ALA C 162 -15.67 6.87 9.49
C ALA C 162 -15.32 7.21 8.04
N ARG C 163 -15.46 6.26 7.10
CA ARG C 163 -15.11 6.56 5.72
C ARG C 163 -16.01 7.61 5.07
N ASP C 164 -17.20 7.86 5.65
CA ASP C 164 -18.14 8.91 5.18
C ASP C 164 -18.31 9.83 6.39
N PRO C 165 -17.44 10.83 6.57
CA PRO C 165 -17.45 11.60 7.83
C PRO C 165 -18.72 12.39 8.05
N GLU C 166 -19.40 12.79 6.99
CA GLU C 166 -20.59 13.64 7.15
C GLU C 166 -21.75 12.74 7.58
N ALA C 167 -21.85 11.55 6.99
CA ALA C 167 -22.86 10.60 7.47
C ALA C 167 -22.55 10.16 8.89
N ALA C 168 -21.27 10.11 9.28
CA ALA C 168 -20.95 9.73 10.65
C ALA C 168 -21.26 10.85 11.61
N ALA C 169 -21.07 12.10 11.16
CA ALA C 169 -21.48 13.25 11.96
C ALA C 169 -22.97 13.22 12.25
N ARG C 170 -23.77 12.83 11.25
CA ARG C 170 -25.21 12.75 11.44
C ARG C 170 -25.57 11.62 12.40
N GLU C 171 -24.94 10.46 12.24
CA GLU C 171 -25.21 9.36 13.16
C GLU C 171 -24.81 9.72 14.60
N ILE C 172 -23.77 10.53 14.77
CA ILE C 172 -23.39 11.02 16.09
C ILE C 172 -24.48 11.95 16.63
N ASP C 173 -24.97 12.86 15.78
CA ASP C 173 -26.12 13.69 16.16
C ASP C 173 -27.25 12.81 16.65
N ARG C 174 -27.60 11.80 15.85
CA ARG C 174 -28.76 10.98 16.16
C ARG C 174 -28.64 10.31 17.51
N MET C 175 -27.48 9.71 17.80
CA MET C 175 -27.41 8.85 18.97
C MET C 175 -26.97 9.57 20.24
N ALA C 176 -26.52 10.82 20.13
CA ALA C 176 -26.07 11.53 21.33
C ALA C 176 -27.22 11.83 22.27
N ALA C 177 -28.45 11.86 21.76
CA ALA C 177 -29.61 12.23 22.55
C ALA C 177 -30.00 11.18 23.59
N HIS C 178 -29.22 10.11 23.76
CA HIS C 178 -29.49 9.19 24.86
C HIS C 178 -28.42 9.35 25.93
N PRO C 179 -28.81 9.42 27.21
CA PRO C 179 -27.84 9.83 28.24
C PRO C 179 -26.70 8.84 28.47
N GLN C 180 -26.92 7.54 28.25
CA GLN C 180 -25.85 6.58 28.49
C GLN C 180 -24.76 6.63 27.44
N ILE C 181 -25.05 7.16 26.24
CA ILE C 181 -24.05 7.28 25.19
C ILE C 181 -23.08 8.37 25.59
N ARG C 182 -21.79 8.04 25.69
CA ARG C 182 -20.79 9.01 26.13
C ARG C 182 -19.63 9.21 25.18
N GLN C 183 -19.41 8.33 24.19
CA GLN C 183 -18.27 8.52 23.31
C GLN C 183 -18.57 8.05 21.89
N VAL C 184 -17.69 8.47 20.97
CA VAL C 184 -17.64 7.99 19.58
C VAL C 184 -16.49 7.01 19.47
N MET C 185 -16.72 5.90 18.76
CA MET C 185 -15.70 4.87 18.62
C MET C 185 -15.08 5.02 17.24
N LEU C 186 -13.80 5.41 17.21
CA LEU C 186 -13.01 5.53 16.01
C LEU C 186 -12.17 4.27 15.86
N PRO C 187 -12.56 3.31 15.03
CA PRO C 187 -11.82 2.06 14.97
C PRO C 187 -10.61 2.20 14.07
N VAL C 188 -9.50 1.64 14.54
CA VAL C 188 -8.21 1.77 13.88
C VAL C 188 -8.11 0.63 12.88
N VAL C 189 -8.42 0.94 11.62
CA VAL C 189 -8.33 0.02 10.49
C VAL C 189 -6.92 0.10 9.91
N ASP C 190 -6.74 -0.39 8.68
CA ASP C 190 -5.40 -0.50 8.11
C ASP C 190 -4.91 0.80 7.48
N ASP C 191 -5.81 1.72 7.08
CA ASP C 191 -5.41 2.82 6.21
C ASP C 191 -5.89 4.20 6.69
N ILE C 192 -6.26 4.39 7.95
CA ILE C 192 -6.81 5.68 8.38
C ILE C 192 -5.94 6.27 9.48
N ALA C 193 -5.45 7.48 9.24
CA ALA C 193 -4.81 8.31 10.26
C ALA C 193 -5.81 9.41 10.61
N TYR C 194 -6.39 9.35 11.82
CA TYR C 194 -7.60 10.15 12.07
C TYR C 194 -7.32 11.65 12.18
N GLY C 195 -6.05 12.05 12.18
CA GLY C 195 -5.75 13.47 12.08
C GLY C 195 -5.89 14.06 10.70
N HIS C 196 -6.13 13.23 9.67
CA HIS C 196 -6.33 13.81 8.36
C HIS C 196 -7.54 14.75 8.40
N PRO C 197 -7.43 15.98 7.90
CA PRO C 197 -8.55 16.92 7.97
C PRO C 197 -9.86 16.40 7.38
N MET C 198 -9.79 15.37 6.53
CA MET C 198 -11.01 14.73 6.04
C MET C 198 -11.96 14.35 7.16
N TYR C 199 -11.42 13.96 8.32
CA TYR C 199 -12.22 13.39 9.40
C TYR C 199 -12.70 14.42 10.42
N ARG C 200 -12.42 15.70 10.18
CA ARG C 200 -12.84 16.74 11.12
C ARG C 200 -14.35 16.76 11.41
N PRO C 201 -15.26 16.53 10.46
CA PRO C 201 -16.70 16.49 10.84
C PRO C 201 -17.02 15.48 11.92
N ILE C 202 -16.27 14.37 12.00
CA ILE C 202 -16.46 13.43 13.10
C ILE C 202 -16.15 14.12 14.42
N PHE C 203 -14.99 14.77 14.50
CA PHE C 203 -14.59 15.41 15.76
C PHE C 203 -15.49 16.59 16.10
N ALA C 204 -15.87 17.39 15.09
CA ALA C 204 -16.78 18.51 15.33
C ALA C 204 -18.11 18.01 15.88
N ALA C 205 -18.60 16.89 15.34
CA ALA C 205 -19.86 16.30 15.79
C ALA C 205 -19.74 15.82 17.23
N ALA C 206 -18.62 15.18 17.58
CA ALA C 206 -18.45 14.65 18.93
C ALA C 206 -18.41 15.77 19.96
N GLU C 207 -17.66 16.83 19.69
CA GLU C 207 -17.57 17.95 20.63
C GLU C 207 -18.91 18.66 20.74
N ARG C 208 -19.56 18.86 19.59
CA ARG C 208 -20.86 19.52 19.54
C ARG C 208 -21.89 18.78 20.38
N ASN C 209 -21.83 17.46 20.39
CA ASN C 209 -22.79 16.66 21.14
C ASN C 209 -22.28 16.24 22.51
N LYS C 210 -21.18 16.86 22.99
CA LYS C 210 -20.59 16.61 24.32
C LYS C 210 -20.16 15.17 24.53
N LEU C 211 -19.77 14.49 23.45
CA LEU C 211 -19.25 13.12 23.54
C LEU C 211 -17.73 13.15 23.52
N MET C 212 -17.12 12.14 24.15
CA MET C 212 -15.69 11.96 24.07
C MET C 212 -15.37 11.03 22.91
N VAL C 213 -14.09 10.68 22.77
CA VAL C 213 -13.61 9.94 21.61
C VAL C 213 -12.73 8.80 22.11
N ALA C 214 -13.01 7.59 21.60
CA ALA C 214 -12.20 6.41 21.86
C ALA C 214 -11.64 5.87 20.55
N PHE C 215 -10.41 5.32 20.61
CA PHE C 215 -9.79 4.56 19.51
C PHE C 215 -9.60 3.13 19.96
N HIS C 216 -9.91 2.17 19.09
CA HIS C 216 -9.71 0.76 19.37
C HIS C 216 -9.24 0.05 18.11
N HIS C 217 -8.28 -0.85 18.27
CA HIS C 217 -7.76 -1.57 17.11
C HIS C 217 -8.82 -2.55 16.56
N THR C 218 -8.77 -2.75 15.23
CA THR C 218 -9.59 -3.74 14.55
C THR C 218 -8.76 -4.98 14.19
N THR C 219 -9.43 -5.95 13.57
CA THR C 219 -8.73 -7.09 12.97
C THR C 219 -7.88 -6.69 11.77
N PHE C 220 -7.97 -5.45 11.31
CA PHE C 220 -7.18 -4.96 10.19
C PHE C 220 -6.00 -4.10 10.63
N ALA C 221 -5.78 -3.95 11.94
CA ALA C 221 -4.69 -3.13 12.42
C ALA C 221 -3.35 -3.71 11.98
N GLN C 222 -2.41 -2.84 11.63
CA GLN C 222 -1.12 -3.30 11.11
C GLN C 222 -0.05 -2.27 11.39
N GLY C 223 1.20 -2.69 11.21
CA GLY C 223 2.32 -1.80 11.30
C GLY C 223 2.68 -1.27 9.93
N PRO C 224 3.84 -0.64 9.81
CA PRO C 224 4.21 0.01 8.53
C PRO C 224 4.42 -0.97 7.40
N TYR C 225 4.68 -2.25 7.70
CA TYR C 225 4.98 -3.26 6.69
C TYR C 225 3.94 -4.37 6.68
N GLY C 226 2.73 -4.06 7.14
CA GLY C 226 1.67 -5.03 7.23
C GLY C 226 1.50 -5.59 8.63
N MET C 227 0.91 -6.76 8.75
CA MET C 227 0.57 -7.34 10.04
C MET C 227 1.57 -8.32 10.64
N GLY C 228 2.72 -8.47 10.01
CA GLY C 228 3.66 -9.45 10.48
C GLY C 228 3.40 -10.81 9.86
N LEU C 229 4.22 -11.79 10.22
CA LEU C 229 4.15 -13.12 9.60
C LEU C 229 3.55 -14.19 10.51
N HIS C 230 3.18 -13.85 11.74
CA HIS C 230 2.57 -14.78 12.68
C HIS C 230 1.68 -14.00 13.61
N TYR C 231 0.71 -14.68 14.20
CA TYR C 231 -0.18 -14.01 15.13
C TYR C 231 0.60 -13.38 16.27
N MET C 232 1.62 -14.07 16.78
CA MET C 232 2.47 -13.51 17.81
C MET C 232 2.99 -12.13 17.40
N GLU C 233 3.52 -12.03 16.17
CA GLU C 233 4.03 -10.75 15.68
C GLU C 233 2.89 -9.75 15.44
N ARG C 234 1.81 -10.18 14.79
CA ARG C 234 0.64 -9.33 14.60
C ARG C 234 0.19 -8.68 15.90
N HIS C 235 0.20 -9.47 16.97
CA HIS C 235 -0.26 -8.91 18.23
C HIS C 235 0.79 -7.98 18.83
N CYS C 236 2.09 -8.26 18.60
CA CYS C 236 3.15 -7.33 18.97
C CYS C 236 2.95 -5.97 18.33
N LEU C 237 2.37 -5.93 17.13
CA LEU C 237 2.29 -4.71 16.32
C LEU C 237 1.12 -3.81 16.69
N ILE C 238 0.21 -4.27 17.56
CA ILE C 238 -0.99 -3.47 17.86
C ILE C 238 -0.63 -2.11 18.45
N PRO C 239 0.34 -1.97 19.37
CA PRO C 239 0.73 -0.61 19.79
C PRO C 239 1.26 0.24 18.66
N ILE C 240 2.02 -0.37 17.75
CA ILE C 240 2.57 0.36 16.61
C ILE C 240 1.47 0.92 15.74
N SER C 241 0.35 0.21 15.60
CA SER C 241 -0.77 0.77 14.86
C SER C 241 -1.47 1.89 15.62
N LEU C 242 -1.36 1.93 16.96
CA LEU C 242 -2.07 2.96 17.72
C LEU C 242 -1.24 4.21 17.97
N MET C 243 0.06 4.10 18.26
CA MET C 243 0.86 5.28 18.55
C MET C 243 0.77 6.38 17.48
N PRO C 244 0.71 6.08 16.18
CA PRO C 244 0.58 7.18 15.20
C PRO C 244 -0.73 7.96 15.33
N GLN C 245 -1.78 7.33 15.87
CA GLN C 245 -3.04 8.06 16.05
C GLN C 245 -2.85 9.20 17.03
N VAL C 246 -2.09 8.96 18.11
CA VAL C 246 -1.76 10.06 19.02
C VAL C 246 -0.96 11.13 18.28
N ILE C 247 0.07 10.70 17.52
CA ILE C 247 0.89 11.68 16.80
C ILE C 247 0.07 12.41 15.75
N SER C 248 -0.82 11.68 15.06
CA SER C 248 -1.61 12.30 14.01
C SER C 248 -2.55 13.36 14.57
N LEU C 249 -3.22 13.04 15.69
CA LEU C 249 -4.16 13.97 16.30
C LEU C 249 -3.49 15.28 16.71
N ILE C 250 -2.34 15.18 17.40
CA ILE C 250 -1.70 16.40 17.91
C ILE C 250 -1.03 17.17 16.80
N ALA C 251 -0.30 16.49 15.92
CA ALA C 251 0.40 17.18 14.86
C ALA C 251 -0.56 17.95 13.97
N ASN C 252 -1.77 17.43 13.79
CA ASN C 252 -2.72 18.04 12.90
C ASN C 252 -3.73 18.92 13.64
N GLY C 253 -3.44 19.27 14.90
CA GLY C 253 -4.24 20.23 15.63
C GLY C 253 -5.62 19.77 16.01
N VAL C 254 -5.86 18.47 16.08
CA VAL C 254 -7.18 18.01 16.54
C VAL C 254 -7.38 18.37 18.00
N PHE C 255 -6.32 18.26 18.81
CA PHE C 255 -6.43 18.63 20.22
C PHE C 255 -6.75 20.11 20.36
N ASP C 256 -6.08 20.95 19.56
CA ASP C 256 -6.24 22.39 19.71
C ASP C 256 -7.60 22.85 19.21
N SER C 257 -8.06 22.26 18.10
CA SER C 257 -9.32 22.67 17.42
C SER C 257 -10.58 22.22 18.16
N TYR C 258 -10.44 21.25 19.04
CA TYR C 258 -11.58 20.69 19.77
C TYR C 258 -11.24 20.65 21.24
N PRO C 259 -11.20 21.82 21.90
CA PRO C 259 -10.68 21.88 23.28
C PRO C 259 -11.52 21.14 24.30
N ASN C 260 -12.76 20.75 23.99
CA ASN C 260 -13.57 20.02 24.95
C ASN C 260 -13.56 18.51 24.73
N LEU C 261 -12.83 18.01 23.73
CA LEU C 261 -12.69 16.58 23.57
C LEU C 261 -11.56 16.05 24.43
N ARG C 262 -11.77 14.87 25.01
CA ARG C 262 -10.68 14.01 25.47
C ARG C 262 -10.70 12.72 24.65
N PHE C 263 -9.54 12.07 24.59
CA PHE C 263 -9.27 10.98 23.66
C PHE C 263 -8.77 9.76 24.43
N MET C 264 -9.45 8.63 24.28
CA MET C 264 -9.03 7.40 24.93
C MET C 264 -8.52 6.39 23.89
N VAL C 265 -7.36 5.83 24.15
CA VAL C 265 -6.78 4.84 23.26
C VAL C 265 -6.75 3.53 24.04
N LEU C 266 -7.57 2.59 23.60
CA LEU C 266 -7.71 1.30 24.25
C LEU C 266 -6.67 0.31 23.75
N GLU C 267 -6.14 -0.49 24.68
CA GLU C 267 -5.48 -1.76 24.40
C GLU C 267 -4.11 -1.60 23.71
N GLY C 268 -3.54 -0.41 23.67
CA GLY C 268 -2.22 -0.30 23.08
C GLY C 268 -1.05 -0.33 24.04
N GLY C 269 -1.29 -0.52 25.33
CA GLY C 269 -0.28 -0.37 26.34
C GLY C 269 -0.10 1.08 26.75
N PHE C 270 0.70 1.29 27.80
CA PHE C 270 1.09 2.63 28.19
C PHE C 270 2.59 2.85 28.36
N SER C 271 3.41 1.78 28.38
CA SER C 271 4.82 1.96 28.71
C SER C 271 5.60 2.69 27.62
N TRP C 272 5.01 2.90 26.44
CA TRP C 272 5.62 3.67 25.37
C TRP C 272 5.28 5.15 25.42
N LEU C 273 4.33 5.55 26.28
CA LEU C 273 3.87 6.93 26.25
C LEU C 273 4.97 7.92 26.63
N PRO C 274 5.83 7.68 27.63
CA PRO C 274 6.93 8.63 27.85
C PRO C 274 7.74 8.90 26.59
N HIS C 275 8.06 7.85 25.82
CA HIS C 275 8.77 8.07 24.56
C HIS C 275 7.98 9.01 23.64
N VAL C 276 6.68 8.74 23.46
CA VAL C 276 5.93 9.51 22.46
C VAL C 276 5.77 10.96 22.91
N MET C 277 5.55 11.19 24.21
CA MET C 277 5.47 12.58 24.68
C MET C 277 6.79 13.30 24.56
N TRP C 278 7.90 12.66 24.95
CA TRP C 278 9.20 13.30 24.79
C TRP C 278 9.52 13.54 23.33
N ARG C 279 9.32 12.53 22.48
CA ARG C 279 9.68 12.69 21.07
C ARG C 279 8.86 13.80 20.43
N MET C 280 7.58 13.85 20.69
CA MET C 280 6.74 14.89 20.17
C MET C 280 7.16 16.31 20.63
N ASP C 281 7.52 16.40 21.89
CA ASP C 281 7.99 17.68 22.40
C ASP C 281 9.24 18.14 21.66
N ARG C 282 10.17 17.22 21.43
CA ARG C 282 11.39 17.52 20.68
C ARG C 282 11.07 18.01 19.28
N GLU C 283 10.16 17.31 18.57
CA GLU C 283 9.79 17.74 17.23
C GLU C 283 9.05 19.06 17.27
N TYR C 284 8.19 19.26 18.28
CA TYR C 284 7.45 20.52 18.39
C TYR C 284 8.40 21.70 18.50
N ARG C 285 9.37 21.61 19.42
CA ARG C 285 10.34 22.70 19.61
C ARG C 285 11.10 22.99 18.33
N GLN C 286 11.62 21.94 17.67
CA GLN C 286 12.39 22.15 16.45
C GLN C 286 11.54 22.39 15.22
N GLY C 287 10.22 22.20 15.30
CA GLY C 287 9.36 22.32 14.13
C GLY C 287 8.37 23.45 14.17
N ARG C 288 8.35 24.18 15.29
CA ARG C 288 7.34 25.24 15.54
C ARG C 288 6.84 25.98 14.29
N VAL C 289 7.74 26.49 13.45
CA VAL C 289 7.33 27.33 12.34
C VAL C 289 6.41 26.60 11.37
N GLU C 290 6.41 25.27 11.40
CA GLU C 290 5.54 24.51 10.50
C GLU C 290 4.15 24.27 11.07
N VAL C 291 4.01 24.28 12.39
CA VAL C 291 2.74 23.84 12.98
C VAL C 291 2.25 24.89 13.98
N PRO C 292 2.04 26.14 13.56
CA PRO C 292 1.63 27.18 14.54
C PRO C 292 0.28 26.94 15.19
N TRP C 293 -0.55 26.05 14.63
CA TRP C 293 -1.86 25.76 15.20
C TRP C 293 -1.77 24.99 16.50
N ILE C 294 -0.61 24.42 16.82
CA ILE C 294 -0.42 23.71 18.09
C ILE C 294 0.11 24.72 19.10
N LYS C 295 -0.63 24.90 20.19
CA LYS C 295 -0.34 25.96 21.14
C LYS C 295 0.00 25.49 22.54
N LYS C 296 0.07 24.17 22.79
CA LYS C 296 0.67 23.61 23.99
C LYS C 296 1.76 22.61 23.60
N LEU C 297 2.63 22.33 24.55
CA LEU C 297 3.58 21.24 24.36
C LEU C 297 2.78 19.96 24.14
N PRO C 298 3.12 19.15 23.12
CA PRO C 298 2.40 17.88 22.93
C PRO C 298 2.21 17.14 24.23
N SER C 299 3.28 17.06 25.03
CA SER C 299 3.20 16.31 26.28
C SER C 299 2.09 16.83 27.19
N GLN C 300 1.92 18.17 27.26
CA GLN C 300 0.88 18.71 28.14
C GLN C 300 -0.51 18.39 27.61
N HIS C 301 -0.70 18.48 26.29
CA HIS C 301 -1.94 17.98 25.68
C HIS C 301 -2.24 16.58 26.19
N CYS C 302 -1.23 15.72 26.17
CA CYS C 302 -1.44 14.33 26.55
C CYS C 302 -1.79 14.20 28.02
N ARG C 303 -1.06 14.91 28.89
CA ARG C 303 -1.39 14.88 30.31
C ARG C 303 -2.83 15.29 30.56
N GLU C 304 -3.29 16.32 29.85
CA GLU C 304 -4.62 16.87 30.11
C GLU C 304 -5.72 15.96 29.56
N ARG C 305 -5.63 15.58 28.28
CA ARG C 305 -6.78 15.03 27.59
C ARG C 305 -6.53 13.71 26.86
N LEU C 306 -5.44 13.00 27.13
CA LEU C 306 -5.20 11.69 26.54
C LEU C 306 -5.26 10.62 27.62
N ARG C 307 -6.05 9.57 27.39
CA ARG C 307 -6.20 8.49 28.35
C ARG C 307 -5.89 7.15 27.69
N LEU C 308 -5.31 6.23 28.47
CA LEU C 308 -4.81 4.95 27.98
C LEU C 308 -5.27 3.83 28.89
N SER C 309 -5.68 2.70 28.30
CA SER C 309 -6.08 1.51 29.05
C SER C 309 -4.87 0.80 29.65
N THR C 310 -5.12 0.09 30.75
CA THR C 310 -4.09 -0.71 31.41
C THR C 310 -3.94 -2.10 30.82
N GLN C 311 -5.00 -2.65 30.21
CA GLN C 311 -5.01 -3.96 29.55
C GLN C 311 -4.46 -3.87 28.13
N PRO C 312 -3.69 -4.86 27.66
CA PRO C 312 -3.26 -6.09 28.34
C PRO C 312 -2.04 -5.89 29.23
N THR C 313 -1.84 -6.80 30.18
CA THR C 313 -0.73 -6.69 31.12
C THR C 313 0.59 -6.91 30.39
N GLU C 314 1.63 -6.21 30.85
CA GLU C 314 2.99 -6.48 30.41
C GLU C 314 3.83 -7.14 31.49
N ASP C 315 3.18 -7.67 32.55
CA ASP C 315 3.87 -8.38 33.64
C ASP C 315 4.95 -7.52 34.27
N ILE C 316 4.66 -6.26 34.43
CA ILE C 316 5.62 -5.31 34.95
C ILE C 316 5.38 -5.14 36.45
N SER C 317 6.47 -4.98 37.21
CA SER C 317 6.39 -4.87 38.66
C SER C 317 5.72 -3.57 39.09
N GLY C 318 5.19 -3.59 40.31
CA GLY C 318 4.63 -2.37 40.88
C GLY C 318 5.63 -1.24 40.96
N GLU C 319 6.88 -1.55 41.27
CA GLU C 319 7.89 -0.50 41.30
C GLU C 319 8.07 0.13 39.93
N ASP C 320 8.00 -0.67 38.87
CA ASP C 320 8.19 -0.14 37.52
C ASP C 320 6.97 0.61 37.01
N TRP C 321 5.76 0.20 37.42
CA TRP C 321 4.57 1.01 37.21
C TRP C 321 4.79 2.42 37.77
N GLY C 322 5.31 2.49 39.00
CA GLY C 322 5.57 3.78 39.61
C GLY C 322 6.57 4.61 38.80
N LYS C 323 7.67 3.97 38.39
CA LYS C 323 8.63 4.68 37.54
C LYS C 323 7.97 5.17 36.25
N LEU C 324 7.12 4.32 35.64
CA LEU C 324 6.49 4.74 34.38
C LEU C 324 5.55 5.90 34.60
N ILE C 325 4.75 5.83 35.67
CA ILE C 325 3.86 6.93 36.02
C ILE C 325 4.68 8.19 36.30
N ASP C 326 5.74 8.04 37.08
CA ASP C 326 6.67 9.15 37.31
C ASP C 326 7.19 9.72 35.98
N LEU C 327 7.54 8.84 35.04
CA LEU C 327 8.04 9.33 33.75
C LEU C 327 6.94 10.02 32.93
N MET C 328 5.66 9.66 33.13
CA MET C 328 4.63 10.35 32.37
C MET C 328 4.33 11.73 32.92
N GLY C 329 4.80 12.06 34.12
CA GLY C 329 4.55 13.35 34.72
C GLY C 329 3.24 13.48 35.49
N THR C 330 2.38 12.46 35.47
CA THR C 330 1.09 12.53 36.15
C THR C 330 0.50 11.13 36.26
N ASP C 331 -0.53 10.99 37.09
CA ASP C 331 -1.27 9.74 37.18
C ASP C 331 -2.73 9.89 36.74
N ASP C 332 -3.05 10.98 36.02
CA ASP C 332 -4.37 11.20 35.42
C ASP C 332 -4.62 10.32 34.18
N ILE C 333 -3.61 9.65 33.63
CA ILE C 333 -3.69 9.13 32.27
C ILE C 333 -4.33 7.75 32.21
N LEU C 334 -3.89 6.82 33.04
CA LEU C 334 -4.31 5.42 32.94
C LEU C 334 -5.72 5.21 33.47
N VAL C 335 -6.51 4.44 32.70
CA VAL C 335 -7.87 4.02 33.06
C VAL C 335 -7.94 2.50 32.98
N PHE C 336 -8.51 1.87 34.00
CA PHE C 336 -8.60 0.40 34.02
C PHE C 336 -9.56 -0.11 32.95
N SER C 337 -9.30 -1.32 32.46
CA SER C 337 -10.27 -2.06 31.67
C SER C 337 -10.00 -3.55 31.85
N THR C 338 -10.98 -4.37 31.48
CA THR C 338 -10.80 -5.81 31.51
C THR C 338 -10.60 -6.41 30.13
N ASP C 339 -11.22 -5.81 29.12
CA ASP C 339 -11.30 -6.36 27.77
C ASP C 339 -12.09 -7.67 27.74
N TYR C 340 -13.04 -7.80 28.67
CA TYR C 340 -14.00 -8.89 28.60
C TYR C 340 -14.68 -8.90 27.24
N PRO C 341 -14.86 -10.05 26.61
CA PRO C 341 -14.52 -11.41 27.05
C PRO C 341 -13.24 -11.97 26.42
N HIS C 342 -12.28 -11.11 26.09
CA HIS C 342 -11.14 -11.58 25.32
C HIS C 342 -10.19 -12.43 26.16
N PHE C 343 -9.36 -13.20 25.45
CA PHE C 343 -8.51 -14.20 26.09
C PHE C 343 -7.57 -13.59 27.12
N ASP C 344 -7.05 -12.39 26.84
CA ASP C 344 -6.17 -11.71 27.77
C ASP C 344 -6.92 -10.74 28.68
N PHE C 345 -8.14 -11.13 29.05
CA PHE C 345 -8.94 -10.39 30.04
C PHE C 345 -8.11 -10.10 31.29
N ASP C 346 -8.18 -8.87 31.78
CA ASP C 346 -7.43 -8.44 32.99
C ASP C 346 -8.35 -8.44 34.22
N ASP C 347 -8.11 -9.35 35.16
CA ASP C 347 -8.90 -9.44 36.41
C ASP C 347 -8.76 -8.15 37.20
N PRO C 348 -9.88 -7.52 37.58
CA PRO C 348 -9.81 -6.31 38.43
C PRO C 348 -8.96 -6.49 39.68
N ASN C 349 -9.17 -7.57 40.44
CA ASN C 349 -8.59 -7.69 41.77
C ASN C 349 -7.08 -7.92 41.75
N ALA C 350 -6.47 -8.19 40.59
CA ALA C 350 -5.03 -8.41 40.53
C ALA C 350 -4.40 -7.74 39.32
N ALA C 351 -5.00 -6.68 38.80
CA ALA C 351 -4.53 -5.97 37.62
C ALA C 351 -3.65 -4.77 37.96
N ILE C 352 -4.08 -3.96 38.93
CA ILE C 352 -3.39 -2.73 39.28
C ILE C 352 -2.50 -3.03 40.50
N PRO C 353 -1.19 -2.81 40.35
CA PRO C 353 -0.33 -3.12 41.49
C PRO C 353 -0.74 -2.47 42.83
N LYS C 354 -0.91 -3.29 43.84
CA LYS C 354 -1.30 -2.81 45.16
C LYS C 354 -0.17 -2.06 45.84
N SER C 355 0.99 -2.02 45.25
CA SER C 355 2.08 -1.23 45.77
C SER C 355 1.85 0.21 45.46
N LEU C 356 0.95 0.48 44.53
CA LEU C 356 0.70 1.86 44.14
C LEU C 356 -0.02 2.59 45.26
N SER C 357 0.23 3.91 45.35
CA SER C 357 -0.44 4.73 46.34
C SER C 357 -1.95 4.68 46.13
N SER C 358 -2.70 4.72 47.22
CA SER C 358 -4.15 4.52 47.15
C SER C 358 -4.84 5.63 46.37
N GLY C 359 -4.25 6.83 46.37
CA GLY C 359 -4.77 7.88 45.49
C GLY C 359 -4.59 7.53 44.01
N THR C 360 -3.42 7.00 43.65
CA THR C 360 -3.17 6.61 42.26
C THR C 360 -4.04 5.42 41.87
N ARG C 361 -4.22 4.46 42.77
CA ARG C 361 -5.07 3.30 42.47
C ARG C 361 -6.51 3.73 42.20
N ASP C 362 -7.06 4.60 43.05
CA ASP C 362 -8.43 5.05 42.83
C ASP C 362 -8.56 5.79 41.50
N LYS C 363 -7.52 6.53 41.10
CA LYS C 363 -7.53 7.17 39.79
C LYS C 363 -7.65 6.12 38.68
N ILE C 364 -6.79 5.10 38.72
CA ILE C 364 -6.77 4.11 37.64
C ILE C 364 -8.03 3.26 37.66
N LEU C 365 -8.49 2.89 38.86
CA LEU C 365 -9.63 1.98 38.95
C LEU C 365 -10.93 2.68 38.55
N TRP C 366 -11.10 3.98 38.85
CA TRP C 366 -12.37 4.61 38.49
C TRP C 366 -12.32 6.13 38.29
N LYS C 367 -11.49 6.85 39.05
CA LYS C 367 -11.67 8.30 39.08
C LYS C 367 -11.27 8.97 37.77
N ASN C 368 -10.20 8.50 37.13
CA ASN C 368 -9.85 9.04 35.82
C ASN C 368 -10.93 8.75 34.79
N ALA C 369 -11.46 7.52 34.75
CA ALA C 369 -12.56 7.23 33.85
C ALA C 369 -13.79 8.07 34.18
N ALA C 370 -14.05 8.29 35.47
CA ALA C 370 -15.24 9.06 35.84
C ALA C 370 -15.13 10.52 35.42
N ASP C 371 -13.93 11.10 35.50
CA ASP C 371 -13.75 12.45 34.99
C ASP C 371 -13.86 12.46 33.47
N PHE C 372 -13.32 11.44 32.81
CA PHE C 372 -13.36 11.37 31.36
C PHE C 372 -14.79 11.38 30.84
N TYR C 373 -15.68 10.66 31.52
CA TYR C 373 -17.06 10.56 31.06
C TYR C 373 -17.99 11.61 31.70
N GLY C 374 -17.50 12.38 32.67
CA GLY C 374 -18.34 13.37 33.33
C GLY C 374 -19.43 12.73 34.15
N LEU C 375 -19.02 11.90 35.11
CA LEU C 375 -19.90 11.04 35.88
C LEU C 375 -20.05 11.58 37.30
N ASP C 376 -20.82 10.84 38.11
CA ASP C 376 -20.99 11.07 39.55
C ASP C 376 -21.51 12.46 39.91
N GLY D 31 41.42 2.20 28.53
CA GLY D 31 40.16 2.44 27.85
C GLY D 31 40.21 3.49 26.75
N MET D 32 39.21 3.49 25.88
CA MET D 32 39.17 4.42 24.74
C MET D 32 38.55 5.76 25.17
N HIS D 33 38.37 6.65 24.18
CA HIS D 33 37.75 7.94 24.44
C HIS D 33 36.27 7.96 24.04
N ILE D 34 35.99 8.05 22.74
CA ILE D 34 34.64 8.10 22.20
C ILE D 34 34.59 7.33 20.88
N ILE D 35 33.50 6.57 20.71
CA ILE D 35 33.20 5.95 19.39
C ILE D 35 31.89 6.55 18.90
N ASP D 36 31.93 7.20 17.74
CA ASP D 36 30.77 7.77 17.10
C ASP D 36 30.24 6.72 16.11
N THR D 37 29.02 6.21 16.38
CA THR D 37 28.43 5.14 15.58
C THR D 37 27.52 5.61 14.44
N ASP D 38 27.39 6.92 14.18
CA ASP D 38 26.53 7.39 13.08
C ASP D 38 27.08 8.68 12.47
N VAL D 39 27.64 8.58 11.27
CA VAL D 39 28.28 9.68 10.55
C VAL D 39 27.96 9.53 9.06
N HIS D 40 27.29 10.52 8.48
CA HIS D 40 26.75 10.38 7.12
C HIS D 40 27.67 11.04 6.09
N GLU D 41 28.60 10.24 5.55
CA GLU D 41 29.46 10.61 4.42
C GLU D 41 28.77 10.26 3.11
N SER D 42 29.23 10.88 2.02
CA SER D 42 28.71 10.59 0.70
C SER D 42 29.65 11.12 -0.37
N PHE D 43 29.25 10.92 -1.63
CA PHE D 43 29.93 11.47 -2.78
C PHE D 43 29.63 12.96 -2.92
N ALA D 44 30.45 13.66 -3.70
CA ALA D 44 30.17 15.06 -3.99
C ALA D 44 29.04 15.19 -4.99
N SER D 45 29.01 14.30 -5.99
CA SER D 45 27.91 14.16 -6.92
C SER D 45 27.84 12.69 -7.36
N LEU D 46 26.63 12.28 -7.75
CA LEU D 46 26.38 10.88 -8.10
C LEU D 46 27.25 10.41 -9.26
N LYS D 47 27.65 11.31 -10.14
CA LYS D 47 28.54 10.91 -11.23
C LYS D 47 29.94 10.52 -10.75
N ASP D 48 30.30 10.81 -9.50
CA ASP D 48 31.57 10.33 -8.94
C ASP D 48 31.67 8.78 -8.96
N LEU D 49 30.56 8.11 -9.18
CA LEU D 49 30.58 6.65 -9.20
C LEU D 49 30.77 6.03 -10.59
N VAL D 50 30.75 6.87 -11.63
CA VAL D 50 30.88 6.39 -13.01
C VAL D 50 32.11 5.49 -13.22
N PRO D 51 33.28 5.91 -12.66
CA PRO D 51 34.47 5.09 -12.92
C PRO D 51 34.37 3.67 -12.38
N TYR D 52 33.60 3.44 -11.33
CA TYR D 52 33.41 2.12 -10.76
C TYR D 52 32.24 1.35 -11.37
N LEU D 53 31.47 1.97 -12.29
CA LEU D 53 30.28 1.26 -12.76
C LEU D 53 30.56 0.54 -14.08
N PRO D 54 29.91 -0.60 -14.32
CA PRO D 54 29.98 -1.23 -15.65
C PRO D 54 28.89 -0.72 -16.58
N GLU D 55 29.09 -0.98 -17.87
CA GLU D 55 28.05 -0.71 -18.86
C GLU D 55 26.90 -1.71 -18.69
N PRO D 56 25.65 -1.30 -19.01
CA PRO D 56 25.18 0.02 -19.49
C PRO D 56 25.08 1.08 -18.37
N TYR D 57 25.11 0.61 -17.12
CA TYR D 57 24.89 1.49 -15.97
C TYR D 57 25.84 2.69 -15.97
N LYS D 58 27.11 2.47 -16.34
CA LYS D 58 28.06 3.57 -16.46
C LYS D 58 27.49 4.69 -17.33
N SER D 59 26.96 4.33 -18.50
CA SER D 59 26.42 5.33 -19.42
C SER D 59 25.12 5.94 -18.90
N TRP D 60 24.24 5.12 -18.31
CA TRP D 60 23.00 5.62 -17.71
C TRP D 60 23.28 6.74 -16.72
N ILE D 61 24.11 6.44 -15.71
CA ILE D 61 24.43 7.45 -14.71
C ILE D 61 25.28 8.56 -15.33
N GLY D 62 26.24 8.20 -16.18
CA GLY D 62 27.14 9.20 -16.73
C GLY D 62 26.42 10.21 -17.60
N ASN D 63 25.43 9.76 -18.37
CA ASN D 63 24.71 10.65 -19.26
C ASN D 63 23.43 11.22 -18.64
N GLY D 64 23.11 10.87 -17.41
CA GLY D 64 22.00 11.50 -16.69
C GLY D 64 20.64 10.84 -16.81
N ALA D 65 20.58 9.54 -17.11
CA ALA D 65 19.30 8.83 -17.20
C ALA D 65 18.62 8.71 -15.84
N TRP D 66 19.38 8.79 -14.76
CA TRP D 66 18.83 8.88 -13.41
C TRP D 66 19.68 9.89 -12.66
N ARG D 67 19.03 10.81 -11.94
CA ARG D 67 19.75 11.91 -11.31
C ARG D 67 19.87 11.74 -9.80
N GLY D 68 19.48 10.60 -9.27
CA GLY D 68 19.66 10.33 -7.86
C GLY D 68 18.41 10.61 -7.06
N PHE D 69 18.58 10.57 -5.74
CA PHE D 69 17.49 10.71 -4.78
C PHE D 69 17.26 12.17 -4.41
N SER D 70 16.02 12.47 -4.07
CA SER D 70 15.61 13.82 -3.71
C SER D 70 14.51 13.64 -2.68
N GLN D 71 14.77 14.01 -1.43
CA GLN D 71 13.87 13.62 -0.35
C GLN D 71 12.48 14.23 -0.58
N PRO D 72 11.40 13.48 -0.29
CA PRO D 72 10.06 13.90 -0.71
C PRO D 72 9.36 14.80 0.31
N PHE D 73 10.07 15.83 0.78
CA PHE D 73 9.54 16.81 1.71
C PHE D 73 10.53 17.97 1.78
N ALA D 74 10.10 19.06 2.42
CA ALA D 74 10.98 20.18 2.74
C ALA D 74 11.42 20.11 4.20
N TYR D 75 12.73 20.20 4.39
CA TYR D 75 13.27 20.33 5.76
C TYR D 75 12.78 21.68 6.28
N THR D 76 12.53 21.76 7.58
CA THR D 76 11.97 22.95 8.19
C THR D 76 12.94 23.70 9.08
N SER D 77 14.10 23.13 9.29
CA SER D 77 15.14 23.91 10.02
C SER D 77 16.14 24.36 8.95
N PRO D 78 16.75 25.56 9.07
CA PRO D 78 17.72 26.01 8.07
C PRO D 78 18.90 25.06 8.00
N GLY D 79 19.48 24.95 6.80
CA GLY D 79 20.60 24.05 6.59
C GLY D 79 20.26 22.82 5.80
N ASN D 80 19.00 22.66 5.37
CA ASN D 80 18.62 21.62 4.41
C ASN D 80 18.91 20.22 4.95
N GLY D 81 18.65 20.05 6.25
CA GLY D 81 18.90 18.80 6.93
C GLY D 81 20.23 18.72 7.64
N ASN D 82 21.16 19.58 7.24
CA ASN D 82 22.52 19.56 7.85
C ASN D 82 22.69 20.68 8.86
N ARG D 83 23.72 20.56 9.69
CA ARG D 83 24.09 21.71 10.54
C ARG D 83 24.44 22.82 9.55
N ALA D 84 24.25 24.06 9.97
CA ALA D 84 24.39 25.19 9.05
C ALA D 84 25.77 25.28 8.46
N ASP D 85 26.80 24.77 9.14
CA ASP D 85 28.19 24.94 8.73
C ASP D 85 28.72 23.79 7.90
N VAL D 86 27.84 22.91 7.42
CA VAL D 86 28.20 21.83 6.51
C VAL D 86 27.32 21.97 5.28
N LYS D 87 27.88 22.48 4.19
CA LYS D 87 27.13 22.72 2.95
C LYS D 87 27.60 21.70 1.92
N SER D 88 26.75 20.72 1.64
CA SER D 88 27.08 19.65 0.72
C SER D 88 27.03 20.12 -0.74
N ALA D 89 27.74 19.37 -1.58
CA ALA D 89 27.91 19.75 -2.98
C ALA D 89 26.62 19.57 -3.77
N ASP D 90 25.98 18.39 -3.66
CA ASP D 90 24.71 18.14 -4.34
C ASP D 90 23.49 18.60 -3.56
N GLY D 91 23.67 19.17 -2.36
CA GLY D 91 22.57 19.67 -1.56
C GLY D 91 21.87 18.66 -0.69
N SER D 92 22.38 17.43 -0.57
CA SER D 92 21.79 16.43 0.31
C SER D 92 22.27 16.60 1.74
N ALA D 93 21.55 16.01 2.68
CA ALA D 93 21.95 16.05 4.08
C ALA D 93 23.08 15.03 4.29
N SER D 94 24.28 15.43 3.88
CA SER D 94 25.47 14.57 3.92
C SER D 94 26.73 15.42 3.80
N VAL D 95 27.87 14.78 4.02
CA VAL D 95 29.16 15.51 3.85
C VAL D 95 30.04 14.77 2.84
N SER D 96 30.57 15.52 1.89
CA SER D 96 31.47 14.98 0.89
C SER D 96 32.95 15.29 1.14
N ASP D 97 33.26 16.17 2.08
CA ASP D 97 34.61 16.68 2.27
C ASP D 97 35.25 16.02 3.49
N TYR D 98 36.36 15.31 3.28
CA TYR D 98 37.03 14.64 4.39
C TYR D 98 37.72 15.65 5.32
N ASN D 99 38.40 16.65 4.76
CA ASN D 99 39.09 17.62 5.61
C ASN D 99 38.12 18.38 6.48
N LEU D 100 36.88 18.56 6.03
CA LEU D 100 35.89 19.24 6.85
C LEU D 100 35.46 18.39 8.05
N MET D 101 35.04 17.14 7.81
CA MET D 101 34.74 16.21 8.89
C MET D 101 35.89 16.08 9.88
N ARG D 102 37.11 15.91 9.36
CA ARG D 102 38.26 15.85 10.24
C ARG D 102 38.33 17.11 11.11
N SER D 103 38.14 18.27 10.49
CA SER D 103 38.25 19.57 11.19
C SER D 103 37.12 19.82 12.20
N GLN D 104 35.90 19.41 11.87
CA GLN D 104 34.76 19.70 12.73
C GLN D 104 34.42 18.57 13.71
N LEU D 105 34.81 17.33 13.42
CA LEU D 105 34.34 16.20 14.22
C LEU D 105 35.47 15.33 14.76
N LEU D 106 36.28 14.75 13.88
CA LEU D 106 37.25 13.74 14.31
C LEU D 106 38.29 14.35 15.25
N ASP D 107 39.00 15.38 14.78
CA ASP D 107 40.07 15.95 15.60
C ASP D 107 39.55 16.69 16.83
N PRO D 108 38.59 17.62 16.72
CA PRO D 108 38.15 18.36 17.93
C PRO D 108 37.63 17.48 19.05
N TYR D 109 36.97 16.38 18.73
CA TYR D 109 36.38 15.53 19.75
C TYR D 109 37.29 14.37 20.09
N LYS D 110 38.50 14.34 19.50
CA LYS D 110 39.48 13.28 19.68
C LYS D 110 38.81 11.90 19.57
N LEU D 111 38.08 11.71 18.48
CA LEU D 111 37.31 10.48 18.33
C LEU D 111 38.23 9.28 18.23
N SER D 112 37.95 8.24 19.01
CA SER D 112 38.70 6.99 18.87
C SER D 112 38.40 6.32 17.54
N TYR D 113 37.11 6.26 17.18
CA TYR D 113 36.63 5.65 15.94
C TYR D 113 35.35 6.38 15.53
N ALA D 114 35.07 6.35 14.23
CA ALA D 114 33.82 6.90 13.74
C ALA D 114 33.30 5.96 12.68
N VAL D 115 32.01 5.61 12.79
CA VAL D 115 31.39 4.62 11.93
C VAL D 115 30.73 5.35 10.77
N LEU D 116 31.26 5.16 9.57
CA LEU D 116 30.70 5.76 8.36
C LEU D 116 29.44 5.00 7.95
N THR D 117 28.28 5.60 8.12
CA THR D 117 27.03 4.90 7.82
C THR D 117 26.42 5.24 6.45
N GLY D 118 27.06 6.11 5.66
CA GLY D 118 26.59 6.42 4.31
C GLY D 118 25.41 7.38 4.32
N TYR D 119 24.71 7.41 3.18
CA TYR D 119 23.51 8.25 3.03
C TYR D 119 22.74 7.90 1.77
N PHE D 120 23.50 7.58 0.71
CA PHE D 120 23.01 7.07 -0.56
C PHE D 120 22.68 5.59 -0.38
N TYR D 121 21.39 5.27 -0.30
CA TYR D 121 20.91 3.92 0.00
C TYR D 121 20.18 3.37 -1.23
N PRO D 122 20.87 2.68 -2.15
CA PRO D 122 20.21 2.21 -3.38
C PRO D 122 19.06 1.23 -3.13
N THR D 123 18.90 0.68 -1.93
CA THR D 123 17.69 -0.10 -1.64
C THR D 123 16.42 0.72 -1.85
N GLY D 124 16.51 2.05 -1.84
CA GLY D 124 15.34 2.89 -2.12
C GLY D 124 14.80 2.78 -3.53
N LEU D 125 15.61 2.29 -4.47
CA LEU D 125 15.12 2.05 -5.82
C LEU D 125 14.29 0.77 -5.81
N LYS D 126 13.06 0.84 -6.31
CA LYS D 126 12.07 -0.22 -6.22
C LYS D 126 12.00 -1.07 -7.48
N LEU D 127 12.86 -0.80 -8.46
CA LEU D 127 12.91 -1.57 -9.68
C LEU D 127 14.34 -1.45 -10.20
N GLN D 128 14.60 -2.05 -11.36
CA GLN D 128 15.94 -2.12 -11.96
C GLN D 128 16.96 -2.59 -10.93
N TYR D 129 16.72 -3.79 -10.38
CA TYR D 129 17.55 -4.30 -9.29
C TYR D 129 19.02 -4.39 -9.70
N GLY D 130 19.28 -4.73 -10.95
CA GLY D 130 20.66 -4.86 -11.39
C GLY D 130 21.40 -3.54 -11.24
N LEU D 131 20.77 -2.45 -11.68
CA LEU D 131 21.34 -1.12 -11.50
C LEU D 131 21.56 -0.82 -10.02
N GLY D 132 20.54 -1.07 -9.19
CA GLY D 132 20.68 -0.78 -7.77
C GLY D 132 21.85 -1.52 -7.14
N SER D 133 22.00 -2.80 -7.47
CA SER D 133 23.14 -3.55 -6.93
C SER D 133 24.46 -3.00 -7.44
N ALA D 134 24.50 -2.60 -8.72
CA ALA D 134 25.73 -2.01 -9.26
C ALA D 134 26.04 -0.68 -8.59
N LEU D 135 25.00 0.10 -8.26
CA LEU D 135 25.23 1.37 -7.58
C LEU D 135 25.79 1.17 -6.18
N ALA D 136 25.38 0.10 -5.50
CA ALA D 136 25.89 -0.16 -4.16
C ALA D 136 27.35 -0.56 -4.21
N SER D 137 27.69 -1.46 -5.14
CA SER D 137 29.09 -1.86 -5.35
C SER D 137 29.97 -0.67 -5.72
N ALA D 138 29.45 0.19 -6.58
CA ALA D 138 30.19 1.38 -7.01
C ALA D 138 30.36 2.38 -5.87
N TYR D 139 29.34 2.48 -5.01
CA TYR D 139 29.46 3.36 -3.84
C TYR D 139 30.49 2.83 -2.85
N ASN D 140 30.51 1.52 -2.62
CA ASN D 140 31.48 0.96 -1.68
C ASN D 140 32.91 1.16 -2.17
N ASP D 141 33.16 0.92 -3.47
CA ASP D 141 34.45 1.27 -4.05
C ASP D 141 34.76 2.75 -3.83
N TYR D 142 33.77 3.62 -4.02
CA TYR D 142 34.03 5.05 -3.85
C TYR D 142 34.43 5.36 -2.40
N VAL D 143 33.69 4.81 -1.44
CA VAL D 143 33.94 5.13 -0.03
C VAL D 143 35.30 4.59 0.41
N LEU D 144 35.65 3.38 -0.06
CA LEU D 144 36.98 2.84 0.18
C LEU D 144 38.07 3.82 -0.26
N GLU D 145 38.03 4.25 -1.52
CA GLU D 145 39.09 5.09 -2.07
C GLU D 145 39.18 6.45 -1.40
N HIS D 146 38.04 7.05 -1.08
CA HIS D 146 38.06 8.46 -0.75
C HIS D 146 37.77 8.74 0.71
N TRP D 147 37.44 7.72 1.49
CA TRP D 147 37.14 7.96 2.90
C TRP D 147 37.93 7.00 3.79
N ILE D 148 37.61 5.70 3.69
CA ILE D 148 38.11 4.74 4.66
C ILE D 148 39.63 4.67 4.62
N SER D 149 40.20 4.72 3.41
CA SER D 149 41.65 4.70 3.18
C SER D 149 42.37 5.96 3.67
N LYS D 150 41.64 6.98 4.13
CA LYS D 150 42.24 8.24 4.48
C LYS D 150 42.41 8.41 5.98
N ASP D 151 41.92 7.47 6.79
CA ASP D 151 41.91 7.65 8.24
C ASP D 151 41.64 6.32 8.93
N LYS D 152 42.58 5.87 9.77
CA LYS D 152 42.43 4.59 10.41
C LYS D 152 41.42 4.60 11.55
N ARG D 153 40.83 5.77 11.84
CA ARG D 153 39.74 5.84 12.81
C ARG D 153 38.38 5.48 12.19
N PHE D 154 38.30 5.32 10.86
CA PHE D 154 37.05 4.96 10.22
C PHE D 154 36.80 3.47 10.32
N LEU D 155 35.57 3.10 10.70
CA LEU D 155 35.00 1.78 10.46
C LEU D 155 33.92 1.90 9.39
N GLY D 156 33.90 0.95 8.45
CA GLY D 156 33.05 1.06 7.29
C GLY D 156 31.79 0.21 7.37
N SER D 157 30.82 0.54 6.50
CA SER D 157 29.58 -0.22 6.37
C SER D 157 29.43 -0.69 4.93
N VAL D 158 29.09 -1.97 4.74
CA VAL D 158 28.77 -2.45 3.40
C VAL D 158 27.39 -1.96 3.02
N GLN D 159 27.32 -1.15 1.98
CA GLN D 159 26.05 -0.73 1.42
C GLN D 159 25.61 -1.75 0.39
N ILE D 160 24.28 -1.95 0.26
CA ILE D 160 23.74 -3.05 -0.54
C ILE D 160 22.46 -2.61 -1.24
N ASN D 161 21.99 -3.46 -2.15
CA ASN D 161 20.62 -3.42 -2.64
C ASN D 161 19.91 -4.62 -2.03
N ALA D 162 19.22 -4.38 -0.91
CA ALA D 162 18.56 -5.47 -0.18
C ALA D 162 17.47 -6.15 -0.99
N ARG D 163 16.94 -5.49 -2.01
CA ARG D 163 15.88 -6.11 -2.82
C ARG D 163 16.38 -7.31 -3.65
N ASP D 164 17.70 -7.43 -3.83
CA ASP D 164 18.30 -8.62 -4.47
C ASP D 164 19.22 -9.19 -3.40
N PRO D 165 18.70 -10.07 -2.51
CA PRO D 165 19.53 -10.51 -1.37
C PRO D 165 20.71 -11.36 -1.78
N GLU D 166 20.59 -12.19 -2.81
CA GLU D 166 21.73 -12.96 -3.30
C GLU D 166 22.84 -12.02 -3.76
N ALA D 167 22.50 -11.04 -4.58
CA ALA D 167 23.49 -10.05 -4.99
C ALA D 167 24.09 -9.33 -3.79
N ALA D 168 23.27 -9.01 -2.79
CA ALA D 168 23.78 -8.34 -1.60
C ALA D 168 24.78 -9.22 -0.85
N ALA D 169 24.48 -10.53 -0.74
CA ALA D 169 25.40 -11.45 -0.07
C ALA D 169 26.75 -11.45 -0.77
N ARG D 170 26.74 -11.47 -2.11
CA ARG D 170 28.00 -11.48 -2.83
C ARG D 170 28.78 -10.20 -2.58
N GLU D 171 28.09 -9.06 -2.59
CA GLU D 171 28.76 -7.79 -2.32
C GLU D 171 29.28 -7.74 -0.89
N ILE D 172 28.58 -8.39 0.05
CA ILE D 172 29.10 -8.48 1.40
C ILE D 172 30.40 -9.28 1.40
N ASP D 173 30.43 -10.42 0.69
CA ASP D 173 31.66 -11.20 0.58
C ASP D 173 32.80 -10.36 0.02
N ARG D 174 32.51 -9.57 -1.03
CA ARG D 174 33.54 -8.78 -1.68
C ARG D 174 34.20 -7.81 -0.70
N MET D 175 33.38 -7.14 0.12
CA MET D 175 33.83 -5.98 0.89
C MET D 175 34.34 -6.34 2.28
N ALA D 176 33.96 -7.51 2.81
CA ALA D 176 34.46 -7.94 4.10
C ALA D 176 35.98 -8.09 4.11
N ALA D 177 36.59 -8.24 2.94
CA ALA D 177 38.05 -8.34 2.83
C ALA D 177 38.77 -7.17 3.48
N HIS D 178 38.14 -5.98 3.53
CA HIS D 178 38.89 -4.89 4.13
C HIS D 178 38.68 -4.89 5.64
N PRO D 179 39.75 -4.79 6.44
CA PRO D 179 39.58 -4.97 7.89
C PRO D 179 38.81 -3.84 8.56
N GLN D 180 38.81 -2.63 8.00
CA GLN D 180 38.02 -1.57 8.61
C GLN D 180 36.52 -1.74 8.34
N ILE D 181 36.13 -2.48 7.30
CA ILE D 181 34.72 -2.75 7.06
C ILE D 181 34.20 -3.64 8.18
N ARG D 182 33.24 -3.13 8.97
CA ARG D 182 32.80 -3.85 10.16
C ARG D 182 31.31 -4.21 10.19
N GLN D 183 30.49 -3.65 9.32
CA GLN D 183 29.07 -3.97 9.37
C GLN D 183 28.44 -3.83 7.99
N VAL D 184 27.22 -4.36 7.89
CA VAL D 184 26.34 -4.28 6.73
C VAL D 184 25.20 -3.33 7.10
N MET D 185 24.93 -2.34 6.24
CA MET D 185 23.86 -1.37 6.49
C MET D 185 22.58 -1.83 5.80
N LEU D 186 21.49 -1.96 6.57
CA LEU D 186 20.19 -2.37 6.05
C LEU D 186 19.27 -1.17 6.15
N PRO D 187 19.05 -0.43 5.06
CA PRO D 187 18.28 0.82 5.13
C PRO D 187 16.80 0.56 5.29
N VAL D 188 16.16 1.31 6.17
CA VAL D 188 14.73 1.13 6.42
C VAL D 188 14.02 2.00 5.39
N VAL D 189 13.57 1.34 4.32
CA VAL D 189 12.77 1.97 3.27
C VAL D 189 11.31 1.89 3.68
N ASP D 190 10.40 2.16 2.75
CA ASP D 190 8.98 2.18 3.08
C ASP D 190 8.34 0.79 3.18
N ASP D 191 8.96 -0.26 2.60
CA ASP D 191 8.20 -1.50 2.40
C ASP D 191 8.94 -2.79 2.77
N ILE D 192 10.01 -2.74 3.56
CA ILE D 192 10.77 -3.96 3.87
C ILE D 192 10.77 -4.20 5.38
N ALA D 193 10.32 -5.38 5.78
CA ALA D 193 10.53 -5.90 7.12
C ALA D 193 11.59 -6.97 7.01
N TYR D 194 12.74 -6.74 7.66
CA TYR D 194 13.95 -7.51 7.36
C TYR D 194 13.95 -8.89 8.00
N GLY D 195 12.94 -9.22 8.81
CA GLY D 195 12.75 -10.58 9.28
C GLY D 195 12.03 -11.50 8.32
N HIS D 196 11.49 -10.97 7.23
CA HIS D 196 10.89 -11.84 6.23
C HIS D 196 11.96 -12.80 5.71
N PRO D 197 11.65 -14.09 5.59
CA PRO D 197 12.69 -15.07 5.22
C PRO D 197 13.39 -14.80 3.90
N MET D 198 12.83 -13.97 3.03
CA MET D 198 13.49 -13.70 1.77
C MET D 198 14.84 -13.01 1.98
N TYR D 199 15.06 -12.39 3.15
CA TYR D 199 16.27 -11.63 3.38
C TYR D 199 17.35 -12.41 4.14
N ARG D 200 17.10 -13.69 4.42
CA ARG D 200 18.11 -14.46 5.15
C ARG D 200 19.48 -14.48 4.50
N PRO D 201 19.66 -14.62 3.17
CA PRO D 201 21.02 -14.62 2.62
C PRO D 201 21.88 -13.45 3.06
N ILE D 202 21.29 -12.29 3.35
CA ILE D 202 22.05 -11.13 3.80
C ILE D 202 22.57 -11.35 5.22
N PHE D 203 21.70 -11.85 6.10
CA PHE D 203 22.14 -12.14 7.47
C PHE D 203 23.17 -13.25 7.48
N ALA D 204 22.99 -14.26 6.61
CA ALA D 204 23.97 -15.33 6.50
C ALA D 204 25.32 -14.79 6.00
N ALA D 205 25.28 -13.87 5.04
CA ALA D 205 26.51 -13.26 4.53
C ALA D 205 27.23 -12.47 5.61
N ALA D 206 26.48 -11.69 6.39
CA ALA D 206 27.09 -10.93 7.47
C ALA D 206 27.75 -11.86 8.49
N GLU D 207 27.02 -12.88 8.95
CA GLU D 207 27.58 -13.77 9.97
C GLU D 207 28.82 -14.49 9.45
N ARG D 208 28.75 -15.04 8.24
CA ARG D 208 29.88 -15.73 7.62
C ARG D 208 31.13 -14.87 7.59
N ASN D 209 30.96 -13.57 7.41
CA ASN D 209 32.06 -12.63 7.23
C ASN D 209 32.37 -11.87 8.50
N LYS D 210 31.75 -12.26 9.61
CA LYS D 210 32.03 -11.67 10.92
C LYS D 210 31.81 -10.16 10.89
N LEU D 211 30.79 -9.74 10.13
CA LEU D 211 30.34 -8.36 10.13
C LEU D 211 29.03 -8.26 10.91
N MET D 212 28.82 -7.12 11.54
CA MET D 212 27.57 -6.91 12.26
C MET D 212 26.52 -6.31 11.31
N VAL D 213 25.35 -6.00 11.86
CA VAL D 213 24.24 -5.48 11.07
C VAL D 213 23.73 -4.20 11.71
N ALA D 214 23.63 -3.14 10.92
CA ALA D 214 23.06 -1.88 11.36
C ALA D 214 21.80 -1.55 10.54
N PHE D 215 20.87 -0.82 11.17
CA PHE D 215 19.66 -0.32 10.54
C PHE D 215 19.65 1.21 10.60
N HIS D 216 19.21 1.84 9.52
CA HIS D 216 19.05 3.30 9.51
C HIS D 216 17.88 3.69 8.61
N HIS D 217 17.02 4.57 9.11
CA HIS D 217 15.91 5.06 8.30
C HIS D 217 16.40 5.79 7.05
N THR D 218 15.67 5.61 5.96
CA THR D 218 15.84 6.35 4.72
C THR D 218 14.86 7.52 4.69
N THR D 219 14.92 8.27 3.59
CA THR D 219 13.91 9.30 3.35
C THR D 219 12.54 8.71 3.02
N PHE D 220 12.44 7.39 2.87
CA PHE D 220 11.17 6.74 2.57
C PHE D 220 10.53 6.10 3.80
N ALA D 221 11.21 6.13 4.95
CA ALA D 221 10.69 5.55 6.17
C ALA D 221 9.34 6.18 6.51
N GLN D 222 8.46 5.38 7.08
CA GLN D 222 7.08 5.82 7.26
C GLN D 222 6.43 5.02 8.39
N GLY D 223 5.28 5.51 8.84
CA GLY D 223 4.45 4.77 9.76
C GLY D 223 3.42 3.94 9.01
N PRO D 224 2.46 3.36 9.74
CA PRO D 224 1.49 2.45 9.10
C PRO D 224 0.56 3.13 8.14
N TYR D 225 0.42 4.45 8.20
CA TYR D 225 -0.51 5.20 7.36
C TYR D 225 0.23 6.19 6.48
N GLY D 226 1.50 5.91 6.20
CA GLY D 226 2.35 6.82 5.49
C GLY D 226 3.24 7.66 6.39
N MET D 227 3.64 8.80 5.84
CA MET D 227 4.65 9.68 6.40
C MET D 227 4.08 10.81 7.26
N GLY D 228 2.78 10.84 7.48
CA GLY D 228 2.19 12.01 8.11
C GLY D 228 2.02 13.16 7.11
N LEU D 229 1.56 14.29 7.63
CA LEU D 229 1.13 15.37 6.76
C LEU D 229 1.99 16.62 6.92
N HIS D 230 3.03 16.56 7.74
CA HIS D 230 3.97 17.66 7.92
C HIS D 230 5.32 17.06 8.23
N TYR D 231 6.38 17.85 8.02
CA TYR D 231 7.70 17.35 8.33
C TYR D 231 7.81 16.99 9.81
N MET D 232 7.24 17.82 10.70
CA MET D 232 7.35 17.51 12.12
C MET D 232 6.72 16.16 12.43
N GLU D 233 5.59 15.83 11.78
CA GLU D 233 4.98 14.52 11.96
C GLU D 233 5.84 13.42 11.36
N ARG D 234 6.23 13.58 10.09
CA ARG D 234 7.15 12.63 9.45
C ARG D 234 8.32 12.32 10.36
N HIS D 235 8.90 13.35 10.97
CA HIS D 235 10.01 13.07 11.87
C HIS D 235 9.55 12.36 13.14
N CYS D 236 8.33 12.63 13.62
CA CYS D 236 7.83 11.90 14.79
C CYS D 236 7.71 10.41 14.51
N LEU D 237 7.55 10.02 13.25
CA LEU D 237 7.25 8.64 12.94
C LEU D 237 8.48 7.78 12.72
N ILE D 238 9.69 8.37 12.65
CA ILE D 238 10.90 7.57 12.46
C ILE D 238 11.02 6.43 13.47
N PRO D 239 10.83 6.65 14.78
CA PRO D 239 10.88 5.51 15.70
C PRO D 239 9.83 4.46 15.38
N ILE D 240 8.65 4.91 14.94
CA ILE D 240 7.60 4.00 14.52
C ILE D 240 8.05 3.18 13.32
N SER D 241 8.83 3.77 12.41
CA SER D 241 9.31 2.96 11.31
C SER D 241 10.34 1.92 11.75
N LEU D 242 11.01 2.11 12.89
CA LEU D 242 12.13 1.27 13.26
C LEU D 242 11.78 0.16 14.25
N MET D 243 10.91 0.46 15.22
CA MET D 243 10.51 -0.56 16.20
C MET D 243 10.08 -1.88 15.56
N PRO D 244 9.30 -1.89 14.47
CA PRO D 244 8.90 -3.18 13.90
C PRO D 244 10.07 -4.01 13.35
N GLN D 245 11.20 -3.38 13.00
CA GLN D 245 12.37 -4.17 12.59
C GLN D 245 12.86 -5.05 13.74
N VAL D 246 12.91 -4.49 14.96
CA VAL D 246 13.26 -5.30 16.13
C VAL D 246 12.23 -6.42 16.32
N ILE D 247 10.94 -6.08 16.27
CA ILE D 247 9.90 -7.09 16.38
C ILE D 247 10.02 -8.12 15.27
N SER D 248 10.32 -7.66 14.05
CA SER D 248 10.39 -8.56 12.91
C SER D 248 11.54 -9.55 13.06
N LEU D 249 12.70 -9.06 13.49
CA LEU D 249 13.89 -9.91 13.58
C LEU D 249 13.73 -10.99 14.65
N ILE D 250 13.14 -10.64 15.79
CA ILE D 250 12.96 -11.60 16.89
C ILE D 250 11.87 -12.63 16.54
N ALA D 251 10.69 -12.16 16.14
CA ALA D 251 9.56 -13.08 15.91
C ALA D 251 9.86 -14.09 14.81
N ASN D 252 10.61 -13.68 13.78
CA ASN D 252 10.93 -14.57 12.68
C ASN D 252 12.27 -15.25 12.85
N GLY D 253 12.83 -15.21 14.06
CA GLY D 253 13.95 -16.05 14.41
C GLY D 253 15.29 -15.64 13.87
N VAL D 254 15.45 -14.39 13.42
CA VAL D 254 16.77 -13.96 12.95
C VAL D 254 17.80 -14.05 14.08
N PHE D 255 17.44 -13.61 15.29
CA PHE D 255 18.37 -13.69 16.42
C PHE D 255 18.79 -15.13 16.67
N ASP D 256 17.82 -16.03 16.72
CA ASP D 256 18.11 -17.43 17.04
C ASP D 256 18.91 -18.11 15.95
N SER D 257 18.75 -17.72 14.68
CA SER D 257 19.40 -18.48 13.63
C SER D 257 20.73 -17.91 13.19
N TYR D 258 21.09 -16.73 13.67
CA TYR D 258 22.40 -16.11 13.44
C TYR D 258 22.90 -15.65 14.80
N PRO D 259 23.28 -16.59 15.66
CA PRO D 259 23.58 -16.24 17.06
C PRO D 259 24.83 -15.40 17.23
N ASN D 260 25.74 -15.39 16.26
CA ASN D 260 26.95 -14.57 16.36
C ASN D 260 26.76 -13.18 15.78
N LEU D 261 25.53 -12.82 15.43
CA LEU D 261 25.21 -11.53 14.85
C LEU D 261 24.70 -10.60 15.95
N ARG D 262 25.07 -9.33 15.86
CA ARG D 262 24.49 -8.28 16.69
C ARG D 262 23.88 -7.22 15.79
N PHE D 263 22.91 -6.50 16.34
CA PHE D 263 22.04 -5.62 15.55
C PHE D 263 22.01 -4.24 16.18
N MET D 264 22.27 -3.22 15.38
CA MET D 264 22.31 -1.85 15.88
C MET D 264 21.27 -1.05 15.12
N VAL D 265 20.34 -0.46 15.86
CA VAL D 265 19.32 0.41 15.31
C VAL D 265 19.71 1.84 15.64
N LEU D 266 19.85 2.66 14.62
CA LEU D 266 20.28 4.05 14.80
C LEU D 266 19.09 5.01 14.72
N GLU D 267 19.24 6.13 15.45
CA GLU D 267 18.33 7.32 15.33
C GLU D 267 16.83 7.11 15.59
N GLY D 268 16.45 6.04 16.25
CA GLY D 268 15.06 5.91 16.61
C GLY D 268 14.74 6.22 18.06
N GLY D 269 15.70 6.73 18.81
CA GLY D 269 15.52 6.84 20.25
C GLY D 269 15.68 5.48 20.92
N PHE D 270 15.61 5.51 22.25
CA PHE D 270 15.70 4.29 23.04
C PHE D 270 14.65 4.20 24.15
N SER D 271 13.93 5.29 24.44
CA SER D 271 12.97 5.32 25.55
C SER D 271 11.75 4.43 25.32
N TRP D 272 11.59 3.91 24.10
CA TRP D 272 10.56 2.94 23.78
C TRP D 272 11.02 1.50 23.98
N LEU D 273 12.32 1.24 24.18
CA LEU D 273 12.77 -0.15 24.23
C LEU D 273 12.18 -0.95 25.39
N PRO D 274 11.99 -0.41 26.60
CA PRO D 274 11.31 -1.22 27.63
C PRO D 274 9.90 -1.67 27.22
N HIS D 275 9.12 -0.84 26.53
CA HIS D 275 7.82 -1.30 26.01
C HIS D 275 7.98 -2.46 25.04
N VAL D 276 8.85 -2.30 24.02
CA VAL D 276 9.01 -3.36 23.04
C VAL D 276 9.49 -4.65 23.71
N MET D 277 10.44 -4.53 24.65
CA MET D 277 10.92 -5.72 25.36
C MET D 277 9.82 -6.33 26.22
N TRP D 278 9.07 -5.50 26.96
CA TRP D 278 7.99 -6.02 27.78
C TRP D 278 6.90 -6.64 26.92
N ARG D 279 6.52 -5.97 25.82
CA ARG D 279 5.44 -6.48 24.98
C ARG D 279 5.83 -7.82 24.34
N MET D 280 6.99 -7.88 23.67
CA MET D 280 7.40 -9.10 23.01
C MET D 280 7.50 -10.27 23.99
N ASP D 281 7.98 -10.00 25.21
CA ASP D 281 8.03 -11.06 26.22
C ASP D 281 6.63 -11.60 26.51
N ARG D 282 5.63 -10.73 26.58
CA ARG D 282 4.27 -11.20 26.82
C ARG D 282 3.70 -11.95 25.62
N GLU D 283 3.93 -11.45 24.40
CA GLU D 283 3.44 -12.16 23.22
C GLU D 283 4.16 -13.49 23.05
N TYR D 284 5.46 -13.53 23.38
CA TYR D 284 6.22 -14.78 23.34
C TYR D 284 5.60 -15.81 24.29
N ARG D 285 5.33 -15.39 25.53
CA ARG D 285 4.84 -16.31 26.54
C ARG D 285 3.45 -16.84 26.18
N GLN D 286 2.54 -15.98 25.71
CA GLN D 286 1.22 -16.47 25.34
C GLN D 286 1.18 -17.22 24.02
N GLY D 287 2.16 -17.02 23.15
CA GLY D 287 2.11 -17.65 21.84
C GLY D 287 3.30 -18.52 21.51
N ARG D 288 3.97 -19.05 22.55
CA ARG D 288 5.12 -19.93 22.35
C ARG D 288 4.83 -21.03 21.33
N VAL D 289 3.63 -21.59 21.35
CA VAL D 289 3.32 -22.72 20.48
C VAL D 289 3.60 -22.38 19.02
N GLU D 290 3.33 -21.13 18.63
CA GLU D 290 3.41 -20.73 17.24
C GLU D 290 4.84 -20.43 16.81
N VAL D 291 5.70 -20.00 17.73
CA VAL D 291 7.06 -19.60 17.35
C VAL D 291 8.10 -20.43 18.09
N PRO D 292 8.14 -21.76 17.91
CA PRO D 292 9.09 -22.58 18.67
C PRO D 292 10.55 -22.36 18.32
N TRP D 293 10.85 -21.59 17.26
CA TRP D 293 12.23 -21.32 16.90
C TRP D 293 12.88 -20.27 17.79
N ILE D 294 12.11 -19.57 18.61
CA ILE D 294 12.67 -18.59 19.53
C ILE D 294 13.01 -19.31 20.83
N LYS D 295 14.32 -19.36 21.15
CA LYS D 295 14.80 -20.16 22.26
C LYS D 295 15.19 -19.34 23.47
N LYS D 296 15.09 -18.01 23.40
CA LYS D 296 15.29 -17.14 24.55
C LYS D 296 14.13 -16.15 24.64
N LEU D 297 13.96 -15.57 25.83
CA LEU D 297 13.05 -14.45 25.98
C LEU D 297 13.46 -13.32 25.05
N PRO D 298 12.52 -12.72 24.30
CA PRO D 298 12.87 -11.56 23.45
C PRO D 298 13.68 -10.49 24.16
N SER D 299 13.34 -10.18 25.42
CA SER D 299 14.09 -9.18 26.17
C SER D 299 15.55 -9.57 26.32
N GLN D 300 15.83 -10.85 26.58
CA GLN D 300 17.22 -11.29 26.74
C GLN D 300 17.96 -11.27 25.41
N HIS D 301 17.27 -11.58 24.30
CA HIS D 301 17.84 -11.36 22.98
C HIS D 301 18.27 -9.90 22.80
N CYS D 302 17.41 -8.98 23.22
CA CYS D 302 17.71 -7.56 23.09
C CYS D 302 18.88 -7.17 23.99
N ARG D 303 18.86 -7.57 25.27
CA ARG D 303 19.93 -7.19 26.18
C ARG D 303 21.28 -7.68 25.70
N GLU D 304 21.30 -8.83 25.03
CA GLU D 304 22.56 -9.43 24.62
C GLU D 304 23.09 -8.83 23.31
N ARG D 305 22.22 -8.63 22.32
CA ARG D 305 22.73 -8.41 20.97
C ARG D 305 22.03 -7.28 20.22
N LEU D 306 21.22 -6.46 20.87
CA LEU D 306 20.64 -5.29 20.25
C LEU D 306 21.24 -4.04 20.86
N ARG D 307 21.55 -3.07 20.01
CA ARG D 307 22.16 -1.81 20.42
C ARG D 307 21.43 -0.66 19.74
N LEU D 308 21.27 0.44 20.47
CA LEU D 308 20.52 1.60 19.98
C LEU D 308 21.36 2.85 20.14
N SER D 309 21.26 3.74 19.15
CA SER D 309 21.82 5.08 19.25
C SER D 309 21.22 5.86 20.40
N THR D 310 22.01 6.79 20.93
CA THR D 310 21.53 7.81 21.86
C THR D 310 21.01 9.06 21.16
N GLN D 311 21.38 9.29 19.90
CA GLN D 311 20.98 10.45 19.12
C GLN D 311 19.68 10.13 18.40
N PRO D 312 18.78 11.11 18.18
CA PRO D 312 18.81 12.50 18.66
C PRO D 312 18.26 12.64 20.06
N THR D 313 18.60 13.77 20.69
CA THR D 313 18.20 13.99 22.07
C THR D 313 16.68 14.07 22.20
N GLU D 314 16.19 13.60 23.33
CA GLU D 314 14.80 13.82 23.74
C GLU D 314 14.68 14.79 24.91
N ASP D 315 15.81 15.33 25.39
CA ASP D 315 15.83 16.38 26.45
C ASP D 315 15.44 15.76 27.78
N ILE D 316 15.85 14.52 27.96
CA ILE D 316 15.56 13.78 29.17
C ILE D 316 16.64 14.07 30.21
N SER D 317 16.20 14.23 31.46
CA SER D 317 17.09 14.49 32.58
C SER D 317 18.04 13.32 32.81
N GLY D 318 19.16 13.60 33.47
CA GLY D 318 20.08 12.53 33.80
C GLY D 318 19.45 11.50 34.72
N GLU D 319 18.61 11.96 35.64
CA GLU D 319 17.88 11.04 36.50
C GLU D 319 16.97 10.13 35.69
N ASP D 320 16.28 10.70 34.69
CA ASP D 320 15.38 9.90 33.88
C ASP D 320 16.16 8.95 32.96
N TRP D 321 17.38 9.31 32.55
CA TRP D 321 18.22 8.35 31.86
C TRP D 321 18.45 7.11 32.73
N GLY D 322 18.83 7.33 33.98
CA GLY D 322 19.07 6.20 34.86
C GLY D 322 17.82 5.35 35.06
N LYS D 323 16.67 6.00 35.21
CA LYS D 323 15.42 5.26 35.26
C LYS D 323 15.26 4.36 34.03
N LEU D 324 15.52 4.92 32.85
CA LEU D 324 15.27 4.15 31.63
C LEU D 324 16.24 2.99 31.51
N ILE D 325 17.50 3.21 31.87
CA ILE D 325 18.47 2.13 31.88
C ILE D 325 18.06 1.06 32.89
N ASP D 326 17.46 1.47 34.02
CA ASP D 326 16.98 0.51 35.01
C ASP D 326 15.92 -0.41 34.41
N LEU D 327 14.93 0.17 33.72
CA LEU D 327 13.88 -0.62 33.10
C LEU D 327 14.42 -1.47 31.95
N MET D 328 15.50 -1.05 31.30
CA MET D 328 16.08 -1.91 30.29
C MET D 328 16.75 -3.12 30.91
N GLY D 329 17.12 -3.04 32.18
CA GLY D 329 17.74 -4.16 32.85
C GLY D 329 19.21 -4.34 32.60
N THR D 330 19.86 -3.36 31.96
CA THR D 330 21.29 -3.39 31.66
C THR D 330 21.70 -2.05 31.08
N ASP D 331 22.99 -1.76 31.16
CA ASP D 331 23.53 -0.58 30.47
C ASP D 331 24.33 -0.94 29.23
N ASP D 332 24.20 -2.18 28.76
CA ASP D 332 24.96 -2.68 27.62
C ASP D 332 24.42 -2.22 26.26
N ILE D 333 23.29 -1.52 26.22
CA ILE D 333 22.52 -1.39 24.99
C ILE D 333 22.80 -0.09 24.24
N LEU D 334 22.96 1.04 24.95
CA LEU D 334 23.06 2.32 24.26
C LEU D 334 24.47 2.58 23.74
N VAL D 335 24.56 3.10 22.52
CA VAL D 335 25.84 3.45 21.91
C VAL D 335 25.77 4.92 21.47
N PHE D 336 26.81 5.69 21.79
CA PHE D 336 26.78 7.10 21.43
C PHE D 336 26.92 7.27 19.92
N SER D 337 26.36 8.36 19.41
CA SER D 337 26.60 8.82 18.05
C SER D 337 26.32 10.32 18.00
N THR D 338 26.95 11.00 17.03
CA THR D 338 26.66 12.42 16.81
C THR D 338 25.59 12.65 15.76
N ASP D 339 25.58 11.82 14.72
CA ASP D 339 24.79 12.03 13.50
C ASP D 339 25.29 13.22 12.67
N TYR D 340 26.54 13.59 12.84
CA TYR D 340 27.20 14.51 11.93
C TYR D 340 26.93 14.09 10.48
N PRO D 341 26.61 15.01 9.55
CA PRO D 341 26.49 16.44 9.80
C PRO D 341 25.04 16.94 9.92
N HIS D 342 24.14 16.09 10.37
CA HIS D 342 22.73 16.46 10.39
C HIS D 342 22.46 17.54 11.44
N PHE D 343 21.33 18.24 11.25
CA PHE D 343 21.04 19.42 12.04
CA PHE D 343 21.02 19.42 12.04
C PHE D 343 20.90 19.10 13.52
N ASP D 344 20.37 17.91 13.86
CA ASP D 344 20.28 17.52 15.28
C ASP D 344 21.50 16.72 15.74
N PHE D 345 22.67 17.15 15.26
CA PHE D 345 23.97 16.68 15.74
C PHE D 345 24.03 16.75 17.26
N ASP D 346 24.56 15.69 17.86
CA ASP D 346 24.70 15.59 19.33
C ASP D 346 26.16 15.81 19.71
N ASP D 347 26.39 16.82 20.55
CA ASP D 347 27.74 17.16 20.98
C ASP D 347 28.35 16.00 21.76
N PRO D 348 29.47 15.42 21.28
CA PRO D 348 30.11 14.32 22.02
C PRO D 348 30.51 14.68 23.44
N ASN D 349 30.76 15.95 23.73
CA ASN D 349 31.15 16.35 25.08
C ASN D 349 29.97 16.74 25.96
N ALA D 350 28.71 16.55 25.53
CA ALA D 350 27.57 17.05 26.28
C ALA D 350 26.30 16.21 26.17
N ALA D 351 26.25 15.31 25.19
CA ALA D 351 25.03 14.53 24.97
C ALA D 351 24.71 13.57 26.12
N ILE D 352 25.73 12.97 26.73
CA ILE D 352 25.53 11.86 27.66
C ILE D 352 25.63 12.37 29.09
N PRO D 353 24.57 12.25 29.91
CA PRO D 353 24.52 12.95 31.21
C PRO D 353 25.70 12.57 32.10
N LYS D 354 26.32 13.60 32.70
CA LYS D 354 27.43 13.36 33.61
C LYS D 354 27.00 12.65 34.90
N SER D 355 25.70 12.67 35.25
CA SER D 355 25.29 12.05 36.51
C SER D 355 25.34 10.53 36.46
N LEU D 356 25.33 9.93 35.27
CA LEU D 356 25.48 8.50 35.13
C LEU D 356 26.84 8.04 35.69
N SER D 357 26.90 6.78 36.10
CA SER D 357 28.14 6.26 36.65
C SER D 357 29.24 6.26 35.59
N SER D 358 30.49 6.28 36.04
CA SER D 358 31.59 6.27 35.08
C SER D 358 31.58 4.98 34.25
N GLY D 359 31.23 3.85 34.88
CA GLY D 359 31.16 2.60 34.14
C GLY D 359 30.09 2.61 33.06
N THR D 360 28.94 3.22 33.35
CA THR D 360 27.90 3.39 32.34
C THR D 360 28.33 4.39 31.27
N ARG D 361 28.96 5.49 31.67
CA ARG D 361 29.42 6.44 30.67
C ARG D 361 30.44 5.79 29.72
N ASP D 362 31.37 5.03 30.28
CA ASP D 362 32.36 4.36 29.44
C ASP D 362 31.69 3.41 28.45
N LYS D 363 30.58 2.78 28.86
CA LYS D 363 29.87 1.86 27.99
C LYS D 363 29.18 2.60 26.85
N ILE D 364 28.42 3.64 27.19
CA ILE D 364 27.68 4.39 26.19
C ILE D 364 28.63 5.14 25.25
N LEU D 365 29.70 5.72 25.79
CA LEU D 365 30.55 6.57 24.97
C LEU D 365 31.43 5.77 24.01
N TRP D 366 31.89 4.56 24.40
CA TRP D 366 32.74 3.80 23.50
C TRP D 366 32.68 2.28 23.69
N LYS D 367 32.53 1.78 24.92
CA LYS D 367 32.76 0.35 25.14
C LYS D 367 31.68 -0.54 24.54
N ASN D 368 30.40 -0.12 24.60
CA ASN D 368 29.36 -0.94 23.98
C ASN D 368 29.62 -1.09 22.48
N ALA D 369 30.04 -0.01 21.83
CA ALA D 369 30.36 -0.07 20.41
C ALA D 369 31.63 -0.88 20.15
N ALA D 370 32.65 -0.71 20.99
CA ALA D 370 33.89 -1.47 20.82
C ALA D 370 33.60 -2.98 20.91
N ASP D 371 32.74 -3.37 21.85
CA ASP D 371 32.32 -4.77 21.94
C ASP D 371 31.49 -5.16 20.73
N PHE D 372 30.68 -4.22 20.22
CA PHE D 372 29.88 -4.51 19.04
C PHE D 372 30.78 -4.80 17.85
N TYR D 373 31.85 -4.03 17.71
CA TYR D 373 32.72 -4.09 16.54
C TYR D 373 33.94 -4.98 16.72
N GLY D 374 34.06 -5.66 17.86
CA GLY D 374 35.21 -6.53 18.11
C GLY D 374 36.56 -5.82 18.13
N LEU D 375 36.63 -4.66 18.78
CA LEU D 375 37.83 -3.82 18.77
C LEU D 375 38.74 -4.06 19.98
FE FE E . 2.80 13.29 -22.23
FE FE F . 5.64 11.04 -22.35
S SO4 G . 7.20 8.85 -19.92
O1 SO4 G . 6.89 8.20 -18.65
O2 SO4 G . 6.13 9.77 -20.37
O3 SO4 G . 7.40 7.82 -20.96
O4 SO4 G . 8.45 9.62 -19.74
FE FE H . -14.23 -18.04 -12.48
FE FE I . -16.79 -15.75 -11.39
S SO4 J . -16.92 -12.73 -9.03
O1 SO4 J . -17.92 -13.03 -8.01
O2 SO4 J . -16.32 -13.98 -9.51
O3 SO4 J . -17.48 -12.07 -10.21
O4 SO4 J . -15.97 -11.83 -8.37
MG MG K . -0.34 -34.91 -13.64
MG MG L . -24.20 -14.80 -18.22
FE FE M . -10.49 -4.37 23.59
FE FE N . -8.94 -7.61 22.96
S SO4 O . -7.13 -9.17 19.97
O1 SO4 O . -8.12 -8.29 20.58
O2 SO4 O . -7.78 -10.44 19.66
O3 SO4 O . -6.04 -9.37 20.91
O4 SO4 O . -6.64 -8.63 18.68
FE FE P . 21.93 9.09 11.25
FE FE Q . 19.84 12.33 10.95
S SO4 R . 16.70 13.16 9.16
O1 SO4 R . 16.30 13.83 10.40
O2 SO4 R . 15.56 12.42 8.59
O3 SO4 R . 17.84 12.28 9.47
O4 SO4 R . 17.13 14.15 8.17
#